data_2D9H
#
_entry.id   2D9H
#
loop_
_entity.id
_entity.type
_entity.pdbx_description
1 polymer 'Zinc finger protein 692'
2 non-polymer 'ZINC ION'
#
_entity_poly.entity_id   1
_entity_poly.type   'polypeptide(L)'
_entity_poly.pdbx_seq_one_letter_code
;GSSGSSGLQCEICGFTCRQKASLNWHQRKHAETVAALRFPCEFCGKRFEKPDSVAAHRSKSHPALLLAPQESSGPSSG
;
_entity_poly.pdbx_strand_id   A
#
loop_
_chem_comp.id
_chem_comp.type
_chem_comp.name
_chem_comp.formula
ZN non-polymer 'ZINC ION' 'Zn 2'
#
# COMPACT_ATOMS: atom_id res chain seq x y z
N GLY A 1 27.06 6.60 15.41
CA GLY A 1 25.72 6.45 15.96
C GLY A 1 25.35 5.01 16.20
N SER A 2 24.07 4.76 16.45
CA SER A 2 23.59 3.40 16.70
C SER A 2 23.13 2.75 15.40
N SER A 3 23.74 1.60 15.10
CA SER A 3 23.40 0.86 13.88
C SER A 3 22.26 -0.12 14.14
N GLY A 4 21.41 -0.31 13.14
CA GLY A 4 20.29 -1.22 13.28
C GLY A 4 19.09 -0.80 12.45
N SER A 5 18.02 -0.40 13.12
CA SER A 5 16.81 0.03 12.44
C SER A 5 16.94 1.45 11.89
N SER A 6 16.46 1.67 10.68
CA SER A 6 16.53 2.98 10.05
C SER A 6 15.34 3.84 10.44
N GLY A 7 14.14 3.35 10.15
CA GLY A 7 12.94 4.09 10.49
C GLY A 7 11.68 3.26 10.33
N LEU A 8 10.64 3.61 11.08
CA LEU A 8 9.38 2.89 11.02
C LEU A 8 8.66 3.15 9.70
N GLN A 9 7.91 2.16 9.23
CA GLN A 9 7.17 2.28 7.98
C GLN A 9 5.70 1.92 8.18
N CYS A 10 4.82 2.82 7.78
CA CYS A 10 3.38 2.61 7.91
C CYS A 10 2.87 1.68 6.81
N GLU A 11 1.82 0.93 7.12
CA GLU A 11 1.23 0.01 6.16
C GLU A 11 -0.01 0.62 5.49
N ILE A 12 -0.71 1.47 6.23
CA ILE A 12 -1.90 2.13 5.72
C ILE A 12 -1.60 2.86 4.42
N CYS A 13 -0.83 3.94 4.51
CA CYS A 13 -0.48 4.73 3.33
C CYS A 13 0.94 4.41 2.87
N GLY A 14 1.84 4.23 3.83
CA GLY A 14 3.21 3.90 3.49
C GLY A 14 4.18 4.99 3.91
N PHE A 15 3.86 5.69 4.99
CA PHE A 15 4.70 6.77 5.50
C PHE A 15 5.87 6.22 6.30
N THR A 16 6.78 7.10 6.70
CA THR A 16 7.94 6.71 7.48
C THR A 16 8.30 7.77 8.52
N CYS A 17 8.53 7.32 9.75
CA CYS A 17 8.88 8.23 10.83
C CYS A 17 9.94 7.61 11.75
N ARG A 18 10.78 8.46 12.32
CA ARG A 18 11.84 7.99 13.22
C ARG A 18 11.28 7.69 14.60
N GLN A 19 10.64 8.68 15.20
CA GLN A 19 10.06 8.52 16.54
C GLN A 19 8.80 7.68 16.48
N LYS A 20 8.64 6.79 17.46
CA LYS A 20 7.48 5.92 17.53
C LYS A 20 6.19 6.73 17.63
N ALA A 21 6.19 7.72 18.53
CA ALA A 21 5.02 8.57 18.72
C ALA A 21 4.44 9.01 17.38
N SER A 22 5.29 9.58 16.53
CA SER A 22 4.86 10.06 15.22
C SER A 22 3.94 9.04 14.55
N LEU A 23 4.42 7.81 14.44
CA LEU A 23 3.64 6.74 13.82
C LEU A 23 2.25 6.65 14.44
N ASN A 24 2.20 6.48 15.76
CA ASN A 24 0.94 6.38 16.48
C ASN A 24 0.04 7.57 16.16
N TRP A 25 0.57 8.77 16.31
CA TRP A 25 -0.19 9.99 16.04
C TRP A 25 -0.56 10.07 14.58
N HIS A 26 0.23 9.44 13.72
CA HIS A 26 -0.03 9.45 12.29
C HIS A 26 -1.04 8.36 11.92
N GLN A 27 -1.21 7.39 12.81
CA GLN A 27 -2.15 6.29 12.57
C GLN A 27 -3.54 6.64 13.09
N ARG A 28 -3.59 7.32 14.23
CA ARG A 28 -4.85 7.70 14.84
C ARG A 28 -5.78 8.33 13.80
N LYS A 29 -5.20 9.07 12.86
CA LYS A 29 -5.97 9.72 11.81
C LYS A 29 -6.49 8.70 10.81
N HIS A 30 -5.66 7.70 10.50
CA HIS A 30 -6.04 6.66 9.55
C HIS A 30 -7.38 6.02 9.95
N ALA A 31 -7.57 5.81 11.25
CA ALA A 31 -8.79 5.22 11.76
C ALA A 31 -10.02 5.97 11.26
N GLU A 32 -9.90 7.30 11.18
CA GLU A 32 -11.00 8.13 10.72
C GLU A 32 -10.97 8.28 9.19
N THR A 33 -9.78 8.27 8.63
CA THR A 33 -9.60 8.41 7.19
C THR A 33 -10.17 7.21 6.45
N VAL A 34 -9.99 6.03 7.03
CA VAL A 34 -10.49 4.79 6.43
C VAL A 34 -11.87 5.00 5.81
N ALA A 35 -12.68 5.83 6.47
CA ALA A 35 -14.03 6.11 5.99
C ALA A 35 -14.00 6.65 4.57
N ALA A 36 -13.16 7.66 4.33
CA ALA A 36 -13.04 8.26 3.00
C ALA A 36 -13.00 7.19 1.92
N LEU A 37 -11.96 6.37 1.95
CA LEU A 37 -11.80 5.30 0.96
C LEU A 37 -13.07 4.44 0.88
N ARG A 38 -13.61 4.31 -0.33
CA ARG A 38 -14.82 3.52 -0.54
C ARG A 38 -14.54 2.35 -1.48
N PHE A 39 -13.61 2.56 -2.41
CA PHE A 39 -13.25 1.52 -3.37
C PHE A 39 -11.99 0.78 -2.94
N PRO A 40 -12.16 -0.42 -2.37
CA PRO A 40 -11.05 -1.25 -1.90
C PRO A 40 -10.21 -1.80 -3.06
N CYS A 41 -9.07 -2.38 -2.72
CA CYS A 41 -8.18 -2.95 -3.72
C CYS A 41 -8.27 -4.48 -3.73
N GLU A 42 -8.91 -5.02 -4.76
CA GLU A 42 -9.06 -6.46 -4.89
C GLU A 42 -7.72 -7.14 -5.12
N PHE A 43 -6.67 -6.33 -5.20
CA PHE A 43 -5.32 -6.84 -5.43
C PHE A 43 -4.61 -7.11 -4.10
N CYS A 44 -4.61 -6.12 -3.23
CA CYS A 44 -3.97 -6.23 -1.93
C CYS A 44 -4.98 -6.07 -0.81
N GLY A 45 -5.96 -5.20 -1.01
CA GLY A 45 -6.97 -4.96 -0.01
C GLY A 45 -7.08 -3.50 0.39
N LYS A 46 -6.13 -2.70 -0.08
CA LYS A 46 -6.12 -1.28 0.23
C LYS A 46 -7.47 -0.64 -0.09
N ARG A 47 -7.57 0.67 0.13
CA ARG A 47 -8.80 1.40 -0.14
C ARG A 47 -8.51 2.84 -0.57
N PHE A 48 -9.31 3.34 -1.49
CA PHE A 48 -9.13 4.71 -1.99
C PHE A 48 -10.47 5.46 -1.99
N GLU A 49 -10.38 6.78 -1.94
CA GLU A 49 -11.58 7.63 -1.93
C GLU A 49 -12.33 7.52 -3.26
N LYS A 50 -11.63 7.02 -4.28
CA LYS A 50 -12.22 6.87 -5.61
C LYS A 50 -11.52 5.77 -6.39
N PRO A 51 -12.18 5.29 -7.45
CA PRO A 51 -11.64 4.23 -8.31
C PRO A 51 -10.45 4.71 -9.14
N ASP A 52 -10.55 5.91 -9.69
CA ASP A 52 -9.49 6.48 -10.50
C ASP A 52 -8.13 6.26 -9.84
N SER A 53 -8.11 6.32 -8.51
CA SER A 53 -6.86 6.14 -7.76
C SER A 53 -6.57 4.65 -7.56
N VAL A 54 -7.63 3.85 -7.49
CA VAL A 54 -7.48 2.41 -7.31
C VAL A 54 -6.95 1.74 -8.58
N ALA A 55 -7.28 2.32 -9.73
CA ALA A 55 -6.84 1.79 -11.01
C ALA A 55 -5.36 2.08 -11.24
N ALA A 56 -4.93 3.27 -10.85
CA ALA A 56 -3.54 3.69 -11.02
C ALA A 56 -2.63 2.97 -10.02
N HIS A 57 -3.12 2.84 -8.78
CA HIS A 57 -2.35 2.18 -7.73
C HIS A 57 -1.87 0.80 -8.19
N ARG A 58 -2.72 0.11 -8.95
CA ARG A 58 -2.39 -1.22 -9.45
C ARG A 58 -1.25 -1.15 -10.47
N SER A 59 -1.05 0.03 -11.05
CA SER A 59 -0.01 0.23 -12.05
C SER A 59 1.28 0.72 -11.39
N LYS A 60 1.22 0.96 -10.09
CA LYS A 60 2.39 1.42 -9.34
C LYS A 60 2.78 0.42 -8.27
N SER A 61 1.78 -0.29 -7.74
CA SER A 61 2.03 -1.28 -6.69
C SER A 61 1.78 -2.69 -7.22
N HIS A 62 0.87 -2.81 -8.18
CA HIS A 62 0.54 -4.11 -8.77
C HIS A 62 0.86 -4.12 -10.26
N PRO A 63 1.91 -3.37 -10.65
CA PRO A 63 2.34 -3.27 -12.04
C PRO A 63 2.95 -4.57 -12.55
N ALA A 64 3.19 -5.50 -11.63
CA ALA A 64 3.78 -6.80 -11.98
C ALA A 64 2.70 -7.87 -12.11
N LEU A 65 1.49 -7.55 -11.67
CA LEU A 65 0.38 -8.49 -11.73
C LEU A 65 -0.46 -8.26 -13.00
N LEU A 66 -0.77 -7.00 -13.27
CA LEU A 66 -1.56 -6.64 -14.44
C LEU A 66 -1.01 -7.33 -15.69
N LEU A 67 0.29 -7.19 -15.90
CA LEU A 67 0.95 -7.81 -17.06
C LEU A 67 0.73 -9.32 -17.08
N ALA A 68 0.95 -9.92 -18.23
CA ALA A 68 0.79 -11.36 -18.39
C ALA A 68 1.71 -12.12 -17.43
N PRO A 69 1.12 -13.08 -16.68
CA PRO A 69 1.87 -13.89 -15.73
C PRO A 69 2.82 -14.87 -16.41
N GLN A 70 3.47 -15.71 -15.61
CA GLN A 70 4.42 -16.68 -16.14
C GLN A 70 3.74 -17.58 -17.18
N GLU A 71 4.54 -18.45 -17.81
CA GLU A 71 4.01 -19.36 -18.82
C GLU A 71 2.68 -19.95 -18.39
N SER A 72 2.58 -20.32 -17.12
CA SER A 72 1.36 -20.90 -16.58
C SER A 72 0.23 -19.87 -16.57
N SER A 73 -0.74 -20.05 -17.47
CA SER A 73 -1.87 -19.14 -17.57
C SER A 73 -2.67 -19.13 -16.27
N GLY A 74 -3.68 -18.26 -16.21
CA GLY A 74 -4.51 -18.16 -15.02
C GLY A 74 -5.88 -17.62 -15.32
N PRO A 75 -6.83 -17.88 -14.41
CA PRO A 75 -8.21 -17.41 -14.56
C PRO A 75 -8.34 -15.89 -14.38
N SER A 76 -8.59 -15.20 -15.49
CA SER A 76 -8.73 -13.75 -15.46
C SER A 76 -10.19 -13.34 -15.54
N SER A 77 -10.60 -12.42 -14.66
CA SER A 77 -11.97 -11.95 -14.62
C SER A 77 -12.05 -10.48 -15.04
N GLY A 78 -12.80 -10.21 -16.10
CA GLY A 78 -12.95 -8.85 -16.58
C GLY A 78 -14.27 -8.63 -17.30
ZN ZN B . 0.04 5.96 7.10
ZN ZN C . -3.34 -2.87 -4.18
N GLY A 1 28.61 1.33 2.73
CA GLY A 1 28.25 2.72 2.94
C GLY A 1 28.24 3.10 4.41
N SER A 2 27.36 4.03 4.77
CA SER A 2 27.26 4.48 6.16
C SER A 2 26.59 3.43 7.02
N SER A 3 25.50 2.86 6.51
CA SER A 3 24.75 1.84 7.24
C SER A 3 24.39 2.34 8.64
N GLY A 4 24.03 3.61 8.74
CA GLY A 4 23.67 4.18 10.03
C GLY A 4 22.36 4.95 9.97
N SER A 5 21.33 4.32 9.43
CA SER A 5 20.02 4.96 9.31
C SER A 5 18.89 3.96 9.62
N SER A 6 18.19 4.19 10.72
CA SER A 6 17.10 3.31 11.13
C SER A 6 15.81 4.11 11.34
N GLY A 7 14.75 3.69 10.64
CA GLY A 7 13.48 4.37 10.76
C GLY A 7 12.30 3.47 10.44
N LEU A 8 11.19 3.70 11.12
CA LEU A 8 9.99 2.89 10.90
C LEU A 8 9.35 3.21 9.55
N GLN A 9 8.55 2.29 9.05
CA GLN A 9 7.88 2.46 7.77
C GLN A 9 6.47 1.90 7.81
N CYS A 10 5.47 2.79 7.80
CA CYS A 10 4.08 2.39 7.83
C CYS A 10 3.74 1.50 6.64
N GLU A 11 2.81 0.57 6.84
CA GLU A 11 2.40 -0.33 5.77
C GLU A 11 1.11 0.14 5.12
N ILE A 12 0.25 0.78 5.92
CA ILE A 12 -1.03 1.29 5.42
C ILE A 12 -0.83 2.12 4.16
N CYS A 13 -0.12 3.24 4.29
CA CYS A 13 0.14 4.12 3.17
C CYS A 13 1.59 4.00 2.71
N GLY A 14 2.51 3.91 3.67
CA GLY A 14 3.91 3.79 3.34
C GLY A 14 4.73 4.97 3.86
N PHE A 15 4.32 5.51 5.00
CA PHE A 15 5.00 6.65 5.60
C PHE A 15 6.24 6.20 6.37
N THR A 16 7.00 7.15 6.87
CA THR A 16 8.22 6.85 7.63
C THR A 16 8.42 7.85 8.77
N CYS A 17 8.68 7.33 9.96
CA CYS A 17 8.89 8.18 11.13
C CYS A 17 9.94 7.57 12.05
N ARG A 18 10.77 8.43 12.64
CA ARG A 18 11.82 7.96 13.56
C ARG A 18 11.24 7.65 14.93
N GLN A 19 10.42 8.57 15.46
CA GLN A 19 9.81 8.39 16.76
C GLN A 19 8.65 7.40 16.68
N LYS A 20 8.68 6.39 17.56
CA LYS A 20 7.63 5.38 17.59
C LYS A 20 6.26 6.02 17.75
N ALA A 21 6.15 6.95 18.70
CA ALA A 21 4.89 7.65 18.95
C ALA A 21 4.30 8.19 17.65
N SER A 22 5.14 8.83 16.84
CA SER A 22 4.70 9.39 15.57
C SER A 22 3.94 8.36 14.74
N LEU A 23 4.49 7.15 14.67
CA LEU A 23 3.85 6.07 13.92
C LEU A 23 2.43 5.83 14.39
N ASN A 24 2.27 5.66 15.70
CA ASN A 24 0.95 5.42 16.27
C ASN A 24 -0.01 6.56 15.93
N TRP A 25 0.42 7.79 16.17
CA TRP A 25 -0.38 8.97 15.88
C TRP A 25 -0.65 9.08 14.38
N HIS A 26 0.23 8.52 13.58
CA HIS A 26 0.09 8.55 12.13
C HIS A 26 -0.74 7.38 11.63
N GLN A 27 -0.85 6.35 12.45
CA GLN A 27 -1.62 5.16 12.09
C GLN A 27 -3.09 5.33 12.47
N ARG A 28 -3.34 6.05 13.55
CA ARG A 28 -4.70 6.28 14.01
C ARG A 28 -5.49 7.09 12.98
N LYS A 29 -4.80 7.99 12.29
CA LYS A 29 -5.43 8.83 11.28
C LYS A 29 -5.97 7.98 10.13
N HIS A 30 -5.38 6.81 9.94
CA HIS A 30 -5.79 5.91 8.87
C HIS A 30 -7.17 5.31 9.17
N ALA A 31 -7.52 5.27 10.45
CA ALA A 31 -8.80 4.73 10.86
C ALA A 31 -9.94 5.70 10.55
N GLU A 32 -9.63 7.00 10.57
CA GLU A 32 -10.63 8.03 10.30
C GLU A 32 -10.70 8.33 8.80
N THR A 33 -9.55 8.24 8.14
CA THR A 33 -9.47 8.51 6.71
C THR A 33 -10.30 7.50 5.91
N VAL A 34 -10.39 6.29 6.43
CA VAL A 34 -11.16 5.23 5.77
C VAL A 34 -12.51 5.74 5.31
N ALA A 35 -13.11 6.63 6.12
CA ALA A 35 -14.41 7.20 5.79
C ALA A 35 -14.46 7.67 4.34
N ALA A 36 -13.48 8.48 3.95
CA ALA A 36 -13.41 9.00 2.60
C ALA A 36 -13.37 7.87 1.57
N LEU A 37 -12.27 7.12 1.57
CA LEU A 37 -12.10 6.01 0.65
C LEU A 37 -13.27 5.05 0.74
N ARG A 38 -13.85 4.72 -0.41
CA ARG A 38 -14.99 3.80 -0.47
C ARG A 38 -14.63 2.56 -1.28
N PHE A 39 -13.78 2.72 -2.28
CA PHE A 39 -13.36 1.61 -3.13
C PHE A 39 -12.01 1.05 -2.67
N PRO A 40 -12.05 -0.09 -1.96
CA PRO A 40 -10.84 -0.74 -1.45
C PRO A 40 -10.00 -1.35 -2.57
N CYS A 41 -8.80 -1.81 -2.23
CA CYS A 41 -7.90 -2.42 -3.21
C CYS A 41 -7.85 -3.92 -3.02
N GLU A 42 -8.48 -4.66 -3.93
CA GLU A 42 -8.51 -6.11 -3.87
C GLU A 42 -7.11 -6.69 -4.10
N PHE A 43 -6.15 -5.81 -4.33
CA PHE A 43 -4.76 -6.22 -4.58
C PHE A 43 -3.96 -6.25 -3.28
N CYS A 44 -4.00 -5.14 -2.56
CA CYS A 44 -3.28 -5.03 -1.29
C CYS A 44 -4.24 -4.80 -0.13
N GLY A 45 -5.30 -4.05 -0.39
CA GLY A 45 -6.29 -3.76 0.64
C GLY A 45 -6.51 -2.28 0.84
N LYS A 46 -5.69 -1.46 0.18
CA LYS A 46 -5.81 -0.01 0.28
C LYS A 46 -7.23 0.44 -0.02
N ARG A 47 -7.46 1.74 0.04
CA ARG A 47 -8.78 2.31 -0.23
C ARG A 47 -8.65 3.68 -0.88
N PHE A 48 -9.58 3.99 -1.79
CA PHE A 48 -9.58 5.27 -2.49
C PHE A 48 -10.98 5.87 -2.52
N GLU A 49 -11.04 7.20 -2.54
CA GLU A 49 -12.31 7.90 -2.56
C GLU A 49 -13.10 7.57 -3.83
N LYS A 50 -12.39 7.05 -4.83
CA LYS A 50 -13.03 6.69 -6.09
C LYS A 50 -12.27 5.54 -6.76
N PRO A 51 -12.94 4.89 -7.74
CA PRO A 51 -12.35 3.77 -8.47
C PRO A 51 -11.22 4.21 -9.40
N ASP A 52 -11.49 5.25 -10.18
CA ASP A 52 -10.48 5.77 -11.12
C ASP A 52 -9.11 5.79 -10.48
N SER A 53 -9.06 6.08 -9.18
CA SER A 53 -7.80 6.14 -8.44
C SER A 53 -7.32 4.74 -8.06
N VAL A 54 -8.27 3.84 -7.84
CA VAL A 54 -7.96 2.47 -7.47
C VAL A 54 -7.38 1.70 -8.66
N ALA A 55 -7.94 1.94 -9.85
CA ALA A 55 -7.47 1.28 -11.06
C ALA A 55 -6.06 1.72 -11.41
N ALA A 56 -5.77 3.00 -11.21
CA ALA A 56 -4.46 3.56 -11.52
C ALA A 56 -3.42 3.08 -10.51
N HIS A 57 -3.80 3.03 -9.24
CA HIS A 57 -2.91 2.59 -8.18
C HIS A 57 -2.36 1.19 -8.48
N ARG A 58 -3.18 0.37 -9.12
CA ARG A 58 -2.79 -1.00 -9.46
C ARG A 58 -1.80 -1.00 -10.63
N SER A 59 -1.78 0.09 -11.38
CA SER A 59 -0.89 0.21 -12.53
C SER A 59 0.42 0.88 -12.13
N LYS A 60 0.46 1.38 -10.90
CA LYS A 60 1.66 2.05 -10.40
C LYS A 60 2.22 1.31 -9.19
N SER A 61 1.35 0.60 -8.47
CA SER A 61 1.76 -0.15 -7.30
C SER A 61 1.66 -1.65 -7.54
N HIS A 62 0.70 -2.04 -8.37
CA HIS A 62 0.49 -3.45 -8.70
C HIS A 62 0.69 -3.70 -10.18
N PRO A 63 1.61 -2.92 -10.80
CA PRO A 63 1.92 -3.04 -12.22
C PRO A 63 2.65 -4.33 -12.55
N ALA A 64 3.09 -5.04 -11.51
CA ALA A 64 3.81 -6.30 -11.69
C ALA A 64 2.86 -7.49 -11.64
N LEU A 65 1.62 -7.24 -11.22
CA LEU A 65 0.61 -8.29 -11.13
C LEU A 65 -0.27 -8.31 -12.37
N LEU A 66 -0.84 -7.16 -12.71
CA LEU A 66 -1.70 -7.04 -13.88
C LEU A 66 -1.12 -7.82 -15.06
N LEU A 67 0.15 -7.56 -15.36
CA LEU A 67 0.83 -8.23 -16.47
C LEU A 67 0.80 -9.74 -16.29
N ALA A 68 1.30 -10.46 -17.28
CA ALA A 68 1.34 -11.91 -17.23
C ALA A 68 2.19 -12.40 -16.06
N PRO A 69 1.57 -13.14 -15.13
CA PRO A 69 2.25 -13.68 -13.95
C PRO A 69 3.24 -14.79 -14.32
N GLN A 70 4.45 -14.68 -13.79
CA GLN A 70 5.49 -15.68 -14.06
C GLN A 70 5.33 -16.88 -13.14
N GLU A 71 5.17 -16.61 -11.84
CA GLU A 71 5.01 -17.67 -10.86
C GLU A 71 3.67 -17.56 -10.15
N SER A 72 3.14 -18.70 -9.70
CA SER A 72 1.86 -18.73 -9.01
C SER A 72 1.94 -18.00 -7.68
N SER A 73 1.09 -16.99 -7.51
CA SER A 73 1.07 -16.21 -6.27
C SER A 73 -0.37 -15.97 -5.82
N GLY A 74 -0.59 -16.12 -4.51
CA GLY A 74 -1.92 -15.91 -3.96
C GLY A 74 -2.29 -14.45 -3.86
N PRO A 75 -3.60 -14.17 -3.84
CA PRO A 75 -4.11 -12.79 -3.75
C PRO A 75 -3.85 -12.17 -2.38
N SER A 76 -3.90 -12.99 -1.34
CA SER A 76 -3.67 -12.52 0.02
C SER A 76 -2.80 -13.50 0.80
N SER A 77 -2.16 -13.01 1.86
CA SER A 77 -1.30 -13.83 2.69
C SER A 77 -2.09 -14.45 3.85
N GLY A 78 -2.62 -13.60 4.71
CA GLY A 78 -3.39 -14.07 5.85
C GLY A 78 -3.69 -12.97 6.84
ZN ZN B . 0.57 5.43 6.98
ZN ZN C . -3.10 -1.98 -3.93
N GLY A 1 26.79 10.98 14.96
CA GLY A 1 25.40 10.70 15.24
C GLY A 1 25.09 9.21 15.18
N SER A 2 25.46 8.49 16.24
CA SER A 2 25.22 7.05 16.30
C SER A 2 23.74 6.74 16.14
N SER A 3 23.44 5.71 15.35
CA SER A 3 22.05 5.31 15.11
C SER A 3 21.86 3.84 15.44
N GLY A 4 21.03 3.57 16.46
CA GLY A 4 20.77 2.20 16.86
C GLY A 4 19.38 1.74 16.47
N SER A 5 18.38 2.56 16.78
CA SER A 5 17.00 2.23 16.48
C SER A 5 16.60 2.80 15.12
N SER A 6 16.27 1.90 14.18
CA SER A 6 15.87 2.31 12.85
C SER A 6 14.58 3.11 12.87
N GLY A 7 14.59 4.28 12.26
CA GLY A 7 13.42 5.13 12.23
C GLY A 7 12.18 4.38 11.78
N LEU A 8 11.07 4.60 12.48
CA LEU A 8 9.81 3.94 12.16
C LEU A 8 9.21 4.52 10.88
N GLN A 9 8.51 3.67 10.13
CA GLN A 9 7.88 4.11 8.88
C GLN A 9 6.46 3.56 8.77
N CYS A 10 5.49 4.46 8.60
CA CYS A 10 4.09 4.07 8.48
C CYS A 10 3.83 3.39 7.15
N GLU A 11 2.88 2.45 7.13
CA GLU A 11 2.53 1.73 5.92
C GLU A 11 1.28 2.32 5.28
N ILE A 12 0.37 2.81 6.11
CA ILE A 12 -0.87 3.40 5.62
C ILE A 12 -0.60 4.39 4.50
N CYS A 13 0.17 5.43 4.79
CA CYS A 13 0.49 6.44 3.80
C CYS A 13 1.97 6.36 3.39
N GLY A 14 2.83 6.06 4.37
CA GLY A 14 4.25 5.94 4.09
C GLY A 14 5.06 7.02 4.78
N PHE A 15 4.67 7.36 6.00
CA PHE A 15 5.37 8.38 6.77
C PHE A 15 6.51 7.78 7.58
N THR A 16 7.26 8.63 8.27
CA THR A 16 8.38 8.18 9.09
C THR A 16 8.54 9.04 10.33
N CYS A 17 8.72 8.40 11.48
CA CYS A 17 8.88 9.11 12.75
C CYS A 17 9.87 8.38 13.64
N ARG A 18 10.74 9.14 14.30
CA ARG A 18 11.74 8.58 15.20
C ARG A 18 11.09 8.00 16.44
N GLN A 19 10.37 8.84 17.18
CA GLN A 19 9.69 8.41 18.39
C GLN A 19 8.50 7.53 18.07
N LYS A 20 8.32 6.48 18.87
CA LYS A 20 7.21 5.55 18.66
C LYS A 20 5.87 6.23 18.94
N ALA A 21 5.73 6.77 20.14
CA ALA A 21 4.49 7.46 20.52
C ALA A 21 3.96 8.29 19.38
N SER A 22 4.80 9.15 18.81
CA SER A 22 4.40 10.01 17.71
C SER A 22 3.71 9.21 16.62
N LEU A 23 4.32 8.09 16.25
CA LEU A 23 3.77 7.22 15.21
C LEU A 23 2.34 6.83 15.53
N ASN A 24 2.14 6.24 16.71
CA ASN A 24 0.80 5.82 17.15
C ASN A 24 -0.21 6.93 16.92
N TRP A 25 0.18 8.16 17.25
CA TRP A 25 -0.71 9.30 17.09
C TRP A 25 -0.94 9.61 15.61
N HIS A 26 0.03 9.25 14.78
CA HIS A 26 -0.06 9.48 13.34
C HIS A 26 -0.82 8.35 12.66
N GLN A 27 -0.90 7.22 13.32
CA GLN A 27 -1.60 6.05 12.78
C GLN A 27 -3.08 6.06 13.19
N ARG A 28 -3.33 6.44 14.43
CA ARG A 28 -4.70 6.48 14.95
C ARG A 28 -5.59 7.30 14.03
N LYS A 29 -5.05 8.38 13.48
CA LYS A 29 -5.79 9.25 12.58
C LYS A 29 -6.25 8.49 11.34
N HIS A 30 -5.36 7.66 10.80
CA HIS A 30 -5.67 6.87 9.61
C HIS A 30 -6.97 6.08 9.81
N ALA A 31 -7.10 5.46 10.98
CA ALA A 31 -8.29 4.67 11.28
C ALA A 31 -9.56 5.45 10.97
N GLU A 32 -9.48 6.77 11.05
CA GLU A 32 -10.62 7.63 10.78
C GLU A 32 -10.60 8.12 9.33
N THR A 33 -9.42 8.51 8.85
CA THR A 33 -9.26 8.99 7.49
C THR A 33 -9.73 7.95 6.48
N VAL A 34 -9.36 6.70 6.72
CA VAL A 34 -9.75 5.60 5.84
C VAL A 34 -11.16 5.80 5.29
N ALA A 35 -12.03 6.38 6.12
CA ALA A 35 -13.41 6.63 5.73
C ALA A 35 -13.49 7.08 4.27
N ALA A 36 -12.58 7.97 3.89
CA ALA A 36 -12.55 8.49 2.52
C ALA A 36 -12.59 7.34 1.51
N LEU A 37 -11.51 6.58 1.45
CA LEU A 37 -11.42 5.45 0.53
C LEU A 37 -12.63 4.53 0.66
N ARG A 38 -13.30 4.29 -0.46
CA ARG A 38 -14.47 3.42 -0.47
C ARG A 38 -14.24 2.19 -1.35
N PHE A 39 -13.44 2.36 -2.39
CA PHE A 39 -13.14 1.28 -3.32
C PHE A 39 -11.79 0.63 -2.97
N PRO A 40 -11.86 -0.53 -2.31
CA PRO A 40 -10.66 -1.28 -1.91
C PRO A 40 -9.93 -1.87 -3.11
N CYS A 41 -8.74 -2.42 -2.85
CA CYS A 41 -7.93 -3.02 -3.91
C CYS A 41 -7.98 -4.55 -3.83
N GLU A 42 -8.64 -5.17 -4.79
CA GLU A 42 -8.77 -6.62 -4.83
C GLU A 42 -7.41 -7.27 -5.12
N PHE A 43 -6.39 -6.44 -5.25
CA PHE A 43 -5.04 -6.95 -5.53
C PHE A 43 -4.23 -7.07 -4.25
N CYS A 44 -4.09 -5.97 -3.52
CA CYS A 44 -3.35 -5.96 -2.27
C CYS A 44 -4.28 -5.74 -1.09
N GLY A 45 -5.32 -4.96 -1.29
CA GLY A 45 -6.27 -4.69 -0.23
C GLY A 45 -6.40 -3.20 0.07
N LYS A 46 -5.53 -2.40 -0.53
CA LYS A 46 -5.55 -0.96 -0.32
C LYS A 46 -6.94 -0.39 -0.56
N ARG A 47 -7.07 0.92 -0.40
CA ARG A 47 -8.35 1.59 -0.60
C ARG A 47 -8.15 2.99 -1.17
N PHE A 48 -9.05 3.39 -2.05
CA PHE A 48 -8.98 4.71 -2.68
C PHE A 48 -10.32 5.43 -2.60
N GLU A 49 -10.28 6.76 -2.63
CA GLU A 49 -11.50 7.56 -2.57
C GLU A 49 -12.41 7.26 -3.75
N LYS A 50 -11.83 6.71 -4.81
CA LYS A 50 -12.60 6.37 -6.01
C LYS A 50 -11.91 5.25 -6.79
N PRO A 51 -12.66 4.64 -7.72
CA PRO A 51 -12.14 3.55 -8.56
C PRO A 51 -11.09 4.03 -9.56
N ASP A 52 -11.36 5.16 -10.20
CA ASP A 52 -10.44 5.72 -11.18
C ASP A 52 -9.00 5.62 -10.69
N SER A 53 -8.81 5.82 -9.38
CA SER A 53 -7.49 5.76 -8.79
C SER A 53 -7.08 4.31 -8.51
N VAL A 54 -8.07 3.47 -8.25
CA VAL A 54 -7.82 2.06 -7.96
C VAL A 54 -7.37 1.32 -9.21
N ALA A 55 -7.89 1.75 -10.36
CA ALA A 55 -7.54 1.12 -11.64
C ALA A 55 -6.10 1.46 -12.03
N ALA A 56 -5.70 2.70 -11.78
CA ALA A 56 -4.35 3.14 -12.12
C ALA A 56 -3.33 2.55 -11.15
N HIS A 57 -3.69 2.48 -9.88
CA HIS A 57 -2.81 1.93 -8.86
C HIS A 57 -2.33 0.52 -9.24
N ARG A 58 -3.20 -0.22 -9.91
CA ARG A 58 -2.88 -1.58 -10.33
C ARG A 58 -1.91 -1.56 -11.50
N SER A 59 -1.83 -0.43 -12.19
CA SER A 59 -0.94 -0.29 -13.33
C SER A 59 0.41 0.27 -12.91
N LYS A 60 0.51 0.67 -11.65
CA LYS A 60 1.74 1.22 -11.10
C LYS A 60 2.29 0.34 -9.98
N SER A 61 1.39 -0.30 -9.25
CA SER A 61 1.79 -1.16 -8.15
C SER A 61 1.57 -2.63 -8.50
N HIS A 62 0.56 -2.89 -9.32
CA HIS A 62 0.24 -4.25 -9.73
C HIS A 62 0.39 -4.41 -11.24
N PRO A 63 1.35 -3.67 -11.83
CA PRO A 63 1.61 -3.71 -13.27
C PRO A 63 2.22 -5.04 -13.72
N ALA A 64 2.72 -5.81 -12.75
CA ALA A 64 3.32 -7.10 -13.05
C ALA A 64 2.29 -8.22 -12.95
N LEU A 65 1.12 -7.90 -12.39
CA LEU A 65 0.06 -8.88 -12.24
C LEU A 65 -0.95 -8.78 -13.39
N LEU A 66 -1.45 -7.57 -13.62
CA LEU A 66 -2.41 -7.34 -14.68
C LEU A 66 -2.03 -8.11 -15.94
N LEU A 67 -0.78 -7.97 -16.37
CA LEU A 67 -0.30 -8.66 -17.55
C LEU A 67 -0.46 -10.16 -17.41
N ALA A 68 -0.15 -10.89 -18.49
CA ALA A 68 -0.27 -12.34 -18.48
C ALA A 68 0.87 -12.98 -17.68
N PRO A 69 0.50 -13.81 -16.69
CA PRO A 69 1.47 -14.49 -15.83
C PRO A 69 2.24 -15.57 -16.58
N GLN A 70 3.06 -16.33 -15.85
CA GLN A 70 3.85 -17.40 -16.44
C GLN A 70 3.33 -18.77 -16.02
N GLU A 71 2.75 -19.49 -16.96
CA GLU A 71 2.21 -20.82 -16.69
C GLU A 71 2.43 -21.76 -17.86
N SER A 72 3.06 -22.91 -17.59
CA SER A 72 3.33 -23.89 -18.63
C SER A 72 2.09 -24.18 -19.45
N SER A 73 0.97 -24.40 -18.76
CA SER A 73 -0.29 -24.69 -19.43
C SER A 73 -1.47 -24.48 -18.48
N GLY A 74 -2.64 -24.19 -19.05
CA GLY A 74 -3.82 -23.98 -18.23
C GLY A 74 -4.87 -25.05 -18.44
N PRO A 75 -5.23 -25.75 -17.36
CA PRO A 75 -6.24 -26.82 -17.41
C PRO A 75 -7.64 -26.29 -17.66
N SER A 76 -8.61 -27.19 -17.72
CA SER A 76 -10.00 -26.82 -17.95
C SER A 76 -10.96 -27.79 -17.28
N SER A 77 -12.23 -27.44 -17.25
CA SER A 77 -13.25 -28.29 -16.63
C SER A 77 -13.91 -29.19 -17.67
N GLY A 78 -14.23 -28.62 -18.82
CA GLY A 78 -14.87 -29.39 -19.88
C GLY A 78 -13.88 -29.86 -20.94
ZN ZN B . 0.64 7.25 7.76
ZN ZN C . -3.19 -2.81 -4.85
N GLY A 1 32.33 5.02 2.72
CA GLY A 1 31.16 4.41 3.32
C GLY A 1 30.30 5.41 4.06
N SER A 2 29.01 5.43 3.73
CA SER A 2 28.08 6.35 4.37
C SER A 2 27.05 5.59 5.21
N SER A 3 26.39 6.31 6.12
CA SER A 3 25.39 5.70 6.99
C SER A 3 24.26 6.68 7.27
N GLY A 4 23.11 6.15 7.67
CA GLY A 4 21.97 6.98 7.97
C GLY A 4 20.69 6.19 8.11
N SER A 5 19.85 6.58 9.07
CA SER A 5 18.59 5.89 9.30
C SER A 5 17.67 6.00 8.10
N SER A 6 17.13 4.87 7.65
CA SER A 6 16.23 4.84 6.50
C SER A 6 14.90 5.51 6.84
N GLY A 7 14.32 5.12 7.97
CA GLY A 7 13.05 5.68 8.39
C GLY A 7 11.93 4.65 8.39
N LEU A 8 10.90 4.91 9.19
CA LEU A 8 9.77 3.99 9.28
C LEU A 8 8.88 4.10 8.04
N GLN A 9 8.06 3.08 7.81
CA GLN A 9 7.16 3.05 6.67
C GLN A 9 5.78 2.54 7.06
N CYS A 10 4.77 3.40 6.91
CA CYS A 10 3.41 3.03 7.25
C CYS A 10 2.83 2.04 6.23
N GLU A 11 1.93 1.17 6.69
CA GLU A 11 1.32 0.19 5.82
C GLU A 11 -0.07 0.65 5.37
N ILE A 12 -0.72 1.44 6.21
CA ILE A 12 -2.05 1.95 5.90
C ILE A 12 -2.05 2.72 4.58
N CYS A 13 -1.39 3.87 4.58
CA CYS A 13 -1.31 4.70 3.37
C CYS A 13 0.04 4.52 2.68
N GLY A 14 1.10 4.46 3.48
CA GLY A 14 2.42 4.29 2.92
C GLY A 14 3.33 5.48 3.21
N PHE A 15 3.08 6.14 4.33
CA PHE A 15 3.88 7.30 4.72
C PHE A 15 5.22 6.87 5.31
N THR A 16 6.07 7.85 5.61
CA THR A 16 7.38 7.58 6.18
C THR A 16 7.70 8.56 7.30
N CYS A 17 8.18 8.05 8.43
CA CYS A 17 8.53 8.87 9.57
C CYS A 17 9.71 8.28 10.33
N ARG A 18 10.53 9.16 10.91
CA ARG A 18 11.69 8.72 11.68
C ARG A 18 11.30 8.33 13.10
N GLN A 19 10.71 9.27 13.82
CA GLN A 19 10.29 9.02 15.19
C GLN A 19 9.08 8.09 15.24
N LYS A 20 9.01 7.25 16.25
CA LYS A 20 7.92 6.31 16.41
C LYS A 20 6.63 7.04 16.79
N ALA A 21 6.68 7.77 17.90
CA ALA A 21 5.52 8.53 18.36
C ALA A 21 4.71 9.08 17.19
N SER A 22 5.41 9.59 16.19
CA SER A 22 4.76 10.16 15.02
C SER A 22 3.97 9.10 14.26
N LEU A 23 4.66 8.03 13.87
CA LEU A 23 4.02 6.94 13.15
C LEU A 23 2.70 6.53 13.82
N ASN A 24 2.74 6.33 15.13
CA ASN A 24 1.56 5.96 15.88
C ASN A 24 0.45 6.98 15.71
N TRP A 25 0.76 8.24 16.01
CA TRP A 25 -0.20 9.32 15.89
C TRP A 25 -0.66 9.49 14.44
N HIS A 26 0.20 9.09 13.51
CA HIS A 26 -0.12 9.20 12.09
C HIS A 26 -0.96 8.00 11.64
N GLN A 27 -0.99 6.96 12.45
CA GLN A 27 -1.77 5.76 12.13
C GLN A 27 -3.18 5.86 12.70
N ARG A 28 -3.28 6.25 13.96
CA ARG A 28 -4.57 6.37 14.62
C ARG A 28 -5.54 7.20 13.78
N LYS A 29 -5.01 8.21 13.12
CA LYS A 29 -5.82 9.08 12.26
C LYS A 29 -6.52 8.27 11.17
N HIS A 30 -5.79 7.31 10.60
CA HIS A 30 -6.34 6.47 9.54
C HIS A 30 -7.68 5.87 9.97
N ALA A 31 -7.73 5.35 11.19
CA ALA A 31 -8.95 4.75 11.72
C ALA A 31 -10.17 5.60 11.38
N GLU A 32 -9.96 6.89 11.21
CA GLU A 32 -11.05 7.81 10.89
C GLU A 32 -11.13 8.04 9.38
N THR A 33 -9.97 8.14 8.74
CA THR A 33 -9.91 8.36 7.30
C THR A 33 -10.55 7.22 6.54
N VAL A 34 -10.38 6.00 7.05
CA VAL A 34 -10.95 4.82 6.42
C VAL A 34 -12.29 5.13 5.77
N ALA A 35 -13.06 6.01 6.41
CA ALA A 35 -14.37 6.40 5.89
C ALA A 35 -14.26 6.95 4.47
N ALA A 36 -13.34 7.90 4.29
CA ALA A 36 -13.13 8.51 2.98
C ALA A 36 -12.99 7.44 1.89
N LEU A 37 -12.29 6.37 2.21
CA LEU A 37 -12.07 5.27 1.27
C LEU A 37 -13.37 4.54 0.99
N ARG A 38 -13.85 4.63 -0.25
CA ARG A 38 -15.08 3.96 -0.65
C ARG A 38 -14.81 2.93 -1.74
N PHE A 39 -13.74 3.12 -2.49
CA PHE A 39 -13.38 2.20 -3.55
C PHE A 39 -12.29 1.23 -3.10
N PRO A 40 -12.71 -0.01 -2.78
CA PRO A 40 -11.80 -1.06 -2.32
C PRO A 40 -10.87 -1.54 -3.43
N CYS A 41 -9.88 -2.35 -3.06
CA CYS A 41 -8.92 -2.88 -4.02
C CYS A 41 -9.20 -4.36 -4.31
N GLU A 42 -9.75 -4.64 -5.48
CA GLU A 42 -10.06 -6.01 -5.87
C GLU A 42 -8.78 -6.84 -6.03
N PHE A 43 -7.64 -6.20 -5.81
CA PHE A 43 -6.35 -6.87 -5.93
C PHE A 43 -5.90 -7.42 -4.57
N CYS A 44 -5.89 -6.55 -3.57
CA CYS A 44 -5.48 -6.94 -2.23
C CYS A 44 -6.62 -6.77 -1.23
N GLY A 45 -7.42 -5.73 -1.43
CA GLY A 45 -8.54 -5.48 -0.56
C GLY A 45 -8.52 -4.08 0.04
N LYS A 46 -7.42 -3.37 -0.20
CA LYS A 46 -7.26 -2.02 0.32
C LYS A 46 -8.45 -1.15 -0.07
N ARG A 47 -8.43 0.11 0.36
CA ARG A 47 -9.51 1.04 0.06
C ARG A 47 -8.98 2.46 -0.14
N PHE A 48 -9.51 3.16 -1.14
CA PHE A 48 -9.08 4.52 -1.43
C PHE A 48 -10.28 5.47 -1.48
N GLU A 49 -10.02 6.75 -1.25
CA GLU A 49 -11.08 7.75 -1.27
C GLU A 49 -11.60 7.96 -2.69
N LYS A 50 -10.89 7.42 -3.66
CA LYS A 50 -11.29 7.55 -5.06
C LYS A 50 -10.67 6.42 -5.90
N PRO A 51 -11.27 6.18 -7.07
CA PRO A 51 -10.79 5.14 -8.00
C PRO A 51 -9.47 5.50 -8.64
N ASP A 52 -9.33 6.77 -9.03
CA ASP A 52 -8.10 7.24 -9.65
C ASP A 52 -6.87 6.75 -8.89
N SER A 53 -6.97 6.71 -7.57
CA SER A 53 -5.88 6.27 -6.73
C SER A 53 -5.80 4.74 -6.69
N VAL A 54 -6.95 4.10 -6.82
CA VAL A 54 -7.01 2.64 -6.80
C VAL A 54 -6.38 2.05 -8.06
N ALA A 55 -6.46 2.79 -9.16
CA ALA A 55 -5.89 2.35 -10.43
C ALA A 55 -4.37 2.48 -10.42
N ALA A 56 -3.88 3.54 -9.81
CA ALA A 56 -2.44 3.78 -9.74
C ALA A 56 -1.78 2.85 -8.73
N HIS A 57 -2.46 2.61 -7.61
CA HIS A 57 -1.94 1.74 -6.56
C HIS A 57 -1.62 0.36 -7.12
N ARG A 58 -2.42 -0.09 -8.09
CA ARG A 58 -2.23 -1.39 -8.70
C ARG A 58 -1.00 -1.39 -9.62
N SER A 59 -0.58 -0.19 -10.03
CA SER A 59 0.58 -0.06 -10.91
C SER A 59 1.85 0.16 -10.09
N LYS A 60 1.68 0.34 -8.78
CA LYS A 60 2.81 0.55 -7.89
C LYS A 60 2.92 -0.57 -6.86
N SER A 61 1.79 -1.19 -6.56
CA SER A 61 1.75 -2.28 -5.59
C SER A 61 1.40 -3.60 -6.26
N HIS A 62 0.61 -3.52 -7.33
CA HIS A 62 0.20 -4.70 -8.08
C HIS A 62 0.72 -4.66 -9.51
N PRO A 63 1.88 -4.02 -9.70
CA PRO A 63 2.50 -3.89 -11.02
C PRO A 63 3.04 -5.21 -11.55
N ALA A 64 3.11 -6.20 -10.66
CA ALA A 64 3.60 -7.52 -11.04
C ALA A 64 2.46 -8.43 -11.47
N LEU A 65 1.23 -7.98 -11.24
CA LEU A 65 0.05 -8.77 -11.60
C LEU A 65 -0.46 -8.35 -12.98
N LEU A 66 -0.62 -7.05 -13.19
CA LEU A 66 -1.11 -6.53 -14.46
C LEU A 66 -0.40 -7.21 -15.63
N LEU A 67 0.93 -7.24 -15.56
CA LEU A 67 1.73 -7.86 -16.61
C LEU A 67 1.35 -9.33 -16.81
N ALA A 68 1.51 -9.83 -18.03
CA ALA A 68 1.19 -11.21 -18.34
C ALA A 68 1.99 -12.17 -17.46
N PRO A 69 1.50 -13.41 -17.34
CA PRO A 69 2.16 -14.45 -16.54
C PRO A 69 3.46 -14.92 -17.16
N GLN A 70 4.54 -14.19 -16.89
CA GLN A 70 5.85 -14.53 -17.43
C GLN A 70 6.67 -15.33 -16.42
N GLU A 71 6.79 -14.77 -15.21
CA GLU A 71 7.55 -15.43 -14.15
C GLU A 71 6.65 -15.78 -12.98
N SER A 72 5.34 -15.79 -13.23
CA SER A 72 4.37 -16.11 -12.18
C SER A 72 4.67 -17.46 -11.55
N SER A 73 4.86 -18.47 -12.40
CA SER A 73 5.16 -19.82 -11.92
C SER A 73 6.08 -19.78 -10.69
N GLY A 74 7.18 -19.05 -10.82
CA GLY A 74 8.12 -18.94 -9.73
C GLY A 74 7.57 -18.15 -8.56
N PRO A 75 8.38 -17.97 -7.52
CA PRO A 75 7.98 -17.23 -6.31
C PRO A 75 7.83 -15.73 -6.59
N SER A 76 6.72 -15.16 -6.14
CA SER A 76 6.44 -13.74 -6.34
C SER A 76 6.48 -13.00 -5.01
N SER A 77 6.77 -11.70 -5.07
CA SER A 77 6.85 -10.88 -3.88
C SER A 77 5.59 -11.03 -3.04
N GLY A 78 4.42 -10.95 -3.69
CA GLY A 78 3.17 -11.08 -2.99
C GLY A 78 2.19 -9.96 -3.32
ZN ZN B . -0.20 6.09 7.00
ZN ZN C . -4.10 -3.47 -3.85
N GLY A 1 28.70 11.03 13.41
CA GLY A 1 28.60 11.58 14.75
C GLY A 1 27.26 11.30 15.40
N SER A 2 27.08 10.07 15.86
CA SER A 2 25.83 9.67 16.50
C SER A 2 24.66 9.76 15.52
N SER A 3 24.89 9.30 14.30
CA SER A 3 23.87 9.34 13.26
C SER A 3 23.36 7.93 12.96
N GLY A 4 22.16 7.85 12.40
CA GLY A 4 21.58 6.56 12.07
C GLY A 4 20.84 5.94 13.24
N SER A 5 19.63 6.42 13.51
CA SER A 5 18.84 5.92 14.61
C SER A 5 17.73 5.00 14.10
N SER A 6 17.59 3.84 14.73
CA SER A 6 16.57 2.87 14.34
C SER A 6 15.26 3.57 13.99
N GLY A 7 14.75 4.37 14.93
CA GLY A 7 13.51 5.08 14.69
C GLY A 7 12.34 4.15 14.47
N LEU A 8 11.16 4.55 14.94
CA LEU A 8 9.96 3.74 14.78
C LEU A 8 9.46 3.78 13.34
N GLN A 9 8.58 2.85 13.00
CA GLN A 9 8.02 2.78 11.65
C GLN A 9 6.57 2.32 11.69
N CYS A 10 5.73 2.94 10.87
CA CYS A 10 4.32 2.59 10.81
C CYS A 10 4.09 1.44 9.83
N GLU A 11 3.05 0.65 10.10
CA GLU A 11 2.72 -0.49 9.24
C GLU A 11 1.58 -0.14 8.29
N ILE A 12 0.68 0.71 8.74
CA ILE A 12 -0.46 1.13 7.92
C ILE A 12 -0.01 1.61 6.55
N CYS A 13 0.80 2.67 6.54
CA CYS A 13 1.30 3.23 5.29
C CYS A 13 2.78 2.91 5.11
N GLY A 14 3.53 2.98 6.21
CA GLY A 14 4.95 2.69 6.15
C GLY A 14 5.80 3.91 6.46
N PHE A 15 5.31 4.76 7.36
CA PHE A 15 6.03 5.97 7.74
C PHE A 15 7.04 5.68 8.85
N THR A 16 7.75 6.71 9.27
CA THR A 16 8.75 6.58 10.33
C THR A 16 8.72 7.77 11.28
N CYS A 17 8.78 7.48 12.57
CA CYS A 17 8.76 8.53 13.59
C CYS A 17 9.70 8.18 14.74
N ARG A 18 10.54 9.15 15.12
CA ARG A 18 11.49 8.95 16.21
C ARG A 18 10.77 8.91 17.56
N GLN A 19 9.81 9.82 17.74
CA GLN A 19 9.06 9.90 18.98
C GLN A 19 7.83 8.99 18.93
N LYS A 20 7.71 8.11 19.91
CA LYS A 20 6.58 7.18 19.98
C LYS A 20 5.26 7.92 19.81
N ALA A 21 5.01 8.87 20.72
CA ALA A 21 3.78 9.66 20.68
C ALA A 21 3.41 10.02 19.24
N SER A 22 4.41 10.40 18.46
CA SER A 22 4.19 10.78 17.07
C SER A 22 3.58 9.62 16.28
N LEU A 23 4.22 8.47 16.35
CA LEU A 23 3.74 7.28 15.64
C LEU A 23 2.27 7.02 15.96
N ASN A 24 1.97 6.82 17.23
CA ASN A 24 0.60 6.56 17.67
C ASN A 24 -0.35 7.63 17.14
N TRP A 25 0.04 8.89 17.30
CA TRP A 25 -0.77 10.01 16.85
C TRP A 25 -0.86 10.03 15.33
N HIS A 26 0.15 9.46 14.67
CA HIS A 26 0.17 9.42 13.21
C HIS A 26 -0.70 8.28 12.69
N GLN A 27 -0.68 7.16 13.40
CA GLN A 27 -1.47 5.99 13.00
C GLN A 27 -2.96 6.31 12.99
N ARG A 28 -3.47 6.77 14.14
CA ARG A 28 -4.87 7.10 14.26
C ARG A 28 -5.37 7.84 13.01
N LYS A 29 -4.51 8.68 12.46
CA LYS A 29 -4.85 9.45 11.26
C LYS A 29 -5.46 8.55 10.20
N HIS A 30 -4.85 7.39 9.99
CA HIS A 30 -5.34 6.44 9.00
C HIS A 30 -6.78 6.03 9.30
N ALA A 31 -7.10 5.89 10.58
CA ALA A 31 -8.44 5.52 11.00
C ALA A 31 -9.48 6.51 10.48
N GLU A 32 -9.10 7.78 10.43
CA GLU A 32 -10.00 8.82 9.96
C GLU A 32 -9.86 9.03 8.45
N THR A 33 -8.64 8.85 7.95
CA THR A 33 -8.37 9.02 6.53
C THR A 33 -9.08 7.93 5.70
N VAL A 34 -8.90 6.68 6.11
CA VAL A 34 -9.52 5.57 5.42
C VAL A 34 -10.90 5.94 4.88
N ALA A 35 -11.63 6.75 5.64
CA ALA A 35 -12.95 7.20 5.24
C ALA A 35 -12.98 7.60 3.77
N ALA A 36 -12.23 8.64 3.43
CA ALA A 36 -12.16 9.12 2.06
C ALA A 36 -12.17 7.96 1.07
N LEU A 37 -11.35 6.95 1.33
CA LEU A 37 -11.27 5.79 0.46
C LEU A 37 -12.32 4.75 0.84
N ARG A 38 -13.10 4.32 -0.14
CA ARG A 38 -14.14 3.32 0.10
C ARG A 38 -13.87 2.06 -0.72
N PHE A 39 -13.22 2.21 -1.86
CA PHE A 39 -12.90 1.09 -2.73
C PHE A 39 -11.45 0.65 -2.54
N PRO A 40 -11.26 -0.45 -1.79
CA PRO A 40 -9.93 -0.99 -1.52
C PRO A 40 -9.29 -1.61 -2.76
N CYS A 41 -8.04 -2.03 -2.63
CA CYS A 41 -7.31 -2.64 -3.74
C CYS A 41 -7.17 -4.14 -3.54
N GLU A 42 -7.94 -4.91 -4.30
CA GLU A 42 -7.90 -6.36 -4.20
C GLU A 42 -6.54 -6.91 -4.65
N PHE A 43 -5.67 -6.00 -5.09
CA PHE A 43 -4.34 -6.38 -5.53
C PHE A 43 -3.34 -6.33 -4.38
N CYS A 44 -3.28 -5.20 -3.70
CA CYS A 44 -2.37 -5.02 -2.58
C CYS A 44 -3.15 -4.76 -1.28
N GLY A 45 -4.30 -4.12 -1.42
CA GLY A 45 -5.12 -3.82 -0.25
C GLY A 45 -5.31 -2.33 -0.05
N LYS A 46 -4.65 -1.52 -0.88
CA LYS A 46 -4.76 -0.08 -0.78
C LYS A 46 -6.22 0.37 -0.82
N ARG A 47 -6.44 1.67 -0.76
CA ARG A 47 -7.79 2.22 -0.79
C ARG A 47 -7.81 3.57 -1.51
N PHE A 48 -8.86 3.79 -2.31
CA PHE A 48 -9.00 5.03 -3.06
C PHE A 48 -10.37 5.65 -2.82
N GLU A 49 -10.46 6.96 -3.02
CA GLU A 49 -11.72 7.68 -2.84
C GLU A 49 -12.72 7.32 -3.93
N LYS A 50 -12.28 6.50 -4.88
CA LYS A 50 -13.14 6.08 -5.99
C LYS A 50 -12.51 4.92 -6.74
N PRO A 51 -13.35 4.18 -7.50
CA PRO A 51 -12.90 3.03 -8.28
C PRO A 51 -12.04 3.45 -9.47
N ASP A 52 -12.44 4.52 -10.14
CA ASP A 52 -11.70 5.02 -11.30
C ASP A 52 -10.20 5.05 -11.02
N SER A 53 -9.84 5.36 -9.78
CA SER A 53 -8.45 5.43 -9.38
C SER A 53 -7.91 4.05 -9.03
N VAL A 54 -8.80 3.19 -8.53
CA VAL A 54 -8.42 1.83 -8.16
C VAL A 54 -8.11 0.98 -9.39
N ALA A 55 -8.80 1.27 -10.49
CA ALA A 55 -8.60 0.54 -11.73
C ALA A 55 -7.30 0.97 -12.42
N ALA A 56 -7.01 2.27 -12.34
CA ALA A 56 -5.80 2.81 -12.96
C ALA A 56 -4.57 2.47 -12.13
N HIS A 57 -4.71 2.52 -10.81
CA HIS A 57 -3.60 2.23 -9.91
C HIS A 57 -2.99 0.87 -10.23
N ARG A 58 -3.84 -0.09 -10.59
CA ARG A 58 -3.38 -1.42 -10.93
C ARG A 58 -2.55 -1.42 -12.21
N SER A 59 -2.73 -0.37 -13.01
CA SER A 59 -2.00 -0.24 -14.27
C SER A 59 -0.72 0.55 -14.07
N LYS A 60 -0.51 1.05 -12.85
CA LYS A 60 0.68 1.82 -12.54
C LYS A 60 1.51 1.13 -11.46
N SER A 61 0.84 0.40 -10.58
CA SER A 61 1.51 -0.31 -9.50
C SER A 61 1.40 -1.82 -9.70
N HIS A 62 0.33 -2.25 -10.34
CA HIS A 62 0.10 -3.67 -10.59
C HIS A 62 0.07 -3.96 -12.09
N PRO A 63 0.81 -3.16 -12.87
CA PRO A 63 0.88 -3.30 -14.33
C PRO A 63 1.62 -4.56 -14.74
N ALA A 64 2.28 -5.21 -13.79
CA ALA A 64 3.03 -6.43 -14.06
C ALA A 64 2.19 -7.67 -13.77
N LEU A 65 1.07 -7.47 -13.06
CA LEU A 65 0.18 -8.57 -12.72
C LEU A 65 -0.92 -8.72 -13.75
N LEU A 66 -1.66 -7.64 -13.98
CA LEU A 66 -2.75 -7.64 -14.95
C LEU A 66 -2.39 -8.49 -16.16
N LEU A 67 -1.16 -8.35 -16.64
CA LEU A 67 -0.69 -9.10 -17.79
C LEU A 67 -0.67 -10.60 -17.50
N ALA A 68 -0.85 -11.40 -18.54
CA ALA A 68 -0.84 -12.86 -18.39
C ALA A 68 0.47 -13.33 -17.77
N PRO A 69 0.36 -14.37 -16.92
CA PRO A 69 1.53 -14.95 -16.24
C PRO A 69 2.45 -15.69 -17.20
N GLN A 70 3.76 -15.65 -16.92
CA GLN A 70 4.73 -16.32 -17.76
C GLN A 70 5.33 -17.53 -17.05
N GLU A 71 5.32 -18.67 -17.73
CA GLU A 71 5.87 -19.91 -17.15
C GLU A 71 7.33 -19.72 -16.76
N SER A 72 7.60 -19.73 -15.46
CA SER A 72 8.96 -19.56 -14.96
C SER A 72 9.12 -20.26 -13.62
N SER A 73 10.38 -20.53 -13.25
CA SER A 73 10.68 -21.18 -11.98
C SER A 73 11.14 -20.18 -10.93
N GLY A 74 10.32 -19.96 -9.92
CA GLY A 74 10.67 -19.02 -8.87
C GLY A 74 10.42 -19.58 -7.48
N PRO A 75 11.50 -19.78 -6.71
CA PRO A 75 11.42 -20.33 -5.36
C PRO A 75 10.79 -19.34 -4.38
N SER A 76 9.62 -19.70 -3.85
CA SER A 76 8.91 -18.84 -2.91
C SER A 76 9.32 -19.16 -1.48
N SER A 77 9.50 -18.12 -0.67
CA SER A 77 9.90 -18.29 0.73
C SER A 77 8.93 -19.23 1.44
N GLY A 78 7.67 -18.86 1.47
CA GLY A 78 6.67 -19.67 2.12
C GLY A 78 5.26 -19.40 1.62
ZN ZN B . 1.20 5.40 8.71
ZN ZN C . -2.77 -2.04 -5.39
N GLY A 1 31.43 -1.60 19.10
CA GLY A 1 30.15 -1.18 18.58
C GLY A 1 29.20 -0.76 19.68
N SER A 2 28.57 0.40 19.52
CA SER A 2 27.63 0.92 20.50
C SER A 2 26.19 0.65 20.09
N SER A 3 25.26 0.87 21.01
CA SER A 3 23.85 0.63 20.74
C SER A 3 22.97 1.50 21.64
N GLY A 4 22.03 2.21 21.03
CA GLY A 4 21.14 3.07 21.81
C GLY A 4 20.24 3.92 20.92
N SER A 5 19.69 3.30 19.88
CA SER A 5 18.81 4.00 18.96
C SER A 5 17.86 3.03 18.27
N SER A 6 16.60 3.43 18.15
CA SER A 6 15.59 2.59 17.52
C SER A 6 14.43 3.43 17.00
N GLY A 7 14.12 3.27 15.71
CA GLY A 7 13.04 4.04 15.11
C GLY A 7 11.80 3.18 14.87
N LEU A 8 10.63 3.76 15.11
CA LEU A 8 9.38 3.04 14.91
C LEU A 8 9.00 3.01 13.44
N GLN A 9 8.21 2.02 13.06
CA GLN A 9 7.76 1.87 11.67
C GLN A 9 6.25 1.73 11.60
N CYS A 10 5.61 2.70 10.95
CA CYS A 10 4.16 2.69 10.81
C CYS A 10 3.70 1.49 9.98
N GLU A 11 2.95 0.60 10.62
CA GLU A 11 2.45 -0.59 9.95
C GLU A 11 1.19 -0.27 9.13
N ILE A 12 0.88 1.01 9.03
CA ILE A 12 -0.30 1.45 8.28
C ILE A 12 0.07 1.85 6.85
N CYS A 13 1.05 2.74 6.73
CA CYS A 13 1.50 3.20 5.43
C CYS A 13 2.96 2.79 5.18
N GLY A 14 3.76 2.85 6.23
CA GLY A 14 5.17 2.48 6.11
C GLY A 14 6.09 3.61 6.49
N PHE A 15 5.56 4.61 7.19
CA PHE A 15 6.35 5.76 7.62
C PHE A 15 7.26 5.39 8.79
N THR A 16 8.07 6.35 9.23
CA THR A 16 8.98 6.12 10.35
C THR A 16 9.08 7.36 11.23
N CYS A 17 9.11 7.15 12.54
CA CYS A 17 9.21 8.24 13.50
C CYS A 17 9.84 7.77 14.80
N ARG A 18 10.94 8.41 15.19
CA ARG A 18 11.65 8.06 16.41
C ARG A 18 10.76 8.28 17.63
N GLN A 19 10.09 9.42 17.68
CA GLN A 19 9.21 9.74 18.80
C GLN A 19 7.92 8.93 18.73
N LYS A 20 7.49 8.41 19.87
CA LYS A 20 6.27 7.62 19.94
C LYS A 20 5.03 8.49 19.73
N ALA A 21 4.88 9.50 20.57
CA ALA A 21 3.74 10.40 20.47
C ALA A 21 3.50 10.83 19.02
N SER A 22 4.58 11.13 18.31
CA SER A 22 4.49 11.55 16.92
C SER A 22 3.78 10.49 16.08
N LEU A 23 4.21 9.25 16.22
CA LEU A 23 3.61 8.14 15.47
C LEU A 23 2.11 8.05 15.74
N ASN A 24 1.76 7.95 17.02
CA ASN A 24 0.35 7.86 17.41
C ASN A 24 -0.47 8.96 16.76
N TRP A 25 0.08 10.17 16.74
CA TRP A 25 -0.60 11.32 16.14
C TRP A 25 -0.71 11.15 14.63
N HIS A 26 0.22 10.42 14.05
CA HIS A 26 0.22 10.19 12.61
C HIS A 26 -0.58 8.94 12.25
N GLN A 27 -0.86 8.12 13.25
CA GLN A 27 -1.62 6.89 13.05
C GLN A 27 -3.11 7.13 13.29
N ARG A 28 -3.43 7.99 14.26
CA ARG A 28 -4.81 8.31 14.58
C ARG A 28 -5.56 8.81 13.36
N LYS A 29 -4.84 9.51 12.49
CA LYS A 29 -5.44 10.05 11.27
C LYS A 29 -5.80 8.94 10.29
N HIS A 30 -4.96 7.89 10.26
CA HIS A 30 -5.19 6.75 9.38
C HIS A 30 -6.58 6.16 9.59
N ALA A 31 -6.99 6.09 10.86
CA ALA A 31 -8.30 5.54 11.20
C ALA A 31 -9.42 6.33 10.53
N GLU A 32 -9.22 7.64 10.40
CA GLU A 32 -10.22 8.50 9.78
C GLU A 32 -10.07 8.48 8.26
N THR A 33 -8.83 8.40 7.78
CA THR A 33 -8.57 8.37 6.36
C THR A 33 -9.10 7.09 5.72
N VAL A 34 -8.76 5.95 6.31
CA VAL A 34 -9.20 4.66 5.81
C VAL A 34 -10.68 4.71 5.41
N ALA A 35 -11.46 5.44 6.19
CA ALA A 35 -12.89 5.57 5.92
C ALA A 35 -13.14 6.10 4.51
N ALA A 36 -12.48 7.19 4.17
CA ALA A 36 -12.64 7.80 2.86
C ALA A 36 -12.66 6.73 1.76
N LEU A 37 -11.55 6.01 1.61
CA LEU A 37 -11.46 4.97 0.60
C LEU A 37 -12.62 3.98 0.71
N ARG A 38 -13.30 3.76 -0.41
CA ARG A 38 -14.44 2.84 -0.43
C ARG A 38 -14.16 1.66 -1.36
N PHE A 39 -13.38 1.90 -2.41
CA PHE A 39 -13.04 0.85 -3.36
C PHE A 39 -11.65 0.29 -3.08
N PRO A 40 -11.62 -0.90 -2.46
CA PRO A 40 -10.36 -1.57 -2.12
C PRO A 40 -9.63 -2.08 -3.35
N CYS A 41 -8.40 -2.56 -3.15
CA CYS A 41 -7.59 -3.08 -4.25
C CYS A 41 -7.52 -4.60 -4.18
N GLU A 42 -8.24 -5.26 -5.08
CA GLU A 42 -8.25 -6.73 -5.13
C GLU A 42 -6.88 -7.27 -5.54
N PHE A 43 -5.95 -6.36 -5.81
CA PHE A 43 -4.60 -6.74 -6.21
C PHE A 43 -3.69 -6.87 -4.99
N CYS A 44 -3.67 -5.84 -4.17
CA CYS A 44 -2.83 -5.84 -2.97
C CYS A 44 -3.69 -5.71 -1.72
N GLY A 45 -4.76 -4.94 -1.81
CA GLY A 45 -5.65 -4.76 -0.68
C GLY A 45 -5.86 -3.29 -0.33
N LYS A 46 -5.09 -2.42 -0.97
CA LYS A 46 -5.19 -0.99 -0.72
C LYS A 46 -6.63 -0.51 -0.88
N ARG A 47 -6.84 0.79 -0.70
CA ARG A 47 -8.17 1.36 -0.82
C ARG A 47 -8.09 2.80 -1.35
N PHE A 48 -9.09 3.17 -2.16
CA PHE A 48 -9.13 4.51 -2.74
C PHE A 48 -10.51 5.12 -2.58
N GLU A 49 -10.57 6.45 -2.53
CA GLU A 49 -11.84 7.16 -2.39
C GLU A 49 -12.74 6.91 -3.59
N LYS A 50 -12.16 6.43 -4.68
CA LYS A 50 -12.91 6.14 -5.89
C LYS A 50 -12.22 5.07 -6.72
N PRO A 51 -12.97 4.46 -7.65
CA PRO A 51 -12.46 3.41 -8.52
C PRO A 51 -11.45 3.94 -9.55
N ASP A 52 -11.75 5.10 -10.11
CA ASP A 52 -10.87 5.72 -11.09
C ASP A 52 -9.41 5.66 -10.63
N SER A 53 -9.20 5.87 -9.34
CA SER A 53 -7.85 5.84 -8.77
C SER A 53 -7.38 4.41 -8.55
N VAL A 54 -8.33 3.51 -8.33
CA VAL A 54 -8.02 2.10 -8.10
C VAL A 54 -7.59 1.42 -9.41
N ALA A 55 -8.20 1.83 -10.51
CA ALA A 55 -7.89 1.27 -11.82
C ALA A 55 -6.50 1.71 -12.29
N ALA A 56 -6.17 2.98 -12.01
CA ALA A 56 -4.87 3.52 -12.41
C ALA A 56 -3.75 2.97 -11.53
N HIS A 57 -4.03 2.84 -10.23
CA HIS A 57 -3.04 2.32 -9.29
C HIS A 57 -2.52 0.96 -9.74
N ARG A 58 -3.39 0.17 -10.36
CA ARG A 58 -3.02 -1.16 -10.83
C ARG A 58 -2.12 -1.06 -12.05
N SER A 59 -2.16 0.08 -12.73
CA SER A 59 -1.35 0.30 -13.92
C SER A 59 -0.02 0.95 -13.56
N LYS A 60 0.12 1.33 -12.30
CA LYS A 60 1.35 1.96 -11.81
C LYS A 60 2.01 1.11 -10.74
N SER A 61 1.21 0.30 -10.05
CA SER A 61 1.73 -0.55 -8.99
C SER A 61 1.56 -2.03 -9.36
N HIS A 62 0.51 -2.32 -10.12
CA HIS A 62 0.24 -3.70 -10.54
C HIS A 62 0.29 -3.82 -12.06
N PRO A 63 1.16 -3.01 -12.69
CA PRO A 63 1.33 -3.01 -14.15
C PRO A 63 2.00 -4.28 -14.66
N ALA A 64 2.60 -5.03 -13.75
CA ALA A 64 3.27 -6.28 -14.10
C ALA A 64 2.34 -7.46 -13.95
N LEU A 65 1.23 -7.26 -13.24
CA LEU A 65 0.25 -8.32 -13.02
C LEU A 65 -0.81 -8.32 -14.11
N LEU A 66 -1.38 -7.15 -14.39
CA LEU A 66 -2.39 -7.01 -15.42
C LEU A 66 -2.12 -7.95 -16.59
N LEU A 67 -0.86 -8.06 -16.98
CA LEU A 67 -0.47 -8.92 -18.08
C LEU A 67 -0.91 -10.35 -17.83
N ALA A 68 -0.64 -11.23 -18.81
CA ALA A 68 -1.01 -12.63 -18.69
C ALA A 68 -0.20 -13.33 -17.61
N PRO A 69 -0.84 -14.24 -16.86
CA PRO A 69 -0.19 -14.99 -15.79
C PRO A 69 0.83 -16.01 -16.32
N GLN A 70 1.10 -15.92 -17.62
CA GLN A 70 2.06 -16.83 -18.25
C GLN A 70 3.31 -16.98 -17.40
N GLU A 71 3.89 -15.85 -17.00
CA GLU A 71 5.11 -15.85 -16.19
C GLU A 71 5.02 -14.80 -15.08
N SER A 72 4.94 -15.27 -13.85
CA SER A 72 4.85 -14.38 -12.69
C SER A 72 5.83 -14.80 -11.60
N SER A 73 5.91 -14.01 -10.54
CA SER A 73 6.80 -14.29 -9.43
C SER A 73 6.21 -13.77 -8.11
N GLY A 74 5.98 -14.70 -7.19
CA GLY A 74 5.42 -14.32 -5.90
C GLY A 74 5.57 -15.42 -4.86
N PRO A 75 5.44 -15.05 -3.58
CA PRO A 75 5.56 -15.99 -2.46
C PRO A 75 4.38 -16.96 -2.41
N SER A 76 4.60 -18.10 -1.76
CA SER A 76 3.57 -19.12 -1.63
C SER A 76 2.62 -18.78 -0.48
N SER A 77 1.34 -19.16 -0.63
CA SER A 77 0.34 -18.90 0.39
C SER A 77 0.16 -17.39 0.58
N GLY A 78 0.13 -16.66 -0.52
CA GLY A 78 -0.04 -15.21 -0.44
C GLY A 78 0.69 -14.60 0.73
ZN ZN B . 1.31 5.87 8.53
ZN ZN C . -2.89 -2.52 -5.38
N GLY A 1 27.77 6.35 2.60
CA GLY A 1 26.63 7.17 2.98
C GLY A 1 26.42 7.20 4.49
N SER A 2 25.88 8.31 4.98
CA SER A 2 25.64 8.47 6.41
C SER A 2 24.17 8.18 6.74
N SER A 3 23.94 7.04 7.40
CA SER A 3 22.58 6.64 7.77
C SER A 3 22.29 7.03 9.21
N GLY A 4 21.15 7.67 9.43
CA GLY A 4 20.75 8.08 10.77
C GLY A 4 20.30 6.91 11.62
N SER A 5 19.33 7.16 12.50
CA SER A 5 18.82 6.12 13.38
C SER A 5 17.87 5.19 12.63
N SER A 6 17.57 4.05 13.24
CA SER A 6 16.69 3.06 12.64
C SER A 6 15.40 3.72 12.14
N GLY A 7 14.75 4.49 13.01
CA GLY A 7 13.52 5.17 12.63
C GLY A 7 12.33 4.23 12.63
N LEU A 8 11.19 4.72 13.11
CA LEU A 8 9.97 3.92 13.17
C LEU A 8 9.37 3.77 11.78
N GLN A 9 8.65 2.67 11.57
CA GLN A 9 8.02 2.41 10.28
C GLN A 9 6.58 1.96 10.47
N CYS A 10 5.63 2.75 9.96
CA CYS A 10 4.21 2.44 10.08
C CYS A 10 3.85 1.28 9.17
N GLU A 11 2.85 0.50 9.59
CA GLU A 11 2.40 -0.65 8.81
C GLU A 11 1.14 -0.32 8.03
N ILE A 12 0.31 0.57 8.59
CA ILE A 12 -0.93 0.98 7.95
C ILE A 12 -0.68 1.42 6.51
N CYS A 13 0.11 2.48 6.36
CA CYS A 13 0.44 3.02 5.04
C CYS A 13 1.88 2.70 4.66
N GLY A 14 2.77 2.76 5.64
CA GLY A 14 4.17 2.48 5.39
C GLY A 14 5.04 3.71 5.53
N PHE A 15 4.64 4.63 6.40
CA PHE A 15 5.39 5.86 6.62
C PHE A 15 6.53 5.63 7.61
N THR A 16 7.35 6.65 7.80
CA THR A 16 8.48 6.56 8.72
C THR A 16 8.59 7.82 9.57
N CYS A 17 8.72 7.64 10.88
CA CYS A 17 8.85 8.77 11.80
C CYS A 17 9.87 8.47 12.89
N ARG A 18 10.72 9.45 13.17
CA ARG A 18 11.75 9.28 14.19
C ARG A 18 11.15 9.33 15.59
N GLN A 19 10.27 10.30 15.82
CA GLN A 19 9.61 10.45 17.12
C GLN A 19 8.43 9.50 17.25
N LYS A 20 8.26 8.93 18.44
CA LYS A 20 7.17 8.00 18.69
C LYS A 20 5.83 8.73 18.77
N ALA A 21 5.78 9.76 19.60
CA ALA A 21 4.56 10.55 19.76
C ALA A 21 3.91 10.84 18.40
N SER A 22 4.73 11.18 17.42
CA SER A 22 4.24 11.49 16.07
C SER A 22 3.55 10.28 15.46
N LEU A 23 4.26 9.15 15.43
CA LEU A 23 3.71 7.92 14.87
C LEU A 23 2.29 7.69 15.38
N ASN A 24 2.12 7.75 16.69
CA ASN A 24 0.81 7.53 17.30
C ASN A 24 -0.24 8.42 16.67
N TRP A 25 0.03 9.72 16.64
CA TRP A 25 -0.90 10.69 16.05
C TRP A 25 -1.07 10.43 14.55
N HIS A 26 -0.05 9.84 13.94
CA HIS A 26 -0.09 9.53 12.51
C HIS A 26 -0.84 8.23 12.25
N GLN A 27 -0.96 7.41 13.28
CA GLN A 27 -1.66 6.13 13.16
C GLN A 27 -3.14 6.28 13.47
N ARG A 28 -3.45 7.12 14.46
CA ARG A 28 -4.83 7.36 14.86
C ARG A 28 -5.64 7.92 13.70
N LYS A 29 -4.99 8.70 12.84
CA LYS A 29 -5.66 9.30 11.69
C LYS A 29 -6.13 8.22 10.72
N HIS A 30 -5.32 7.17 10.56
CA HIS A 30 -5.67 6.07 9.67
C HIS A 30 -7.05 5.54 9.98
N ALA A 31 -7.38 5.45 11.26
CA ALA A 31 -8.68 4.95 11.69
C ALA A 31 -9.82 5.69 10.98
N GLU A 32 -9.70 7.01 10.92
CA GLU A 32 -10.73 7.83 10.27
C GLU A 32 -10.52 7.85 8.76
N THR A 33 -9.27 7.93 8.34
CA THR A 33 -8.93 7.96 6.92
C THR A 33 -9.73 6.90 6.15
N VAL A 34 -9.69 5.67 6.64
CA VAL A 34 -10.40 4.58 5.99
C VAL A 34 -11.73 5.05 5.42
N ALA A 35 -12.57 5.62 6.29
CA ALA A 35 -13.88 6.11 5.87
C ALA A 35 -13.82 6.68 4.45
N ALA A 36 -12.80 7.50 4.18
CA ALA A 36 -12.64 8.09 2.86
C ALA A 36 -12.64 7.03 1.77
N LEU A 37 -11.60 6.21 1.74
CA LEU A 37 -11.48 5.15 0.75
C LEU A 37 -12.74 4.29 0.71
N ARG A 38 -13.35 4.19 -0.46
CA ARG A 38 -14.56 3.40 -0.63
C ARG A 38 -14.34 2.26 -1.62
N PHE A 39 -13.44 2.48 -2.57
CA PHE A 39 -13.14 1.47 -3.58
C PHE A 39 -11.85 0.72 -3.22
N PRO A 40 -12.01 -0.50 -2.69
CA PRO A 40 -10.87 -1.34 -2.29
C PRO A 40 -10.09 -1.86 -3.49
N CYS A 41 -8.95 -2.47 -3.23
CA CYS A 41 -8.10 -3.02 -4.28
C CYS A 41 -8.22 -4.54 -4.35
N GLU A 42 -8.89 -5.04 -5.38
CA GLU A 42 -9.06 -6.48 -5.55
C GLU A 42 -7.73 -7.15 -5.84
N PHE A 43 -6.66 -6.36 -5.91
CA PHE A 43 -5.33 -6.89 -6.18
C PHE A 43 -4.59 -7.20 -4.89
N CYS A 44 -4.55 -6.22 -3.99
CA CYS A 44 -3.87 -6.38 -2.71
C CYS A 44 -4.86 -6.24 -1.55
N GLY A 45 -5.83 -5.34 -1.71
CA GLY A 45 -6.82 -5.13 -0.68
C GLY A 45 -6.89 -3.68 -0.23
N LYS A 46 -5.95 -2.87 -0.71
CA LYS A 46 -5.90 -1.46 -0.36
C LYS A 46 -7.25 -0.79 -0.61
N ARG A 47 -7.32 0.51 -0.34
CA ARG A 47 -8.55 1.26 -0.55
C ARG A 47 -8.25 2.70 -0.96
N PHE A 48 -9.07 3.24 -1.84
CA PHE A 48 -8.89 4.61 -2.32
C PHE A 48 -10.21 5.39 -2.25
N GLU A 49 -10.10 6.71 -2.14
CA GLU A 49 -11.27 7.56 -2.06
C GLU A 49 -12.11 7.46 -3.33
N LYS A 50 -11.49 6.98 -4.40
CA LYS A 50 -12.16 6.82 -5.68
C LYS A 50 -11.50 5.75 -6.53
N PRO A 51 -12.21 5.28 -7.57
CA PRO A 51 -11.70 4.25 -8.48
C PRO A 51 -10.56 4.75 -9.35
N ASP A 52 -10.72 5.95 -9.88
CA ASP A 52 -9.70 6.56 -10.75
C ASP A 52 -8.30 6.31 -10.19
N SER A 53 -8.19 6.36 -8.86
CA SER A 53 -6.91 6.15 -8.20
C SER A 53 -6.61 4.67 -8.05
N VAL A 54 -7.67 3.87 -7.92
CA VAL A 54 -7.52 2.43 -7.77
C VAL A 54 -7.06 1.78 -9.07
N ALA A 55 -7.38 2.43 -10.19
CA ALA A 55 -6.99 1.91 -11.50
C ALA A 55 -5.53 2.19 -11.79
N ALA A 56 -5.06 3.36 -11.37
CA ALA A 56 -3.66 3.75 -11.58
C ALA A 56 -2.74 3.00 -10.64
N HIS A 57 -3.17 2.84 -9.39
CA HIS A 57 -2.38 2.13 -8.38
C HIS A 57 -1.98 0.75 -8.88
N ARG A 58 -2.88 0.11 -9.62
CA ARG A 58 -2.62 -1.22 -10.16
C ARG A 58 -1.56 -1.16 -11.27
N SER A 59 -1.38 0.01 -11.84
CA SER A 59 -0.42 0.20 -12.91
C SER A 59 0.93 0.68 -12.36
N LYS A 60 0.97 0.92 -11.06
CA LYS A 60 2.19 1.37 -10.41
C LYS A 60 2.66 0.36 -9.35
N SER A 61 1.69 -0.30 -8.72
CA SER A 61 1.99 -1.29 -7.68
C SER A 61 1.72 -2.70 -8.19
N HIS A 62 0.76 -2.82 -9.11
CA HIS A 62 0.40 -4.12 -9.68
C HIS A 62 0.66 -4.14 -11.18
N PRO A 63 1.68 -3.38 -11.62
CA PRO A 63 2.04 -3.31 -13.04
C PRO A 63 2.64 -4.61 -13.56
N ALA A 64 2.90 -5.54 -12.66
CA ALA A 64 3.47 -6.83 -13.02
C ALA A 64 2.41 -7.92 -13.03
N LEU A 65 1.23 -7.60 -12.49
CA LEU A 65 0.13 -8.56 -12.44
C LEU A 65 -0.84 -8.33 -13.59
N LEU A 66 -1.31 -7.09 -13.73
CA LEU A 66 -2.24 -6.75 -14.79
C LEU A 66 -1.91 -7.50 -16.08
N LEU A 67 -0.63 -7.55 -16.41
CA LEU A 67 -0.18 -8.25 -17.61
C LEU A 67 -0.61 -9.71 -17.60
N ALA A 68 -0.47 -10.38 -18.74
CA ALA A 68 -0.84 -11.78 -18.85
C ALA A 68 0.00 -12.64 -17.91
N PRO A 69 -0.49 -13.87 -17.64
CA PRO A 69 0.20 -14.81 -16.75
C PRO A 69 1.49 -15.35 -17.37
N GLN A 70 2.05 -16.39 -16.75
CA GLN A 70 3.28 -16.99 -17.24
C GLN A 70 3.27 -17.08 -18.77
N GLU A 71 2.15 -17.50 -19.32
CA GLU A 71 2.01 -17.63 -20.77
C GLU A 71 1.83 -16.26 -21.42
N SER A 72 2.78 -15.89 -22.27
CA SER A 72 2.73 -14.60 -22.96
C SER A 72 1.70 -14.63 -24.08
N SER A 73 1.19 -13.45 -24.44
CA SER A 73 0.19 -13.34 -25.49
C SER A 73 0.79 -13.69 -26.85
N GLY A 74 -0.07 -13.80 -27.86
CA GLY A 74 0.39 -14.13 -29.19
C GLY A 74 1.28 -13.05 -29.78
N PRO A 75 0.83 -12.43 -30.89
CA PRO A 75 1.57 -11.38 -31.56
C PRO A 75 1.63 -10.08 -30.74
N SER A 76 0.53 -9.78 -30.05
CA SER A 76 0.45 -8.58 -29.23
C SER A 76 1.58 -8.54 -28.22
N SER A 77 2.38 -7.47 -28.28
CA SER A 77 3.51 -7.31 -27.36
C SER A 77 3.16 -6.34 -26.24
N GLY A 78 3.69 -6.61 -25.05
CA GLY A 78 3.43 -5.74 -23.92
C GLY A 78 1.96 -5.41 -23.76
ZN ZN B . 0.82 5.29 8.39
ZN ZN C . -3.28 -2.96 -4.89
N GLY A 1 11.49 -2.86 1.88
CA GLY A 1 11.16 -4.27 1.95
C GLY A 1 11.61 -4.89 3.25
N SER A 2 12.93 -4.97 3.45
CA SER A 2 13.48 -5.56 4.66
C SER A 2 14.21 -4.51 5.49
N SER A 3 13.75 -4.31 6.72
CA SER A 3 14.35 -3.33 7.61
C SER A 3 14.70 -3.96 8.95
N GLY A 4 15.80 -3.52 9.55
CA GLY A 4 16.23 -4.06 10.82
C GLY A 4 16.99 -3.04 11.66
N SER A 5 16.40 -1.85 11.82
CA SER A 5 17.03 -0.80 12.59
C SER A 5 16.06 -0.21 13.61
N SER A 6 16.54 0.74 14.41
CA SER A 6 15.71 1.37 15.43
C SER A 6 14.81 2.44 14.82
N GLY A 7 13.50 2.19 14.85
CA GLY A 7 12.56 3.15 14.28
C GLY A 7 11.16 2.57 14.17
N LEU A 8 10.17 3.38 14.49
CA LEU A 8 8.77 2.96 14.43
C LEU A 8 8.31 2.82 12.98
N GLN A 9 7.49 1.81 12.71
CA GLN A 9 6.98 1.58 11.36
C GLN A 9 5.48 1.31 11.39
N CYS A 10 4.73 2.05 10.58
CA CYS A 10 3.28 1.90 10.52
C CYS A 10 2.91 0.66 9.71
N GLU A 11 1.77 0.06 10.05
CA GLU A 11 1.29 -1.13 9.36
C GLU A 11 0.21 -0.78 8.34
N ILE A 12 -0.57 0.25 8.66
CA ILE A 12 -1.65 0.69 7.78
C ILE A 12 -1.15 0.86 6.35
N CYS A 13 -0.17 1.73 6.17
CA CYS A 13 0.40 1.99 4.85
C CYS A 13 1.83 1.44 4.75
N GLY A 14 2.57 1.58 5.85
CA GLY A 14 3.94 1.10 5.87
C GLY A 14 4.95 2.24 5.96
N PHE A 15 4.65 3.23 6.80
CA PHE A 15 5.54 4.37 6.96
C PHE A 15 6.53 4.13 8.10
N THR A 16 7.45 5.06 8.28
CA THR A 16 8.46 4.95 9.32
C THR A 16 8.86 6.32 9.86
N CYS A 17 8.88 6.45 11.18
CA CYS A 17 9.23 7.71 11.82
C CYS A 17 9.85 7.46 13.20
N ARG A 18 11.06 7.97 13.40
CA ARG A 18 11.76 7.80 14.67
C ARG A 18 10.97 8.45 15.81
N GLN A 19 10.46 9.65 15.57
CA GLN A 19 9.69 10.38 16.57
C GLN A 19 8.32 9.73 16.78
N LYS A 20 8.06 9.28 18.00
CA LYS A 20 6.78 8.65 18.32
C LYS A 20 5.61 9.58 18.01
N ALA A 21 5.69 10.81 18.51
CA ALA A 21 4.64 11.79 18.27
C ALA A 21 4.19 11.78 16.81
N SER A 22 5.15 11.84 15.90
CA SER A 22 4.85 11.83 14.47
C SER A 22 3.94 10.66 14.10
N LEU A 23 4.28 9.48 14.63
CA LEU A 23 3.49 8.28 14.36
C LEU A 23 2.03 8.50 14.70
N ASN A 24 1.75 8.82 15.96
CA ASN A 24 0.39 9.06 16.41
C ASN A 24 -0.35 9.99 15.45
N TRP A 25 0.22 11.16 15.22
CA TRP A 25 -0.38 12.14 14.33
C TRP A 25 -0.56 11.56 12.93
N HIS A 26 0.26 10.57 12.59
CA HIS A 26 0.18 9.92 11.28
C HIS A 26 -0.86 8.80 11.29
N GLN A 27 -1.17 8.30 12.47
CA GLN A 27 -2.14 7.22 12.61
C GLN A 27 -3.56 7.79 12.77
N ARG A 28 -3.68 8.86 13.55
CA ARG A 28 -4.97 9.49 13.77
C ARG A 28 -5.72 9.68 12.46
N LYS A 29 -4.99 10.03 11.41
CA LYS A 29 -5.59 10.25 10.10
C LYS A 29 -6.06 8.92 9.49
N HIS A 30 -5.28 7.88 9.71
CA HIS A 30 -5.61 6.55 9.18
C HIS A 30 -6.99 6.11 9.66
N ALA A 31 -7.30 6.42 10.92
CA ALA A 31 -8.59 6.05 11.49
C ALA A 31 -9.74 6.59 10.65
N GLU A 32 -9.64 7.84 10.25
CA GLU A 32 -10.67 8.46 9.42
C GLU A 32 -10.54 8.04 7.97
N THR A 33 -9.30 7.89 7.50
CA THR A 33 -9.04 7.50 6.13
C THR A 33 -9.59 6.10 5.85
N VAL A 34 -9.07 5.11 6.58
CA VAL A 34 -9.50 3.73 6.41
C VAL A 34 -10.98 3.67 6.01
N ALA A 35 -11.78 4.56 6.59
CA ALA A 35 -13.21 4.60 6.28
C ALA A 35 -13.46 5.21 4.91
N ALA A 36 -13.05 6.47 4.74
CA ALA A 36 -13.23 7.17 3.48
C ALA A 36 -13.10 6.22 2.30
N LEU A 37 -12.16 5.28 2.39
CA LEU A 37 -11.95 4.32 1.32
C LEU A 37 -13.21 3.49 1.07
N ARG A 38 -13.71 3.56 -0.16
CA ARG A 38 -14.91 2.82 -0.53
C ARG A 38 -14.61 1.80 -1.63
N PHE A 39 -13.64 2.13 -2.48
CA PHE A 39 -13.25 1.25 -3.57
C PHE A 39 -12.03 0.43 -3.20
N PRO A 40 -12.25 -0.85 -2.85
CA PRO A 40 -11.18 -1.77 -2.46
C PRO A 40 -10.30 -2.15 -3.64
N CYS A 41 -9.21 -2.87 -3.35
CA CYS A 41 -8.28 -3.30 -4.39
C CYS A 41 -8.41 -4.79 -4.64
N GLU A 42 -9.02 -5.15 -5.76
CA GLU A 42 -9.20 -6.56 -6.13
C GLU A 42 -7.87 -7.23 -6.40
N PHE A 43 -6.79 -6.45 -6.31
CA PHE A 43 -5.44 -6.97 -6.55
C PHE A 43 -4.81 -7.45 -5.24
N CYS A 44 -4.82 -6.59 -4.23
CA CYS A 44 -4.25 -6.93 -2.94
C CYS A 44 -5.32 -6.91 -1.84
N GLY A 45 -6.25 -5.97 -1.97
CA GLY A 45 -7.32 -5.86 -0.99
C GLY A 45 -7.41 -4.47 -0.39
N LYS A 46 -6.42 -3.64 -0.67
CA LYS A 46 -6.39 -2.27 -0.16
C LYS A 46 -7.70 -1.55 -0.48
N ARG A 47 -7.78 -0.29 -0.07
CA ARG A 47 -8.96 0.52 -0.31
C ARG A 47 -8.60 1.99 -0.53
N PHE A 48 -9.33 2.64 -1.43
CA PHE A 48 -9.07 4.05 -1.73
C PHE A 48 -10.38 4.85 -1.71
N GLU A 49 -10.29 6.10 -1.29
CA GLU A 49 -11.45 6.97 -1.22
C GLU A 49 -12.16 7.05 -2.58
N LYS A 50 -11.43 6.72 -3.64
CA LYS A 50 -11.98 6.74 -4.99
C LYS A 50 -11.26 5.74 -5.88
N PRO A 51 -11.89 5.42 -7.03
CA PRO A 51 -11.33 4.47 -7.99
C PRO A 51 -10.10 5.03 -8.71
N ASP A 52 -10.19 6.28 -9.12
CA ASP A 52 -9.09 6.93 -9.82
C ASP A 52 -7.74 6.58 -9.17
N SER A 53 -7.73 6.53 -7.84
CA SER A 53 -6.52 6.21 -7.10
C SER A 53 -6.27 4.71 -7.10
N VAL A 54 -7.35 3.93 -7.20
CA VAL A 54 -7.25 2.48 -7.21
C VAL A 54 -6.64 1.98 -8.51
N ALA A 55 -6.91 2.68 -9.60
CA ALA A 55 -6.39 2.32 -10.91
C ALA A 55 -4.90 2.61 -11.00
N ALA A 56 -4.47 3.72 -10.41
CA ALA A 56 -3.07 4.12 -10.43
C ALA A 56 -2.24 3.24 -9.50
N HIS A 57 -2.81 2.91 -8.35
CA HIS A 57 -2.12 2.07 -7.36
C HIS A 57 -1.71 0.74 -7.99
N ARG A 58 -2.52 0.23 -8.90
CA ARG A 58 -2.24 -1.03 -9.56
C ARG A 58 -1.12 -0.87 -10.58
N SER A 59 -0.85 0.37 -10.98
CA SER A 59 0.19 0.66 -11.96
C SER A 59 1.50 0.97 -11.26
N LYS A 60 1.45 1.10 -9.93
CA LYS A 60 2.64 1.39 -9.14
C LYS A 60 2.95 0.26 -8.17
N SER A 61 1.90 -0.45 -7.74
CA SER A 61 2.06 -1.56 -6.81
C SER A 61 1.79 -2.89 -7.49
N HIS A 62 0.89 -2.87 -8.48
CA HIS A 62 0.55 -4.07 -9.22
C HIS A 62 0.90 -3.93 -10.70
N PRO A 63 1.99 -3.20 -10.98
CA PRO A 63 2.47 -2.96 -12.34
C PRO A 63 3.05 -4.23 -12.97
N ALA A 64 3.21 -5.27 -12.16
CA ALA A 64 3.75 -6.53 -12.64
C ALA A 64 2.64 -7.55 -12.86
N LEU A 65 1.45 -7.22 -12.40
CA LEU A 65 0.30 -8.12 -12.55
C LEU A 65 -0.52 -7.75 -13.78
N LEU A 66 -0.87 -6.47 -13.90
CA LEU A 66 -1.65 -5.99 -15.03
C LEU A 66 -1.26 -6.72 -16.31
N LEU A 67 0.04 -6.92 -16.50
CA LEU A 67 0.54 -7.61 -17.68
C LEU A 67 -0.16 -8.96 -17.88
N ALA A 68 -0.25 -9.40 -19.12
CA ALA A 68 -0.89 -10.66 -19.43
C ALA A 68 -0.33 -11.79 -18.59
N PRO A 69 -1.16 -12.80 -18.30
CA PRO A 69 -0.77 -13.96 -17.50
C PRO A 69 0.23 -14.86 -18.23
N GLN A 70 1.49 -14.47 -18.23
CA GLN A 70 2.54 -15.24 -18.89
C GLN A 70 2.59 -16.66 -18.35
N GLU A 71 2.39 -16.80 -17.04
CA GLU A 71 2.42 -18.10 -16.40
C GLU A 71 3.79 -18.76 -16.56
N SER A 72 4.84 -17.94 -16.49
CA SER A 72 6.20 -18.44 -16.64
C SER A 72 6.58 -19.35 -15.47
N SER A 73 6.28 -18.89 -14.26
CA SER A 73 6.59 -19.65 -13.05
C SER A 73 5.33 -20.31 -12.49
N GLY A 74 5.52 -21.37 -11.71
CA GLY A 74 4.40 -22.07 -11.12
C GLY A 74 4.25 -21.78 -9.64
N PRO A 75 3.47 -20.73 -9.31
CA PRO A 75 3.24 -20.33 -7.92
C PRO A 75 2.36 -21.33 -7.18
N SER A 76 1.74 -22.24 -7.92
CA SER A 76 0.87 -23.25 -7.33
C SER A 76 1.49 -23.82 -6.06
N SER A 77 2.79 -24.10 -6.12
CA SER A 77 3.50 -24.67 -4.98
C SER A 77 3.40 -23.74 -3.76
N GLY A 78 3.09 -24.32 -2.61
CA GLY A 78 2.96 -23.55 -1.40
C GLY A 78 1.53 -23.17 -1.09
ZN ZN B . 0.57 4.73 7.84
ZN ZN C . -3.42 -3.35 -4.59
N GLY A 1 18.55 -11.82 11.84
CA GLY A 1 18.16 -10.70 12.67
C GLY A 1 16.69 -10.36 12.52
N SER A 2 16.42 -9.14 12.04
CA SER A 2 15.05 -8.69 11.85
C SER A 2 14.93 -7.79 10.63
N SER A 3 13.70 -7.59 10.16
CA SER A 3 13.47 -6.74 8.99
C SER A 3 13.77 -5.28 9.30
N GLY A 4 13.02 -4.73 10.24
CA GLY A 4 13.23 -3.33 10.61
C GLY A 4 14.51 -3.13 11.40
N SER A 5 15.42 -2.34 10.85
CA SER A 5 16.69 -2.07 11.50
C SER A 5 16.58 -0.87 12.44
N SER A 6 15.99 0.21 11.94
CA SER A 6 15.82 1.42 12.74
C SER A 6 14.61 2.22 12.26
N GLY A 7 13.75 2.62 13.20
CA GLY A 7 12.57 3.38 12.85
C GLY A 7 11.29 2.64 13.16
N LEU A 8 10.22 3.39 13.42
CA LEU A 8 8.93 2.79 13.74
C LEU A 8 8.21 2.35 12.46
N GLN A 9 7.41 1.28 12.57
CA GLN A 9 6.68 0.77 11.43
C GLN A 9 5.18 0.74 11.72
N CYS A 10 4.41 1.45 10.90
CA CYS A 10 2.95 1.51 11.08
C CYS A 10 2.31 0.18 10.70
N GLU A 11 1.17 -0.11 11.31
CA GLU A 11 0.45 -1.36 11.04
C GLU A 11 -0.69 -1.11 10.05
N ILE A 12 -1.29 0.07 10.12
CA ILE A 12 -2.40 0.42 9.24
C ILE A 12 -2.00 0.27 7.78
N CYS A 13 -1.10 1.14 7.32
CA CYS A 13 -0.63 1.10 5.93
C CYS A 13 0.73 0.42 5.84
N GLY A 14 1.62 0.75 6.77
CA GLY A 14 2.94 0.17 6.77
C GLY A 14 4.03 1.20 6.55
N PHE A 15 3.77 2.44 6.96
CA PHE A 15 4.73 3.52 6.80
C PHE A 15 5.88 3.37 7.79
N THR A 16 6.90 4.21 7.63
CA THR A 16 8.06 4.17 8.51
C THR A 16 8.46 5.58 8.96
N CYS A 17 8.65 5.75 10.26
CA CYS A 17 9.03 7.05 10.81
C CYS A 17 10.00 6.87 11.97
N ARG A 18 11.08 7.66 11.96
CA ARG A 18 12.09 7.59 13.00
C ARG A 18 11.53 8.11 14.33
N GLN A 19 10.86 9.25 14.27
CA GLN A 19 10.28 9.86 15.46
C GLN A 19 8.96 9.19 15.84
N LYS A 20 8.59 9.28 17.10
CA LYS A 20 7.35 8.69 17.58
C LYS A 20 6.15 9.57 17.23
N ALA A 21 6.24 10.84 17.60
CA ALA A 21 5.16 11.79 17.32
C ALA A 21 4.60 11.58 15.91
N SER A 22 5.48 11.62 14.92
CA SER A 22 5.08 11.44 13.53
C SER A 22 4.08 10.30 13.39
N LEU A 23 4.40 9.16 14.00
CA LEU A 23 3.54 8.00 13.94
C LEU A 23 2.15 8.32 14.50
N ASN A 24 2.12 8.88 15.71
CA ASN A 24 0.86 9.23 16.35
C ASN A 24 0.04 10.16 15.45
N TRP A 25 0.70 11.18 14.92
CA TRP A 25 0.04 12.15 14.04
C TRP A 25 -0.38 11.49 12.73
N HIS A 26 0.41 10.51 12.28
CA HIS A 26 0.12 9.81 11.04
C HIS A 26 -0.91 8.71 11.26
N GLN A 27 -1.10 8.33 12.52
CA GLN A 27 -2.06 7.29 12.87
C GLN A 27 -3.44 7.88 13.11
N ARG A 28 -3.47 9.07 13.71
CA ARG A 28 -4.73 9.75 14.01
C ARG A 28 -5.52 10.01 12.73
N LYS A 29 -4.81 10.21 11.63
CA LYS A 29 -5.45 10.46 10.34
C LYS A 29 -6.07 9.18 9.79
N HIS A 30 -5.42 8.05 10.03
CA HIS A 30 -5.91 6.77 9.55
C HIS A 30 -7.36 6.56 9.95
N ALA A 31 -7.70 6.95 11.17
CA ALA A 31 -9.06 6.81 11.68
C ALA A 31 -10.07 7.44 10.71
N GLU A 32 -9.72 8.60 10.17
CA GLU A 32 -10.59 9.29 9.24
C GLU A 32 -10.44 8.73 7.82
N THR A 33 -9.19 8.50 7.42
CA THR A 33 -8.91 7.97 6.09
C THR A 33 -9.62 6.63 5.87
N VAL A 34 -9.32 5.67 6.73
CA VAL A 34 -9.93 4.34 6.63
C VAL A 34 -11.36 4.43 6.11
N ALA A 35 -12.10 5.41 6.63
CA ALA A 35 -13.49 5.61 6.21
C ALA A 35 -13.57 6.24 4.82
N ALA A 36 -12.80 7.31 4.62
CA ALA A 36 -12.78 8.01 3.35
C ALA A 36 -12.71 7.02 2.18
N LEU A 37 -12.01 5.91 2.40
CA LEU A 37 -11.87 4.88 1.37
C LEU A 37 -13.15 4.09 1.21
N ARG A 38 -13.71 4.11 0.00
CA ARG A 38 -14.94 3.39 -0.29
C ARG A 38 -14.71 2.33 -1.35
N PHE A 39 -13.75 2.58 -2.24
CA PHE A 39 -13.43 1.64 -3.31
C PHE A 39 -12.24 0.77 -2.94
N PRO A 40 -12.53 -0.48 -2.54
CA PRO A 40 -11.49 -1.44 -2.14
C PRO A 40 -10.65 -1.90 -3.33
N CYS A 41 -9.60 -2.65 -3.05
CA CYS A 41 -8.71 -3.16 -4.08
C CYS A 41 -8.93 -4.66 -4.30
N GLU A 42 -9.56 -4.99 -5.41
CA GLU A 42 -9.83 -6.39 -5.74
C GLU A 42 -8.53 -7.15 -6.00
N PHE A 43 -7.41 -6.44 -5.92
CA PHE A 43 -6.10 -7.05 -6.15
C PHE A 43 -5.50 -7.54 -4.82
N CYS A 44 -5.43 -6.63 -3.85
CA CYS A 44 -4.88 -6.97 -2.55
C CYS A 44 -5.93 -6.81 -1.46
N GLY A 45 -6.84 -5.86 -1.64
CA GLY A 45 -7.88 -5.63 -0.67
C GLY A 45 -7.85 -4.21 -0.11
N LYS A 46 -6.83 -3.46 -0.48
CA LYS A 46 -6.68 -2.08 -0.02
C LYS A 46 -7.95 -1.29 -0.27
N ARG A 47 -7.94 -0.01 0.11
CA ARG A 47 -9.10 0.85 -0.07
C ARG A 47 -8.66 2.28 -0.39
N PHE A 48 -9.36 2.92 -1.33
CA PHE A 48 -9.05 4.28 -1.72
C PHE A 48 -10.29 5.16 -1.69
N GLU A 49 -10.10 6.44 -1.37
CA GLU A 49 -11.21 7.38 -1.31
C GLU A 49 -11.97 7.43 -2.63
N LYS A 50 -11.32 6.97 -3.69
CA LYS A 50 -11.92 6.97 -5.03
C LYS A 50 -11.29 5.88 -5.90
N PRO A 51 -11.98 5.54 -7.01
CA PRO A 51 -11.50 4.54 -7.95
C PRO A 51 -10.28 5.00 -8.74
N ASP A 52 -10.31 6.25 -9.19
CA ASP A 52 -9.19 6.81 -9.94
C ASP A 52 -7.86 6.44 -9.31
N SER A 53 -7.82 6.42 -7.99
CA SER A 53 -6.60 6.08 -7.26
C SER A 53 -6.41 4.57 -7.19
N VAL A 54 -7.51 3.84 -7.24
CA VAL A 54 -7.47 2.38 -7.19
C VAL A 54 -6.94 1.80 -8.49
N ALA A 55 -7.17 2.52 -9.58
CA ALA A 55 -6.71 2.07 -10.90
C ALA A 55 -5.21 2.29 -11.06
N ALA A 56 -4.72 3.39 -10.52
CA ALA A 56 -3.30 3.71 -10.60
C ALA A 56 -2.48 2.86 -9.63
N HIS A 57 -3.05 2.63 -8.45
CA HIS A 57 -2.37 1.82 -7.44
C HIS A 57 -1.97 0.47 -7.99
N ARG A 58 -2.80 -0.08 -8.88
CA ARG A 58 -2.52 -1.37 -9.48
C ARG A 58 -1.34 -1.29 -10.45
N SER A 59 -1.03 -0.07 -10.89
CA SER A 59 0.07 0.15 -11.82
C SER A 59 1.35 0.49 -11.08
N LYS A 60 1.23 0.64 -9.77
CA LYS A 60 2.39 0.95 -8.93
C LYS A 60 2.65 -0.15 -7.91
N SER A 61 1.59 -0.85 -7.53
CA SER A 61 1.70 -1.93 -6.56
C SER A 61 1.40 -3.29 -7.21
N HIS A 62 0.55 -3.26 -8.22
CA HIS A 62 0.18 -4.48 -8.94
C HIS A 62 0.59 -4.40 -10.40
N PRO A 63 1.70 -3.68 -10.67
CA PRO A 63 2.22 -3.51 -12.03
C PRO A 63 2.80 -4.81 -12.59
N ALA A 64 2.99 -5.79 -11.73
CA ALA A 64 3.54 -7.07 -12.13
C ALA A 64 2.43 -8.10 -12.36
N LEU A 65 1.24 -7.79 -11.88
CA LEU A 65 0.09 -8.67 -12.02
C LEU A 65 -0.74 -8.30 -13.24
N LEU A 66 -1.14 -7.04 -13.31
CA LEU A 66 -1.95 -6.55 -14.42
C LEU A 66 -1.43 -7.10 -15.74
N LEU A 67 -0.13 -6.94 -15.98
CA LEU A 67 0.49 -7.41 -17.20
C LEU A 67 0.46 -8.94 -17.27
N ALA A 68 0.94 -9.48 -18.39
CA ALA A 68 0.96 -10.93 -18.58
C ALA A 68 2.38 -11.41 -18.90
N PRO A 69 2.63 -12.70 -18.66
CA PRO A 69 3.93 -13.32 -18.90
C PRO A 69 4.24 -13.44 -20.39
N GLN A 70 5.34 -12.83 -20.82
CA GLN A 70 5.74 -12.86 -22.22
C GLN A 70 6.11 -14.28 -22.65
N GLU A 71 6.17 -14.51 -23.95
CA GLU A 71 6.52 -15.82 -24.48
C GLU A 71 5.43 -16.84 -24.17
N SER A 72 4.18 -16.43 -24.35
CA SER A 72 3.04 -17.31 -24.08
C SER A 72 2.71 -18.16 -25.31
N SER A 73 2.21 -19.37 -25.06
CA SER A 73 1.85 -20.28 -26.14
C SER A 73 0.88 -19.61 -27.11
N GLY A 74 1.16 -19.75 -28.41
CA GLY A 74 0.31 -19.16 -29.43
C GLY A 74 0.75 -19.52 -30.83
N PRO A 75 0.60 -18.57 -31.76
CA PRO A 75 0.98 -18.78 -33.16
C PRO A 75 2.49 -18.86 -33.35
N SER A 76 2.92 -19.86 -34.12
CA SER A 76 4.35 -20.05 -34.37
C SER A 76 4.68 -19.80 -35.84
N SER A 77 3.74 -20.16 -36.72
CA SER A 77 3.94 -19.97 -38.16
C SER A 77 5.13 -20.78 -38.65
N GLY A 78 5.24 -22.01 -38.18
CA GLY A 78 6.34 -22.87 -38.60
C GLY A 78 7.67 -22.13 -38.64
ZN ZN B . 0.04 4.16 8.40
ZN ZN C . -3.84 -3.44 -4.42
N GLY A 1 34.12 4.68 6.89
CA GLY A 1 32.88 5.37 6.60
C GLY A 1 31.65 4.53 6.87
N SER A 2 31.13 4.64 8.09
CA SER A 2 29.95 3.87 8.48
C SER A 2 28.70 4.73 8.43
N SER A 3 27.55 4.11 8.17
CA SER A 3 26.29 4.82 8.10
C SER A 3 25.22 4.14 8.94
N GLY A 4 24.72 4.84 9.94
CA GLY A 4 23.70 4.28 10.81
C GLY A 4 22.59 5.26 11.11
N SER A 5 21.36 4.88 10.78
CA SER A 5 20.21 5.74 11.01
C SER A 5 19.03 4.96 11.58
N SER A 6 18.24 5.60 12.43
CA SER A 6 17.09 4.95 13.06
C SER A 6 15.80 5.71 12.74
N GLY A 7 14.67 5.07 13.04
CA GLY A 7 13.39 5.70 12.77
C GLY A 7 12.29 4.69 12.51
N LEU A 8 11.08 4.99 12.97
CA LEU A 8 9.94 4.10 12.78
C LEU A 8 9.43 4.17 11.34
N GLN A 9 8.69 3.16 10.93
CA GLN A 9 8.13 3.10 9.59
C GLN A 9 6.72 2.53 9.60
N CYS A 10 5.74 3.35 9.24
CA CYS A 10 4.35 2.93 9.22
C CYS A 10 4.09 1.97 8.06
N GLU A 11 3.14 1.06 8.25
CA GLU A 11 2.80 0.10 7.21
C GLU A 11 1.55 0.53 6.44
N ILE A 12 0.66 1.24 7.13
CA ILE A 12 -0.57 1.71 6.52
C ILE A 12 -0.29 2.46 5.21
N CYS A 13 0.49 3.53 5.31
CA CYS A 13 0.84 4.33 4.14
C CYS A 13 2.33 4.20 3.81
N GLY A 14 3.15 4.14 4.86
CA GLY A 14 4.58 4.02 4.66
C GLY A 14 5.34 5.24 5.12
N PHE A 15 4.88 5.84 6.21
CA PHE A 15 5.51 7.04 6.75
C PHE A 15 6.69 6.66 7.65
N THR A 16 7.42 7.68 8.12
CA THR A 16 8.56 7.46 8.99
C THR A 16 8.68 8.57 10.03
N CYS A 17 8.88 8.18 11.28
CA CYS A 17 9.01 9.14 12.38
C CYS A 17 10.08 8.69 13.37
N ARG A 18 10.77 9.66 13.96
CA ARG A 18 11.83 9.36 14.93
C ARG A 18 11.22 9.13 16.32
N GLN A 19 10.30 10.00 16.71
CA GLN A 19 9.66 9.90 18.01
C GLN A 19 8.45 8.98 17.95
N LYS A 20 8.44 7.97 18.81
CA LYS A 20 7.33 7.01 18.85
C LYS A 20 5.99 7.73 18.90
N ALA A 21 5.86 8.68 19.84
CA ALA A 21 4.63 9.43 19.98
C ALA A 21 4.09 9.89 18.63
N SER A 22 4.96 10.51 17.83
CA SER A 22 4.58 10.99 16.52
C SER A 22 3.79 9.94 15.76
N LEU A 23 4.27 8.70 15.79
CA LEU A 23 3.62 7.59 15.11
C LEU A 23 2.15 7.47 15.55
N ASN A 24 1.94 7.36 16.85
CA ASN A 24 0.59 7.23 17.39
C ASN A 24 -0.33 8.30 16.79
N TRP A 25 0.13 9.54 16.80
CA TRP A 25 -0.65 10.65 16.26
C TRP A 25 -0.80 10.52 14.75
N HIS A 26 0.15 9.85 14.11
CA HIS A 26 0.11 9.65 12.67
C HIS A 26 -0.78 8.46 12.30
N GLN A 27 -1.09 7.64 13.30
CA GLN A 27 -1.93 6.46 13.08
C GLN A 27 -3.39 6.78 13.33
N ARG A 28 -3.66 7.54 14.40
CA ARG A 28 -5.02 7.92 14.75
C ARG A 28 -5.74 8.51 13.54
N LYS A 29 -5.01 9.25 12.72
CA LYS A 29 -5.58 9.86 11.53
C LYS A 29 -6.05 8.80 10.54
N HIS A 30 -5.24 7.75 10.37
CA HIS A 30 -5.57 6.67 9.45
C HIS A 30 -6.99 6.15 9.71
N ALA A 31 -7.31 5.96 11.00
CA ALA A 31 -8.63 5.46 11.38
C ALA A 31 -9.74 6.31 10.76
N GLU A 32 -9.49 7.60 10.65
CA GLU A 32 -10.47 8.52 10.08
C GLU A 32 -10.39 8.53 8.55
N THR A 33 -9.16 8.47 8.04
CA THR A 33 -8.93 8.48 6.60
C THR A 33 -9.61 7.27 5.94
N VAL A 34 -9.33 6.09 6.46
CA VAL A 34 -9.91 4.86 5.93
C VAL A 34 -11.35 5.08 5.50
N ALA A 35 -12.08 5.88 6.27
CA ALA A 35 -13.48 6.17 5.97
C ALA A 35 -13.65 6.56 4.51
N ALA A 36 -12.89 7.56 4.07
CA ALA A 36 -12.96 8.04 2.70
C ALA A 36 -12.87 6.87 1.71
N LEU A 37 -11.89 6.01 1.93
CA LEU A 37 -11.69 4.84 1.05
C LEU A 37 -12.95 3.99 1.00
N ARG A 38 -13.60 3.98 -0.16
CA ARG A 38 -14.81 3.19 -0.35
C ARG A 38 -14.62 2.13 -1.42
N PHE A 39 -13.65 2.36 -2.30
CA PHE A 39 -13.36 1.43 -3.39
C PHE A 39 -12.16 0.55 -3.04
N PRO A 40 -12.43 -0.69 -2.62
CA PRO A 40 -11.40 -1.66 -2.26
C PRO A 40 -10.59 -2.13 -3.47
N CYS A 41 -9.46 -2.77 -3.20
CA CYS A 41 -8.60 -3.28 -4.27
C CYS A 41 -8.80 -4.79 -4.45
N GLU A 42 -9.44 -5.16 -5.55
CA GLU A 42 -9.69 -6.57 -5.84
C GLU A 42 -8.38 -7.31 -6.12
N PHE A 43 -7.26 -6.58 -6.03
CA PHE A 43 -5.95 -7.17 -6.28
C PHE A 43 -5.30 -7.58 -4.96
N CYS A 44 -5.11 -6.61 -4.07
CA CYS A 44 -4.49 -6.87 -2.77
C CYS A 44 -5.50 -6.72 -1.64
N GLY A 45 -6.47 -5.84 -1.84
CA GLY A 45 -7.49 -5.61 -0.84
C GLY A 45 -7.50 -4.19 -0.30
N LYS A 46 -6.52 -3.40 -0.75
CA LYS A 46 -6.41 -2.01 -0.32
C LYS A 46 -7.74 -1.28 -0.52
N ARG A 47 -7.75 0.01 -0.20
CA ARG A 47 -8.94 0.83 -0.34
C ARG A 47 -8.58 2.27 -0.69
N PHE A 48 -9.32 2.86 -1.63
CA PHE A 48 -9.08 4.23 -2.05
C PHE A 48 -10.36 5.06 -1.97
N GLU A 49 -10.20 6.37 -1.86
CA GLU A 49 -11.34 7.27 -1.77
C GLU A 49 -12.09 7.31 -3.10
N LYS A 50 -11.47 6.78 -4.15
CA LYS A 50 -12.08 6.76 -5.47
C LYS A 50 -11.44 5.68 -6.34
N PRO A 51 -12.14 5.30 -7.42
CA PRO A 51 -11.67 4.29 -8.36
C PRO A 51 -10.48 4.77 -9.18
N ASP A 52 -10.54 6.02 -9.62
CA ASP A 52 -9.46 6.60 -10.42
C ASP A 52 -8.10 6.27 -9.82
N SER A 53 -8.03 6.22 -8.49
CA SER A 53 -6.80 5.92 -7.79
C SER A 53 -6.57 4.41 -7.70
N VAL A 54 -7.67 3.66 -7.65
CA VAL A 54 -7.59 2.21 -7.56
C VAL A 54 -7.09 1.61 -8.88
N ALA A 55 -7.37 2.31 -9.98
CA ALA A 55 -6.94 1.84 -11.29
C ALA A 55 -5.45 2.08 -11.51
N ALA A 56 -4.97 3.24 -11.05
CA ALA A 56 -3.56 3.58 -11.19
C ALA A 56 -2.70 2.77 -10.23
N HIS A 57 -3.24 2.49 -9.04
CA HIS A 57 -2.52 1.73 -8.03
C HIS A 57 -2.12 0.35 -8.56
N ARG A 58 -2.95 -0.20 -9.45
CA ARG A 58 -2.69 -1.51 -10.03
C ARG A 58 -1.55 -1.42 -11.05
N SER A 59 -1.30 -0.22 -11.54
CA SER A 59 -0.24 0.00 -12.53
C SER A 59 1.07 0.38 -11.84
N LYS A 60 1.01 0.57 -10.53
CA LYS A 60 2.19 0.93 -9.76
C LYS A 60 2.52 -0.14 -8.73
N SER A 61 1.48 -0.82 -8.24
CA SER A 61 1.66 -1.86 -7.23
C SER A 61 1.38 -3.24 -7.83
N HIS A 62 0.48 -3.28 -8.81
CA HIS A 62 0.12 -4.53 -9.47
C HIS A 62 0.46 -4.48 -10.96
N PRO A 63 1.54 -3.76 -11.29
CA PRO A 63 1.99 -3.61 -12.67
C PRO A 63 2.57 -4.90 -13.24
N ALA A 64 2.83 -5.87 -12.35
CA ALA A 64 3.36 -7.16 -12.76
C ALA A 64 2.26 -8.21 -12.87
N LEU A 65 1.08 -7.88 -12.37
CA LEU A 65 -0.04 -8.79 -12.41
C LEU A 65 -0.95 -8.49 -13.60
N LEU A 66 -1.22 -7.21 -13.83
CA LEU A 66 -2.07 -6.79 -14.93
C LEU A 66 -1.65 -7.48 -16.23
N LEU A 67 -0.34 -7.53 -16.47
CA LEU A 67 0.18 -8.16 -17.67
C LEU A 67 -0.18 -9.65 -17.71
N ALA A 68 -0.31 -10.19 -18.93
CA ALA A 68 -0.64 -11.59 -19.11
C ALA A 68 0.44 -12.50 -18.55
N PRO A 69 0.07 -13.76 -18.27
CA PRO A 69 1.00 -14.76 -17.73
C PRO A 69 2.06 -15.18 -18.75
N GLN A 70 2.88 -16.14 -18.36
CA GLN A 70 3.94 -16.65 -19.24
C GLN A 70 4.43 -18.01 -18.78
N GLU A 71 5.21 -18.68 -19.63
CA GLU A 71 5.75 -19.99 -19.31
C GLU A 71 6.80 -19.90 -18.21
N SER A 72 6.62 -20.69 -17.17
CA SER A 72 7.56 -20.70 -16.05
C SER A 72 7.46 -22.00 -15.26
N SER A 73 8.58 -22.71 -15.17
CA SER A 73 8.64 -23.98 -14.46
C SER A 73 9.12 -23.77 -13.03
N GLY A 74 8.22 -24.02 -12.07
CA GLY A 74 8.57 -23.86 -10.67
C GLY A 74 7.67 -24.65 -9.75
N PRO A 75 8.27 -25.37 -8.79
CA PRO A 75 7.52 -26.18 -7.83
C PRO A 75 6.73 -25.34 -6.84
N SER A 76 5.68 -25.92 -6.27
CA SER A 76 4.84 -25.22 -5.30
C SER A 76 5.67 -24.74 -4.11
N SER A 77 5.07 -23.90 -3.27
CA SER A 77 5.73 -23.38 -2.10
C SER A 77 5.56 -24.31 -0.90
N GLY A 78 5.18 -25.56 -1.19
CA GLY A 78 4.97 -26.53 -0.13
C GLY A 78 4.09 -27.68 -0.55
ZN ZN B . 0.84 5.84 7.88
ZN ZN C . -3.79 -3.43 -4.84
N GLY A 1 27.20 11.72 -4.04
CA GLY A 1 26.38 10.73 -3.37
C GLY A 1 25.94 11.16 -2.00
N SER A 2 24.93 12.03 -1.94
CA SER A 2 24.42 12.53 -0.66
C SER A 2 23.02 12.01 -0.40
N SER A 3 22.87 11.22 0.66
CA SER A 3 21.58 10.65 1.02
C SER A 3 21.19 11.05 2.44
N GLY A 4 19.96 10.70 2.83
CA GLY A 4 19.49 11.03 4.17
C GLY A 4 19.08 9.81 4.96
N SER A 5 18.48 10.04 6.11
CA SER A 5 18.04 8.94 6.97
C SER A 5 16.92 8.15 6.32
N SER A 6 17.01 6.82 6.39
CA SER A 6 16.01 5.95 5.80
C SER A 6 14.60 6.39 6.20
N GLY A 7 14.38 6.56 7.49
CA GLY A 7 13.07 6.98 7.98
C GLY A 7 11.99 5.96 7.69
N LEU A 8 11.00 5.89 8.57
CA LEU A 8 9.89 4.96 8.40
C LEU A 8 8.97 5.39 7.26
N GLN A 9 8.29 4.42 6.67
CA GLN A 9 7.38 4.71 5.56
C GLN A 9 6.06 3.95 5.73
N CYS A 10 4.97 4.69 5.93
CA CYS A 10 3.66 4.09 6.11
C CYS A 10 3.17 3.47 4.81
N GLU A 11 2.40 2.39 4.93
CA GLU A 11 1.87 1.69 3.77
C GLU A 11 0.41 2.08 3.52
N ILE A 12 -0.29 2.42 4.59
CA ILE A 12 -1.69 2.82 4.50
C ILE A 12 -1.87 3.93 3.47
N CYS A 13 -1.19 5.05 3.69
CA CYS A 13 -1.28 6.19 2.79
C CYS A 13 0.04 6.40 2.05
N GLY A 14 1.14 6.19 2.75
CA GLY A 14 2.46 6.37 2.15
C GLY A 14 3.22 7.52 2.75
N PHE A 15 3.05 7.74 4.05
CA PHE A 15 3.72 8.83 4.74
C PHE A 15 5.09 8.37 5.27
N THR A 16 5.83 9.30 5.86
CA THR A 16 7.14 9.00 6.40
C THR A 16 7.38 9.73 7.73
N CYS A 17 7.90 9.00 8.70
CA CYS A 17 8.17 9.58 10.02
C CYS A 17 9.40 8.95 10.64
N ARG A 18 10.20 9.77 11.32
CA ARG A 18 11.42 9.29 11.96
C ARG A 18 11.11 8.66 13.32
N GLN A 19 10.33 9.36 14.13
CA GLN A 19 9.96 8.88 15.45
C GLN A 19 8.99 7.72 15.34
N LYS A 20 9.37 6.58 15.92
CA LYS A 20 8.53 5.39 15.90
C LYS A 20 7.14 5.68 16.46
N ALA A 21 7.10 6.22 17.68
CA ALA A 21 5.83 6.55 18.32
C ALA A 21 4.95 7.39 17.40
N SER A 22 5.55 8.39 16.77
CA SER A 22 4.83 9.27 15.86
C SER A 22 4.08 8.46 14.80
N LEU A 23 4.80 7.57 14.14
CA LEU A 23 4.21 6.73 13.10
C LEU A 23 2.89 6.12 13.57
N ASN A 24 2.96 5.36 14.66
CA ASN A 24 1.77 4.73 15.21
C ASN A 24 0.60 5.70 15.28
N TRP A 25 0.82 6.82 15.96
CA TRP A 25 -0.21 7.84 16.09
C TRP A 25 -0.71 8.31 14.73
N HIS A 26 0.16 8.21 13.73
CA HIS A 26 -0.20 8.61 12.37
C HIS A 26 -1.00 7.52 11.67
N GLN A 27 -0.95 6.31 12.23
CA GLN A 27 -1.68 5.18 11.65
C GLN A 27 -3.08 5.08 12.24
N ARG A 28 -3.17 5.17 13.57
CA ARG A 28 -4.45 5.10 14.26
C ARG A 28 -5.51 5.94 13.56
N LYS A 29 -5.09 7.10 13.05
CA LYS A 29 -6.00 8.01 12.35
C LYS A 29 -6.61 7.33 11.13
N HIS A 30 -5.79 6.57 10.41
CA HIS A 30 -6.26 5.86 9.23
C HIS A 30 -7.51 5.05 9.53
N ALA A 31 -7.55 4.43 10.71
CA ALA A 31 -8.69 3.63 11.13
C ALA A 31 -9.97 4.46 11.13
N GLU A 32 -9.85 5.72 11.54
CA GLU A 32 -11.00 6.62 11.60
C GLU A 32 -11.29 7.21 10.22
N THR A 33 -10.24 7.44 9.45
CA THR A 33 -10.38 8.01 8.11
C THR A 33 -10.78 6.94 7.10
N VAL A 34 -11.25 5.81 7.60
CA VAL A 34 -11.66 4.71 6.73
C VAL A 34 -12.86 5.11 5.88
N ALA A 35 -13.63 6.07 6.36
CA ALA A 35 -14.81 6.55 5.64
C ALA A 35 -14.42 7.18 4.32
N ALA A 36 -13.36 7.99 4.35
CA ALA A 36 -12.88 8.67 3.15
C ALA A 36 -12.87 7.72 1.95
N LEU A 37 -12.11 6.63 2.07
CA LEU A 37 -12.01 5.65 1.00
C LEU A 37 -13.38 5.07 0.67
N ARG A 38 -13.75 5.11 -0.61
CA ARG A 38 -15.04 4.58 -1.05
C ARG A 38 -14.85 3.44 -2.04
N PHE A 39 -13.69 3.42 -2.69
CA PHE A 39 -13.39 2.37 -3.66
C PHE A 39 -12.27 1.47 -3.16
N PRO A 40 -12.63 0.28 -2.66
CA PRO A 40 -11.68 -0.70 -2.14
C PRO A 40 -10.82 -1.31 -3.24
N CYS A 41 -9.80 -2.06 -2.83
CA CYS A 41 -8.90 -2.71 -3.78
C CYS A 41 -9.22 -4.20 -3.91
N GLU A 42 -9.83 -4.57 -5.03
CA GLU A 42 -10.18 -5.97 -5.27
C GLU A 42 -8.94 -6.83 -5.44
N PHE A 43 -7.77 -6.20 -5.36
CA PHE A 43 -6.51 -6.90 -5.50
C PHE A 43 -5.97 -7.36 -4.14
N CYS A 44 -5.86 -6.40 -3.22
CA CYS A 44 -5.36 -6.70 -1.88
C CYS A 44 -6.43 -6.40 -0.82
N GLY A 45 -7.25 -5.40 -1.09
CA GLY A 45 -8.29 -5.02 -0.16
C GLY A 45 -8.19 -3.57 0.28
N LYS A 46 -7.15 -2.89 -0.19
CA LYS A 46 -6.94 -1.49 0.16
C LYS A 46 -8.20 -0.67 -0.10
N ARG A 47 -8.13 0.63 0.19
CA ARG A 47 -9.26 1.52 -0.01
C ARG A 47 -8.78 2.94 -0.30
N PHE A 48 -9.43 3.59 -1.26
CA PHE A 48 -9.08 4.96 -1.63
C PHE A 48 -10.33 5.83 -1.78
N GLU A 49 -10.18 7.11 -1.48
CA GLU A 49 -11.29 8.05 -1.58
C GLU A 49 -11.67 8.30 -3.04
N LYS A 50 -10.96 7.63 -3.95
CA LYS A 50 -11.22 7.79 -5.38
C LYS A 50 -10.61 6.63 -6.16
N PRO A 51 -11.17 6.35 -7.35
CA PRO A 51 -10.70 5.27 -8.22
C PRO A 51 -9.33 5.57 -8.83
N ASP A 52 -9.16 6.82 -9.28
CA ASP A 52 -7.89 7.23 -9.88
C ASP A 52 -6.71 6.72 -9.08
N SER A 53 -6.85 6.72 -7.76
CA SER A 53 -5.78 6.26 -6.88
C SER A 53 -5.78 4.74 -6.78
N VAL A 54 -6.95 4.13 -6.93
CA VAL A 54 -7.08 2.69 -6.86
C VAL A 54 -6.46 2.03 -8.09
N ALA A 55 -6.53 2.72 -9.22
CA ALA A 55 -5.99 2.21 -10.48
C ALA A 55 -4.47 2.34 -10.51
N ALA A 56 -3.97 3.43 -9.94
CA ALA A 56 -2.53 3.68 -9.90
C ALA A 56 -1.85 2.77 -8.88
N HIS A 57 -2.51 2.55 -7.75
CA HIS A 57 -1.97 1.71 -6.68
C HIS A 57 -1.63 0.32 -7.21
N ARG A 58 -2.47 -0.18 -8.11
CA ARG A 58 -2.27 -1.51 -8.70
C ARG A 58 -1.02 -1.52 -9.57
N SER A 59 -0.59 -0.34 -10.01
CA SER A 59 0.59 -0.21 -10.86
C SER A 59 1.84 0.01 -10.02
N LYS A 60 1.66 0.15 -8.71
CA LYS A 60 2.77 0.37 -7.80
C LYS A 60 2.89 -0.78 -6.80
N SER A 61 1.76 -1.38 -6.46
CA SER A 61 1.74 -2.48 -5.51
C SER A 61 1.35 -3.78 -6.20
N HIS A 62 0.57 -3.67 -7.27
CA HIS A 62 0.12 -4.83 -8.01
C HIS A 62 0.64 -4.78 -9.45
N PRO A 63 1.80 -4.14 -9.64
CA PRO A 63 2.43 -4.01 -10.96
C PRO A 63 2.95 -5.33 -11.50
N ALA A 64 2.93 -6.36 -10.65
CA ALA A 64 3.41 -7.68 -11.04
C ALA A 64 2.26 -8.55 -11.54
N LEU A 65 1.03 -8.10 -11.29
CA LEU A 65 -0.15 -8.84 -11.71
C LEU A 65 -0.65 -8.36 -13.06
N LEU A 66 -0.87 -7.05 -13.17
CA LEU A 66 -1.34 -6.46 -14.41
C LEU A 66 -0.66 -7.09 -15.61
N LEU A 67 0.67 -7.17 -15.57
CA LEU A 67 1.44 -7.76 -16.66
C LEU A 67 1.30 -9.27 -16.66
N ALA A 68 1.89 -9.92 -17.66
CA ALA A 68 1.84 -11.36 -17.79
C ALA A 68 2.42 -12.05 -16.54
N PRO A 69 1.83 -13.20 -16.18
CA PRO A 69 2.28 -13.96 -15.01
C PRO A 69 3.65 -14.59 -15.22
N GLN A 70 4.12 -15.32 -14.21
CA GLN A 70 5.42 -15.97 -14.28
C GLN A 70 5.28 -17.48 -14.13
N GLU A 71 5.64 -18.22 -15.18
CA GLU A 71 5.54 -19.67 -15.16
C GLU A 71 5.94 -20.23 -13.79
N SER A 72 7.02 -19.69 -13.23
CA SER A 72 7.50 -20.14 -11.94
C SER A 72 6.64 -19.57 -10.81
N SER A 73 6.68 -20.22 -9.66
CA SER A 73 5.90 -19.78 -8.50
C SER A 73 6.58 -20.19 -7.20
N GLY A 74 6.62 -19.27 -6.25
CA GLY A 74 7.23 -19.55 -4.96
C GLY A 74 6.25 -20.10 -3.95
N PRO A 75 6.68 -21.14 -3.21
CA PRO A 75 5.84 -21.77 -2.18
C PRO A 75 5.61 -20.87 -0.98
N SER A 76 4.72 -21.30 -0.09
CA SER A 76 4.40 -20.53 1.11
C SER A 76 4.08 -21.45 2.28
N SER A 77 4.78 -21.29 3.39
CA SER A 77 4.56 -22.10 4.57
C SER A 77 3.31 -21.66 5.31
N GLY A 78 3.04 -20.36 5.30
CA GLY A 78 1.87 -19.83 5.97
C GLY A 78 2.16 -19.41 7.39
ZN ZN B . -0.20 6.72 6.68
ZN ZN C . -4.09 -3.44 -3.79
N GLY A 1 24.68 9.12 3.76
CA GLY A 1 25.65 8.79 4.78
C GLY A 1 25.14 7.75 5.75
N SER A 2 24.19 8.14 6.60
CA SER A 2 23.62 7.23 7.59
C SER A 2 22.82 6.12 6.90
N SER A 3 23.33 4.89 6.96
CA SER A 3 22.64 3.76 6.36
C SER A 3 22.37 2.68 7.39
N GLY A 4 21.09 2.33 7.55
CA GLY A 4 20.73 1.30 8.50
C GLY A 4 20.66 1.82 9.93
N SER A 5 19.49 2.34 10.32
CA SER A 5 19.30 2.88 11.65
C SER A 5 17.95 2.48 12.22
N SER A 6 17.76 2.70 13.52
CA SER A 6 16.51 2.35 14.18
C SER A 6 15.38 3.28 13.72
N GLY A 7 14.17 3.00 14.20
CA GLY A 7 13.03 3.80 13.84
C GLY A 7 11.80 2.98 13.50
N LEU A 8 10.64 3.41 13.99
CA LEU A 8 9.40 2.69 13.75
C LEU A 8 8.97 2.84 12.29
N GLN A 9 8.13 1.90 11.83
CA GLN A 9 7.64 1.94 10.46
C GLN A 9 6.18 1.47 10.39
N CYS A 10 5.31 2.36 9.93
CA CYS A 10 3.89 2.05 9.81
C CYS A 10 3.66 0.93 8.80
N GLU A 11 2.60 0.15 9.02
CA GLU A 11 2.27 -0.95 8.13
C GLU A 11 1.17 -0.55 7.14
N ILE A 12 0.25 0.27 7.61
CA ILE A 12 -0.86 0.73 6.78
C ILE A 12 -0.35 1.23 5.43
N CYS A 13 0.41 2.31 5.46
CA CYS A 13 0.96 2.90 4.24
C CYS A 13 2.43 2.53 4.07
N GLY A 14 3.17 2.55 5.18
CA GLY A 14 4.58 2.22 5.13
C GLY A 14 5.47 3.39 5.49
N PHE A 15 4.98 4.25 6.38
CA PHE A 15 5.73 5.42 6.82
C PHE A 15 6.72 5.06 7.92
N THR A 16 7.51 6.03 8.34
CA THR A 16 8.50 5.82 9.39
C THR A 16 8.64 7.05 10.28
N CYS A 17 8.66 6.84 11.59
CA CYS A 17 8.80 7.93 12.55
C CYS A 17 9.75 7.56 13.68
N ARG A 18 10.80 8.34 13.84
CA ARG A 18 11.79 8.08 14.89
C ARG A 18 11.13 8.04 16.26
N GLN A 19 10.40 9.09 16.60
CA GLN A 19 9.71 9.16 17.89
C GLN A 19 8.54 8.19 17.93
N LYS A 20 8.13 7.83 19.14
CA LYS A 20 7.01 6.90 19.33
C LYS A 20 5.68 7.60 19.07
N ALA A 21 5.40 8.63 19.86
CA ALA A 21 4.16 9.38 19.71
C ALA A 21 3.88 9.71 18.25
N SER A 22 4.89 10.23 17.56
CA SER A 22 4.76 10.59 16.15
C SER A 22 3.98 9.53 15.39
N LEU A 23 4.49 8.29 15.43
CA LEU A 23 3.84 7.18 14.74
C LEU A 23 2.36 7.10 15.10
N ASN A 24 2.08 7.19 16.40
CA ASN A 24 0.70 7.13 16.89
C ASN A 24 -0.13 8.28 16.32
N TRP A 25 0.45 9.47 16.29
CA TRP A 25 -0.23 10.65 15.78
C TRP A 25 -0.48 10.51 14.28
N HIS A 26 0.31 9.68 13.62
CA HIS A 26 0.17 9.45 12.19
C HIS A 26 -0.79 8.31 11.90
N GLN A 27 -0.74 7.28 12.73
CA GLN A 27 -1.61 6.11 12.58
C GLN A 27 -3.08 6.53 12.51
N ARG A 28 -3.36 7.75 12.95
CA ARG A 28 -4.71 8.28 12.94
C ARG A 28 -5.12 8.72 11.54
N LYS A 29 -4.14 9.14 10.75
CA LYS A 29 -4.38 9.59 9.39
C LYS A 29 -5.28 8.60 8.64
N HIS A 30 -4.88 7.33 8.63
CA HIS A 30 -5.65 6.29 7.96
C HIS A 30 -7.04 6.15 8.58
N ALA A 31 -7.08 6.12 9.91
CA ALA A 31 -8.33 5.99 10.63
C ALA A 31 -9.38 6.97 10.11
N GLU A 32 -8.91 8.14 9.66
CA GLU A 32 -9.80 9.16 9.14
C GLU A 32 -10.07 8.94 7.65
N THR A 33 -9.01 8.66 6.91
CA THR A 33 -9.12 8.42 5.47
C THR A 33 -10.06 7.27 5.18
N VAL A 34 -9.78 6.11 5.77
CA VAL A 34 -10.60 4.93 5.56
C VAL A 34 -12.07 5.30 5.37
N ALA A 35 -12.50 6.35 6.06
CA ALA A 35 -13.88 6.81 5.96
C ALA A 35 -14.25 7.11 4.51
N ALA A 36 -13.50 8.02 3.89
CA ALA A 36 -13.75 8.39 2.50
C ALA A 36 -13.51 7.22 1.56
N LEU A 37 -12.54 6.38 1.90
CA LEU A 37 -12.21 5.21 1.08
C LEU A 37 -13.31 4.17 1.17
N ARG A 38 -13.94 3.89 0.03
CA ARG A 38 -15.02 2.91 -0.03
C ARG A 38 -14.65 1.75 -0.95
N PHE A 39 -13.83 2.05 -1.96
CA PHE A 39 -13.40 1.04 -2.92
C PHE A 39 -12.02 0.51 -2.57
N PRO A 40 -11.97 -0.69 -1.97
CA PRO A 40 -10.72 -1.33 -1.57
C PRO A 40 -9.90 -1.80 -2.77
N CYS A 41 -8.70 -2.31 -2.50
CA CYS A 41 -7.82 -2.79 -3.55
C CYS A 41 -7.74 -4.32 -3.55
N GLU A 42 -8.41 -4.94 -4.51
CA GLU A 42 -8.40 -6.40 -4.61
C GLU A 42 -7.02 -6.93 -4.93
N PHE A 43 -6.06 -6.02 -5.08
CA PHE A 43 -4.69 -6.38 -5.38
C PHE A 43 -3.86 -6.54 -4.11
N CYS A 44 -3.89 -5.50 -3.27
CA CYS A 44 -3.15 -5.52 -2.02
C CYS A 44 -4.09 -5.40 -0.82
N GLY A 45 -5.21 -4.70 -1.03
CA GLY A 45 -6.19 -4.53 0.04
C GLY A 45 -6.39 -3.07 0.40
N LYS A 46 -5.59 -2.20 -0.18
CA LYS A 46 -5.69 -0.76 0.08
C LYS A 46 -7.11 -0.27 -0.14
N ARG A 47 -7.33 1.02 0.05
CA ARG A 47 -8.64 1.62 -0.12
C ARG A 47 -8.54 3.05 -0.65
N PHE A 48 -9.43 3.40 -1.57
CA PHE A 48 -9.43 4.74 -2.15
C PHE A 48 -10.81 5.37 -2.06
N GLU A 49 -10.85 6.70 -2.01
CA GLU A 49 -12.12 7.43 -1.92
C GLU A 49 -12.95 7.23 -3.19
N LYS A 50 -12.33 6.65 -4.21
CA LYS A 50 -13.02 6.40 -5.48
C LYS A 50 -12.30 5.32 -6.27
N PRO A 51 -13.02 4.72 -7.24
CA PRO A 51 -12.47 3.66 -8.09
C PRO A 51 -11.42 4.18 -9.05
N ASP A 52 -11.69 5.33 -9.68
CA ASP A 52 -10.76 5.93 -10.62
C ASP A 52 -9.32 5.85 -10.09
N SER A 53 -9.17 6.06 -8.79
CA SER A 53 -7.85 6.03 -8.16
C SER A 53 -7.41 4.59 -7.91
N VAL A 54 -8.38 3.70 -7.72
CA VAL A 54 -8.09 2.29 -7.47
C VAL A 54 -7.59 1.61 -8.74
N ALA A 55 -8.10 2.05 -9.89
CA ALA A 55 -7.71 1.49 -11.18
C ALA A 55 -6.31 1.96 -11.58
N ALA A 56 -6.00 3.21 -11.27
CA ALA A 56 -4.71 3.78 -11.60
C ALA A 56 -3.62 3.26 -10.66
N HIS A 57 -3.97 3.10 -9.39
CA HIS A 57 -3.03 2.61 -8.39
C HIS A 57 -2.48 1.25 -8.79
N ARG A 58 -3.32 0.44 -9.42
CA ARG A 58 -2.91 -0.90 -9.86
C ARG A 58 -1.97 -0.82 -11.06
N SER A 59 -1.99 0.33 -11.74
CA SER A 59 -1.15 0.53 -12.91
C SER A 59 0.17 1.19 -12.52
N LYS A 60 0.26 1.60 -11.26
CA LYS A 60 1.47 2.25 -10.75
C LYS A 60 2.10 1.43 -9.63
N SER A 61 1.28 0.67 -8.93
CA SER A 61 1.74 -0.16 -7.83
C SER A 61 1.61 -1.65 -8.16
N HIS A 62 0.62 -1.97 -8.98
CA HIS A 62 0.38 -3.36 -9.38
C HIS A 62 0.52 -3.51 -10.89
N PRO A 63 1.41 -2.70 -11.49
CA PRO A 63 1.66 -2.72 -12.93
C PRO A 63 2.39 -4.00 -13.38
N ALA A 64 2.92 -4.73 -12.41
CA ALA A 64 3.64 -5.96 -12.69
C ALA A 64 2.71 -7.17 -12.57
N LEU A 65 1.55 -6.96 -11.96
CA LEU A 65 0.58 -8.04 -11.78
C LEU A 65 -0.40 -8.09 -12.95
N LEU A 66 -0.99 -6.94 -13.27
CA LEU A 66 -1.95 -6.86 -14.38
C LEU A 66 -1.50 -7.73 -15.54
N LEU A 67 -0.21 -7.70 -15.85
CA LEU A 67 0.34 -8.49 -16.94
C LEU A 67 0.03 -9.98 -16.74
N ALA A 68 0.30 -10.78 -17.77
CA ALA A 68 0.06 -12.21 -17.71
C ALA A 68 1.35 -12.98 -17.47
N PRO A 69 1.25 -14.12 -16.78
CA PRO A 69 2.40 -14.97 -16.46
C PRO A 69 2.98 -15.64 -17.70
N GLN A 70 3.95 -16.54 -17.48
CA GLN A 70 4.59 -17.25 -18.58
C GLN A 70 3.57 -18.04 -19.38
N GLU A 71 3.36 -17.64 -20.63
CA GLU A 71 2.41 -18.31 -21.51
C GLU A 71 2.93 -19.69 -21.92
N SER A 72 2.06 -20.69 -21.85
CA SER A 72 2.43 -22.06 -22.21
C SER A 72 1.21 -22.85 -22.65
N SER A 73 1.45 -24.01 -23.25
CA SER A 73 0.38 -24.87 -23.74
C SER A 73 -0.58 -24.09 -24.63
N GLY A 74 -0.02 -23.21 -25.45
CA GLY A 74 -0.84 -22.41 -26.36
C GLY A 74 -1.55 -21.28 -25.63
N PRO A 75 -1.52 -20.08 -26.23
CA PRO A 75 -2.15 -18.89 -25.66
C PRO A 75 -3.68 -18.97 -25.70
N SER A 76 -4.19 -20.17 -25.93
CA SER A 76 -5.63 -20.40 -26.00
C SER A 76 -6.35 -19.54 -24.96
N SER A 77 -5.89 -19.60 -23.73
CA SER A 77 -6.50 -18.82 -22.64
C SER A 77 -5.87 -17.44 -22.55
N GLY A 78 -4.55 -17.39 -22.40
CA GLY A 78 -3.85 -16.13 -22.30
C GLY A 78 -4.23 -15.17 -23.40
ZN ZN B . 0.80 4.99 7.74
ZN ZN C . -3.05 -2.19 -4.39
N GLY A 1 13.33 6.40 -1.11
CA GLY A 1 13.31 5.13 -0.41
C GLY A 1 13.73 5.26 1.04
N SER A 2 12.87 4.81 1.95
CA SER A 2 13.16 4.88 3.37
C SER A 2 13.25 3.49 3.98
N SER A 3 14.22 3.30 4.86
CA SER A 3 14.43 2.00 5.51
C SER A 3 14.70 2.18 7.00
N GLY A 4 14.74 1.07 7.73
CA GLY A 4 14.98 1.12 9.15
C GLY A 4 14.33 -0.03 9.90
N SER A 5 15.16 -0.95 10.39
CA SER A 5 14.66 -2.11 11.12
C SER A 5 14.15 -1.70 12.50
N SER A 6 15.00 -1.04 13.27
CA SER A 6 14.64 -0.59 14.60
C SER A 6 13.51 0.44 14.55
N GLY A 7 13.70 1.46 13.71
CA GLY A 7 12.70 2.50 13.57
C GLY A 7 11.31 1.94 13.35
N LEU A 8 10.30 2.68 13.79
CA LEU A 8 8.92 2.26 13.63
C LEU A 8 8.48 2.34 12.18
N GLN A 9 7.39 1.66 11.85
CA GLN A 9 6.86 1.65 10.49
C GLN A 9 5.38 1.30 10.48
N CYS A 10 4.59 2.14 9.82
CA CYS A 10 3.15 1.92 9.73
C CYS A 10 2.83 0.78 8.77
N GLU A 11 1.71 0.10 9.01
CA GLU A 11 1.29 -1.02 8.17
C GLU A 11 0.25 -0.56 7.16
N ILE A 12 -0.57 0.41 7.54
CA ILE A 12 -1.61 0.93 6.66
C ILE A 12 -1.03 1.36 5.32
N CYS A 13 -0.25 2.44 5.34
CA CYS A 13 0.37 2.96 4.13
C CYS A 13 1.82 2.46 4.00
N GLY A 14 2.56 2.50 5.10
CA GLY A 14 3.93 2.05 5.10
C GLY A 14 4.90 3.17 5.44
N PHE A 15 4.49 4.05 6.33
CA PHE A 15 5.33 5.18 6.75
C PHE A 15 6.39 4.71 7.76
N THR A 16 7.30 5.63 8.11
CA THR A 16 8.35 5.31 9.06
C THR A 16 8.72 6.55 9.88
N CYS A 17 8.82 6.36 11.20
CA CYS A 17 9.16 7.46 12.10
C CYS A 17 9.87 6.93 13.34
N ARG A 18 10.91 7.64 13.77
CA ARG A 18 11.67 7.25 14.95
C ARG A 18 10.85 7.44 16.22
N GLN A 19 10.35 8.65 16.42
CA GLN A 19 9.54 8.96 17.60
C GLN A 19 8.19 8.26 17.53
N LYS A 20 7.89 7.44 18.53
CA LYS A 20 6.64 6.72 18.58
C LYS A 20 5.45 7.68 18.58
N ALA A 21 5.31 8.45 19.65
CA ALA A 21 4.24 9.42 19.77
C ALA A 21 3.87 10.00 18.40
N SER A 22 4.88 10.25 17.58
CA SER A 22 4.66 10.81 16.25
C SER A 22 4.10 9.76 15.30
N LEU A 23 4.71 8.59 15.29
CA LEU A 23 4.27 7.50 14.43
C LEU A 23 2.90 6.99 14.86
N ASN A 24 2.78 6.61 16.13
CA ASN A 24 1.52 6.10 16.66
C ASN A 24 0.37 7.01 16.28
N TRP A 25 0.55 8.32 16.49
CA TRP A 25 -0.48 9.30 16.17
C TRP A 25 -0.84 9.25 14.68
N HIS A 26 0.13 8.86 13.87
CA HIS A 26 -0.08 8.76 12.42
C HIS A 26 -0.92 7.53 12.08
N GLN A 27 -0.50 6.37 12.58
CA GLN A 27 -1.21 5.12 12.32
C GLN A 27 -2.72 5.31 12.51
N ARG A 28 -3.09 6.10 13.51
CA ARG A 28 -4.49 6.35 13.80
C ARG A 28 -5.08 7.36 12.82
N LYS A 29 -4.22 8.18 12.24
CA LYS A 29 -4.64 9.20 11.28
C LYS A 29 -5.44 8.56 10.14
N HIS A 30 -5.13 7.30 9.84
CA HIS A 30 -5.82 6.59 8.78
C HIS A 30 -7.27 6.31 9.16
N ALA A 31 -7.49 5.90 10.40
CA ALA A 31 -8.83 5.61 10.90
C ALA A 31 -9.83 6.67 10.44
N GLU A 32 -9.36 7.91 10.37
CA GLU A 32 -10.21 9.03 9.95
C GLU A 32 -10.23 9.15 8.44
N THR A 33 -9.05 9.12 7.82
CA THR A 33 -8.93 9.23 6.38
C THR A 33 -9.83 8.22 5.68
N VAL A 34 -9.74 6.96 6.09
CA VAL A 34 -10.55 5.89 5.51
C VAL A 34 -11.94 6.40 5.15
N ALA A 35 -12.44 7.35 5.93
CA ALA A 35 -13.76 7.92 5.69
C ALA A 35 -13.98 8.20 4.21
N ALA A 36 -12.98 8.81 3.58
CA ALA A 36 -13.07 9.14 2.16
C ALA A 36 -12.99 7.89 1.30
N LEU A 37 -11.82 7.25 1.30
CA LEU A 37 -11.62 6.03 0.52
C LEU A 37 -12.68 4.98 0.86
N ARG A 38 -13.38 4.51 -0.16
CA ARG A 38 -14.42 3.50 0.04
C ARG A 38 -14.08 2.22 -0.72
N PHE A 39 -13.37 2.37 -1.83
CA PHE A 39 -12.98 1.23 -2.65
C PHE A 39 -11.54 0.80 -2.34
N PRO A 40 -11.40 -0.28 -1.57
CA PRO A 40 -10.09 -0.81 -1.18
C PRO A 40 -9.36 -1.44 -2.36
N CYS A 41 -8.09 -1.78 -2.15
CA CYS A 41 -7.27 -2.39 -3.20
C CYS A 41 -7.06 -3.87 -2.91
N GLU A 42 -7.71 -4.72 -3.70
CA GLU A 42 -7.59 -6.17 -3.53
C GLU A 42 -6.19 -6.64 -3.89
N PHE A 43 -5.34 -5.70 -4.29
CA PHE A 43 -3.96 -6.02 -4.66
C PHE A 43 -3.03 -5.88 -3.45
N CYS A 44 -3.06 -4.71 -2.82
CA CYS A 44 -2.22 -4.45 -1.67
C CYS A 44 -3.06 -4.20 -0.42
N GLY A 45 -4.24 -3.61 -0.63
CA GLY A 45 -5.12 -3.33 0.49
C GLY A 45 -5.44 -1.85 0.62
N LYS A 46 -4.77 -1.03 -0.19
CA LYS A 46 -4.98 0.40 -0.16
C LYS A 46 -6.46 0.74 -0.30
N ARG A 47 -6.78 2.03 -0.32
CA ARG A 47 -8.15 2.48 -0.45
C ARG A 47 -8.23 3.82 -1.19
N PHE A 48 -9.27 3.99 -1.99
CA PHE A 48 -9.45 5.20 -2.77
C PHE A 48 -10.88 5.73 -2.63
N GLU A 49 -11.06 7.02 -2.90
CA GLU A 49 -12.37 7.64 -2.80
C GLU A 49 -13.30 7.14 -3.90
N LYS A 50 -12.71 6.57 -4.95
CA LYS A 50 -13.48 6.04 -6.07
C LYS A 50 -12.73 4.90 -6.76
N PRO A 51 -13.46 4.11 -7.56
CA PRO A 51 -12.87 2.99 -8.30
C PRO A 51 -11.94 3.43 -9.41
N ASP A 52 -12.32 4.50 -10.10
CA ASP A 52 -11.52 5.04 -11.20
C ASP A 52 -10.06 5.17 -10.78
N SER A 53 -9.84 5.52 -9.52
CA SER A 53 -8.48 5.69 -9.00
C SER A 53 -7.88 4.33 -8.61
N VAL A 54 -8.75 3.41 -8.21
CA VAL A 54 -8.31 2.08 -7.81
C VAL A 54 -7.89 1.25 -9.02
N ALA A 55 -8.55 1.48 -10.14
CA ALA A 55 -8.24 0.75 -11.37
C ALA A 55 -6.92 1.23 -11.96
N ALA A 56 -6.68 2.53 -11.89
CA ALA A 56 -5.45 3.11 -12.43
C ALA A 56 -4.26 2.81 -11.53
N HIS A 57 -4.49 2.85 -10.21
CA HIS A 57 -3.44 2.59 -9.25
C HIS A 57 -2.79 1.23 -9.50
N ARG A 58 -3.59 0.28 -9.98
CA ARG A 58 -3.09 -1.06 -10.28
C ARG A 58 -2.23 -1.05 -11.53
N SER A 59 -2.39 -0.02 -12.35
CA SER A 59 -1.63 0.09 -13.59
C SER A 59 -0.36 0.91 -13.37
N LYS A 60 -0.25 1.53 -12.20
CA LYS A 60 0.90 2.34 -11.86
C LYS A 60 1.64 1.77 -10.65
N SER A 61 0.92 0.99 -9.84
CA SER A 61 1.50 0.38 -8.66
C SER A 61 1.54 -1.14 -8.79
N HIS A 62 0.53 -1.69 -9.46
CA HIS A 62 0.45 -3.14 -9.65
C HIS A 62 0.51 -3.49 -11.13
N PRO A 63 1.29 -2.71 -11.90
CA PRO A 63 1.45 -2.92 -13.34
C PRO A 63 2.24 -4.18 -13.66
N ALA A 64 2.87 -4.75 -12.63
CA ALA A 64 3.66 -5.97 -12.80
C ALA A 64 2.82 -7.20 -12.51
N LEU A 65 1.66 -7.01 -11.89
CA LEU A 65 0.78 -8.11 -11.55
C LEU A 65 -0.29 -8.29 -12.62
N LEU A 66 -1.06 -7.23 -12.88
CA LEU A 66 -2.11 -7.29 -13.89
C LEU A 66 -1.68 -8.13 -15.08
N LEU A 67 -0.45 -7.93 -15.53
CA LEU A 67 0.08 -8.67 -16.67
C LEU A 67 0.01 -10.17 -16.41
N ALA A 68 0.35 -10.96 -17.44
CA ALA A 68 0.32 -12.41 -17.32
C ALA A 68 1.59 -12.93 -16.64
N PRO A 69 1.50 -14.15 -16.09
CA PRO A 69 2.63 -14.78 -15.40
C PRO A 69 3.75 -15.18 -16.36
N GLN A 70 4.94 -15.41 -15.81
CA GLN A 70 6.09 -15.80 -16.62
C GLN A 70 5.71 -16.91 -17.60
N GLU A 71 5.15 -17.99 -17.07
CA GLU A 71 4.74 -19.12 -17.89
C GLU A 71 3.87 -18.66 -19.07
N SER A 72 3.79 -19.50 -20.10
CA SER A 72 3.01 -19.17 -21.29
C SER A 72 1.53 -19.02 -20.93
N SER A 73 0.89 -18.03 -21.52
CA SER A 73 -0.52 -17.77 -21.27
C SER A 73 -1.11 -16.84 -22.34
N GLY A 74 -2.41 -16.60 -22.26
CA GLY A 74 -3.07 -15.75 -23.22
C GLY A 74 -3.51 -14.43 -22.62
N PRO A 75 -3.79 -13.45 -23.48
CA PRO A 75 -4.23 -12.11 -23.05
C PRO A 75 -5.64 -12.13 -22.46
N SER A 76 -5.74 -12.39 -21.16
CA SER A 76 -7.02 -12.43 -20.48
C SER A 76 -7.47 -11.04 -20.08
N SER A 77 -8.72 -10.93 -19.61
CA SER A 77 -9.27 -9.65 -19.20
C SER A 77 -8.64 -9.18 -17.90
N GLY A 78 -8.28 -7.91 -17.84
CA GLY A 78 -7.67 -7.35 -16.64
C GLY A 78 -6.22 -7.77 -16.49
ZN ZN B . 0.29 5.02 7.58
ZN ZN C . -2.73 -1.55 -4.60
N GLY A 1 25.11 10.37 4.30
CA GLY A 1 25.73 9.33 5.10
C GLY A 1 25.43 9.47 6.58
N SER A 2 25.16 8.35 7.24
CA SER A 2 24.84 8.35 8.66
C SER A 2 25.17 7.01 9.30
N SER A 3 25.41 7.03 10.60
CA SER A 3 25.74 5.80 11.33
C SER A 3 24.49 4.96 11.58
N GLY A 4 23.51 5.56 12.23
CA GLY A 4 22.27 4.85 12.52
C GLY A 4 21.27 4.95 11.39
N SER A 5 20.53 6.06 11.36
CA SER A 5 19.52 6.27 10.32
C SER A 5 18.37 5.28 10.48
N SER A 6 17.94 5.07 11.71
CA SER A 6 16.85 4.14 12.00
C SER A 6 15.54 4.89 12.21
N GLY A 7 14.55 4.60 11.37
CA GLY A 7 13.26 5.25 11.49
C GLY A 7 12.12 4.26 11.64
N LEU A 8 10.99 4.75 12.16
CA LEU A 8 9.83 3.90 12.38
C LEU A 8 9.05 3.73 11.07
N GLN A 9 8.59 2.50 10.82
CA GLN A 9 7.82 2.20 9.63
C GLN A 9 6.38 1.82 9.97
N CYS A 10 5.43 2.46 9.29
CA CYS A 10 4.02 2.20 9.53
C CYS A 10 3.59 0.90 8.86
N GLU A 11 2.58 0.24 9.43
CA GLU A 11 2.07 -1.01 8.89
C GLU A 11 0.83 -0.78 8.04
N ILE A 12 0.04 0.22 8.43
CA ILE A 12 -1.18 0.55 7.71
C ILE A 12 -0.90 0.85 6.25
N CYS A 13 -0.25 1.98 5.99
CA CYS A 13 0.10 2.38 4.63
C CYS A 13 1.54 2.00 4.31
N GLY A 14 2.44 2.28 5.23
CA GLY A 14 3.85 1.97 5.02
C GLY A 14 4.73 3.19 5.06
N PHE A 15 4.27 4.23 5.76
CA PHE A 15 5.03 5.47 5.86
C PHE A 15 6.21 5.31 6.80
N THR A 16 7.04 6.35 6.89
CA THR A 16 8.23 6.31 7.75
C THR A 16 8.30 7.57 8.61
N CYS A 17 8.54 7.38 9.90
CA CYS A 17 8.63 8.50 10.84
C CYS A 17 9.70 8.23 11.89
N ARG A 18 10.59 9.20 12.08
CA ARG A 18 11.68 9.07 13.05
C ARG A 18 11.12 9.07 14.47
N GLN A 19 10.52 10.19 14.88
CA GLN A 19 9.96 10.31 16.22
C GLN A 19 8.68 9.49 16.34
N LYS A 20 8.55 8.76 17.43
CA LYS A 20 7.37 7.93 17.68
C LYS A 20 6.11 8.77 17.60
N ALA A 21 6.08 9.87 18.35
CA ALA A 21 4.92 10.76 18.37
C ALA A 21 4.31 10.89 16.98
N SER A 22 5.11 11.37 16.03
CA SER A 22 4.64 11.55 14.65
C SER A 22 3.95 10.29 14.15
N LEU A 23 4.65 9.16 14.24
CA LEU A 23 4.10 7.88 13.79
C LEU A 23 2.73 7.62 14.43
N ASN A 24 2.68 7.74 15.75
CA ASN A 24 1.43 7.52 16.49
C ASN A 24 0.31 8.39 15.93
N TRP A 25 0.58 9.69 15.82
CA TRP A 25 -0.41 10.63 15.30
C TRP A 25 -0.74 10.32 13.84
N HIS A 26 0.21 9.69 13.15
CA HIS A 26 0.01 9.34 11.74
C HIS A 26 -0.76 8.03 11.61
N GLN A 27 -0.83 7.28 12.71
CA GLN A 27 -1.54 6.00 12.70
C GLN A 27 -3.00 6.18 13.11
N ARG A 28 -3.22 6.80 14.26
CA ARG A 28 -4.58 7.04 14.75
C ARG A 28 -5.46 7.62 13.65
N LYS A 29 -4.87 8.42 12.79
CA LYS A 29 -5.60 9.04 11.68
C LYS A 29 -6.15 7.97 10.74
N HIS A 30 -5.36 6.93 10.51
CA HIS A 30 -5.77 5.85 9.62
C HIS A 30 -7.15 5.33 10.00
N ALA A 31 -7.38 5.16 11.29
CA ALA A 31 -8.66 4.67 11.79
C ALA A 31 -9.82 5.52 11.26
N GLU A 32 -9.56 6.81 11.06
CA GLU A 32 -10.57 7.72 10.56
C GLU A 32 -10.56 7.77 9.03
N THR A 33 -9.36 7.77 8.46
CA THR A 33 -9.21 7.83 7.01
C THR A 33 -9.87 6.62 6.35
N VAL A 34 -9.62 5.43 6.89
CA VAL A 34 -10.20 4.21 6.35
C VAL A 34 -11.62 4.45 5.85
N ALA A 35 -12.31 5.40 6.46
CA ALA A 35 -13.68 5.73 6.06
C ALA A 35 -13.70 6.42 4.70
N ALA A 36 -13.00 7.55 4.60
CA ALA A 36 -12.94 8.29 3.35
C ALA A 36 -12.98 7.35 2.14
N LEU A 37 -12.02 6.44 2.08
CA LEU A 37 -11.95 5.49 0.98
C LEU A 37 -13.28 4.77 0.79
N ARG A 38 -13.80 4.80 -0.43
CA ARG A 38 -15.07 4.15 -0.73
C ARG A 38 -14.88 3.06 -1.78
N PHE A 39 -13.88 3.23 -2.64
CA PHE A 39 -13.59 2.25 -3.69
C PHE A 39 -12.45 1.33 -3.27
N PRO A 40 -12.81 0.11 -2.85
CA PRO A 40 -11.83 -0.90 -2.42
C PRO A 40 -11.00 -1.42 -3.57
N CYS A 41 -9.95 -2.18 -3.25
CA CYS A 41 -9.08 -2.75 -4.25
C CYS A 41 -9.34 -4.25 -4.43
N GLU A 42 -9.91 -4.62 -5.57
CA GLU A 42 -10.21 -6.01 -5.86
C GLU A 42 -8.93 -6.82 -6.08
N PHE A 43 -7.79 -6.15 -5.94
CA PHE A 43 -6.50 -6.80 -6.13
C PHE A 43 -5.94 -7.28 -4.79
N CYS A 44 -5.87 -6.36 -3.83
CA CYS A 44 -5.34 -6.69 -2.50
C CYS A 44 -6.41 -6.49 -1.44
N GLY A 45 -7.24 -5.47 -1.62
CA GLY A 45 -8.30 -5.18 -0.66
C GLY A 45 -8.26 -3.76 -0.17
N LYS A 46 -7.21 -3.04 -0.52
CA LYS A 46 -7.06 -1.64 -0.11
C LYS A 46 -8.31 -0.83 -0.44
N ARG A 47 -8.26 0.46 -0.15
CA ARG A 47 -9.39 1.34 -0.41
C ARG A 47 -8.91 2.76 -0.73
N PHE A 48 -9.62 3.43 -1.64
CA PHE A 48 -9.26 4.79 -2.04
C PHE A 48 -10.49 5.69 -2.06
N GLU A 49 -10.28 6.99 -1.86
CA GLU A 49 -11.38 7.95 -1.85
C GLU A 49 -12.06 8.00 -3.21
N LYS A 50 -11.37 7.51 -4.24
CA LYS A 50 -11.92 7.50 -5.60
C LYS A 50 -11.29 6.38 -6.42
N PRO A 51 -11.92 6.06 -7.55
CA PRO A 51 -11.43 5.00 -8.45
C PRO A 51 -10.15 5.40 -9.17
N ASP A 52 -10.13 6.63 -9.71
CA ASP A 52 -8.96 7.12 -10.41
C ASP A 52 -7.67 6.71 -9.71
N SER A 53 -7.70 6.71 -8.38
CA SER A 53 -6.53 6.34 -7.59
C SER A 53 -6.41 4.81 -7.49
N VAL A 54 -7.55 4.14 -7.48
CA VAL A 54 -7.58 2.68 -7.39
C VAL A 54 -7.02 2.04 -8.66
N ALA A 55 -7.21 2.72 -9.78
CA ALA A 55 -6.73 2.22 -11.06
C ALA A 55 -5.22 2.41 -11.20
N ALA A 56 -4.72 3.54 -10.68
CA ALA A 56 -3.30 3.84 -10.75
C ALA A 56 -2.52 3.00 -9.73
N HIS A 57 -3.12 2.75 -8.59
CA HIS A 57 -2.49 1.96 -7.54
C HIS A 57 -2.12 0.58 -8.05
N ARG A 58 -2.94 0.04 -8.94
CA ARG A 58 -2.70 -1.28 -9.52
C ARG A 58 -1.46 -1.27 -10.41
N SER A 59 -1.10 -0.08 -10.88
CA SER A 59 0.06 0.08 -11.76
C SER A 59 1.31 0.42 -10.95
N LYS A 60 1.13 0.61 -9.65
CA LYS A 60 2.23 0.95 -8.76
C LYS A 60 2.44 -0.14 -7.71
N SER A 61 1.35 -0.83 -7.36
CA SER A 61 1.42 -1.90 -6.36
C SER A 61 1.11 -3.25 -7.00
N HIS A 62 0.31 -3.22 -8.06
CA HIS A 62 -0.06 -4.45 -8.76
C HIS A 62 0.44 -4.43 -10.20
N PRO A 63 1.57 -3.73 -10.43
CA PRO A 63 2.18 -3.62 -11.76
C PRO A 63 2.78 -4.94 -12.24
N ALA A 64 2.79 -5.93 -11.36
CA ALA A 64 3.33 -7.23 -11.69
C ALA A 64 2.23 -8.21 -12.09
N LEU A 65 1.00 -7.89 -11.71
CA LEU A 65 -0.15 -8.72 -12.01
C LEU A 65 -0.77 -8.33 -13.35
N LEU A 66 -1.00 -7.05 -13.54
CA LEU A 66 -1.58 -6.53 -14.78
C LEU A 66 -1.00 -7.26 -15.98
N LEU A 67 0.32 -7.40 -16.00
CA LEU A 67 1.00 -8.07 -17.11
C LEU A 67 0.61 -9.55 -17.17
N ALA A 68 1.15 -10.26 -18.15
CA ALA A 68 0.86 -11.68 -18.32
C ALA A 68 2.03 -12.54 -17.84
N PRO A 69 1.74 -13.82 -17.57
CA PRO A 69 2.75 -14.76 -17.10
C PRO A 69 3.75 -15.12 -18.18
N GLN A 70 4.97 -14.62 -18.06
CA GLN A 70 6.03 -14.89 -19.03
C GLN A 70 6.85 -16.10 -18.63
N GLU A 71 7.11 -16.98 -19.59
CA GLU A 71 7.89 -18.19 -19.33
C GLU A 71 9.22 -18.14 -20.06
N SER A 72 10.19 -18.91 -19.56
CA SER A 72 11.52 -18.95 -20.16
C SER A 72 11.72 -20.25 -20.92
N SER A 73 12.36 -20.16 -22.09
CA SER A 73 12.62 -21.34 -22.92
C SER A 73 14.09 -21.74 -22.85
N GLY A 74 14.33 -23.04 -22.71
CA GLY A 74 15.69 -23.53 -22.63
C GLY A 74 15.76 -25.05 -22.62
N PRO A 75 16.91 -25.60 -23.01
CA PRO A 75 17.13 -27.05 -23.06
C PRO A 75 17.19 -27.67 -21.66
N SER A 76 17.50 -28.96 -21.60
CA SER A 76 17.59 -29.66 -20.33
C SER A 76 19.05 -29.96 -19.98
N SER A 77 19.48 -29.47 -18.81
CA SER A 77 20.85 -29.68 -18.36
C SER A 77 20.87 -30.10 -16.90
N GLY A 78 21.97 -30.72 -16.48
CA GLY A 78 22.11 -31.16 -15.10
C GLY A 78 22.29 -32.66 -14.99
ZN ZN B . 0.54 4.86 7.78
ZN ZN C . -4.25 -3.21 -4.44
N GLY A 1 23.61 0.12 2.30
CA GLY A 1 23.34 1.45 2.82
C GLY A 1 22.04 2.03 2.29
N SER A 2 20.96 1.82 3.04
CA SER A 2 19.65 2.32 2.64
C SER A 2 19.01 3.12 3.78
N SER A 3 18.41 4.25 3.44
CA SER A 3 17.77 5.10 4.43
C SER A 3 16.33 4.63 4.69
N GLY A 4 16.00 4.49 5.98
CA GLY A 4 14.67 4.05 6.35
C GLY A 4 14.70 2.92 7.35
N SER A 5 15.64 1.98 7.17
CA SER A 5 15.76 0.84 8.06
C SER A 5 15.51 1.25 9.51
N SER A 6 16.34 2.15 10.02
CA SER A 6 16.22 2.62 11.39
C SER A 6 14.99 3.51 11.54
N GLY A 7 14.39 3.48 12.74
CA GLY A 7 13.21 4.29 12.98
C GLY A 7 11.93 3.49 12.91
N LEU A 8 10.83 4.07 13.40
CA LEU A 8 9.54 3.40 13.39
C LEU A 8 8.99 3.31 11.96
N GLN A 9 8.12 2.32 11.73
CA GLN A 9 7.52 2.13 10.41
C GLN A 9 6.04 1.81 10.54
N CYS A 10 5.19 2.75 10.14
CA CYS A 10 3.75 2.56 10.20
C CYS A 10 3.31 1.43 9.29
N GLU A 11 2.24 0.74 9.67
CA GLU A 11 1.72 -0.36 8.88
C GLU A 11 0.52 0.08 8.04
N ILE A 12 -0.27 1.01 8.59
CA ILE A 12 -1.44 1.52 7.89
C ILE A 12 -1.09 1.98 6.48
N CYS A 13 -0.21 2.97 6.39
CA CYS A 13 0.22 3.50 5.09
C CYS A 13 1.63 3.03 4.76
N GLY A 14 2.51 3.06 5.75
CA GLY A 14 3.89 2.63 5.54
C GLY A 14 4.87 3.76 5.71
N PHE A 15 4.55 4.70 6.61
CA PHE A 15 5.41 5.84 6.87
C PHE A 15 6.51 5.47 7.87
N THR A 16 7.42 6.41 8.13
CA THR A 16 8.52 6.19 9.05
C THR A 16 8.78 7.43 9.90
N CYS A 17 8.95 7.22 11.20
CA CYS A 17 9.21 8.31 12.13
C CYS A 17 10.01 7.84 13.33
N ARG A 18 11.06 8.59 13.66
CA ARG A 18 11.92 8.24 14.79
C ARG A 18 11.16 8.38 16.12
N GLN A 19 10.66 9.57 16.37
CA GLN A 19 9.91 9.84 17.59
C GLN A 19 8.54 9.19 17.56
N LYS A 20 8.26 8.36 18.56
CA LYS A 20 6.98 7.66 18.65
C LYS A 20 5.83 8.66 18.69
N ALA A 21 5.90 9.60 19.63
CA ALA A 21 4.87 10.61 19.78
C ALA A 21 4.28 11.01 18.43
N SER A 22 5.14 11.48 17.53
CA SER A 22 4.71 11.90 16.21
C SER A 22 3.95 10.76 15.50
N LEU A 23 4.55 9.57 15.53
CA LEU A 23 3.94 8.41 14.90
C LEU A 23 2.49 8.23 15.34
N ASN A 24 2.27 8.33 16.65
CA ASN A 24 0.92 8.19 17.21
C ASN A 24 -0.05 9.16 16.55
N TRP A 25 0.28 10.45 16.62
CA TRP A 25 -0.57 11.48 16.04
C TRP A 25 -0.76 11.24 14.54
N HIS A 26 0.21 10.58 13.92
CA HIS A 26 0.15 10.28 12.49
C HIS A 26 -0.77 9.10 12.23
N GLN A 27 -1.10 8.35 13.28
CA GLN A 27 -1.97 7.19 13.15
C GLN A 27 -3.43 7.57 13.40
N ARG A 28 -3.66 8.34 14.46
CA ARG A 28 -5.01 8.77 14.81
C ARG A 28 -5.78 9.18 13.56
N LYS A 29 -5.10 9.85 12.64
CA LYS A 29 -5.72 10.31 11.40
C LYS A 29 -6.19 9.12 10.56
N HIS A 30 -5.39 8.06 10.54
CA HIS A 30 -5.72 6.86 9.78
C HIS A 30 -7.11 6.34 10.16
N ALA A 31 -7.45 6.46 11.44
CA ALA A 31 -8.75 6.01 11.92
C ALA A 31 -9.88 6.63 11.12
N GLU A 32 -9.72 7.91 10.78
CA GLU A 32 -10.74 8.62 10.01
C GLU A 32 -10.49 8.48 8.51
N THR A 33 -9.22 8.51 8.13
CA THR A 33 -8.84 8.39 6.72
C THR A 33 -9.38 7.10 6.12
N VAL A 34 -9.14 5.99 6.80
CA VAL A 34 -9.60 4.69 6.33
C VAL A 34 -11.00 4.79 5.74
N ALA A 35 -11.87 5.57 6.38
CA ALA A 35 -13.23 5.75 5.90
C ALA A 35 -13.25 6.28 4.47
N ALA A 36 -12.56 7.39 4.25
CA ALA A 36 -12.50 8.00 2.93
C ALA A 36 -12.48 6.93 1.83
N LEU A 37 -11.60 5.95 1.99
CA LEU A 37 -11.48 4.86 1.02
C LEU A 37 -12.74 4.00 1.01
N ARG A 38 -13.40 3.95 -0.14
CA ARG A 38 -14.62 3.16 -0.28
C ARG A 38 -14.44 2.06 -1.33
N PHE A 39 -13.54 2.31 -2.28
CA PHE A 39 -13.27 1.34 -3.33
C PHE A 39 -12.05 0.49 -3.00
N PRO A 40 -12.30 -0.75 -2.55
CA PRO A 40 -11.23 -1.68 -2.19
C PRO A 40 -10.45 -2.18 -3.41
N CYS A 41 -9.34 -2.87 -3.16
CA CYS A 41 -8.51 -3.38 -4.23
C CYS A 41 -8.64 -4.90 -4.33
N GLU A 42 -9.29 -5.37 -5.40
CA GLU A 42 -9.49 -6.79 -5.61
C GLU A 42 -8.16 -7.50 -5.82
N PHE A 43 -7.13 -6.72 -6.11
CA PHE A 43 -5.80 -7.28 -6.34
C PHE A 43 -5.13 -7.66 -5.02
N CYS A 44 -5.00 -6.67 -4.12
CA CYS A 44 -4.37 -6.90 -2.83
C CYS A 44 -5.40 -6.77 -1.71
N GLY A 45 -6.34 -5.84 -1.87
CA GLY A 45 -7.36 -5.63 -0.87
C GLY A 45 -7.36 -4.19 -0.34
N LYS A 46 -6.39 -3.41 -0.77
CA LYS A 46 -6.28 -2.01 -0.34
C LYS A 46 -7.60 -1.28 -0.57
N ARG A 47 -7.61 0.01 -0.22
CA ARG A 47 -8.82 0.82 -0.38
C ARG A 47 -8.45 2.25 -0.78
N PHE A 48 -9.23 2.82 -1.68
CA PHE A 48 -8.99 4.19 -2.15
C PHE A 48 -10.26 5.02 -2.06
N GLU A 49 -10.09 6.34 -2.01
CA GLU A 49 -11.23 7.26 -1.92
C GLU A 49 -12.03 7.25 -3.23
N LYS A 50 -11.45 6.66 -4.27
CA LYS A 50 -12.09 6.60 -5.57
C LYS A 50 -11.48 5.50 -6.43
N PRO A 51 -12.20 5.10 -7.49
CA PRO A 51 -11.75 4.06 -8.42
C PRO A 51 -10.57 4.53 -9.27
N ASP A 52 -10.65 5.75 -9.76
CA ASP A 52 -9.60 6.32 -10.60
C ASP A 52 -8.22 6.03 -10.00
N SER A 53 -8.15 6.00 -8.67
CA SER A 53 -6.89 5.73 -7.99
C SER A 53 -6.65 4.24 -7.85
N VAL A 54 -7.74 3.48 -7.78
CA VAL A 54 -7.65 2.02 -7.64
C VAL A 54 -7.16 1.38 -8.94
N ALA A 55 -7.46 2.03 -10.06
CA ALA A 55 -7.06 1.53 -11.36
C ALA A 55 -5.57 1.78 -11.61
N ALA A 56 -5.11 2.97 -11.23
CA ALA A 56 -3.71 3.34 -11.43
C ALA A 56 -2.82 2.58 -10.45
N HIS A 57 -3.28 2.42 -9.22
CA HIS A 57 -2.53 1.71 -8.20
C HIS A 57 -2.08 0.34 -8.70
N ARG A 58 -2.94 -0.31 -9.46
CA ARG A 58 -2.64 -1.63 -10.01
C ARG A 58 -1.51 -1.55 -11.05
N SER A 59 -1.28 -0.34 -11.56
CA SER A 59 -0.25 -0.12 -12.56
C SER A 59 1.06 0.29 -11.91
N LYS A 60 1.03 0.46 -10.59
CA LYS A 60 2.22 0.85 -9.83
C LYS A 60 2.59 -0.23 -8.81
N SER A 61 1.59 -0.90 -8.27
CA SER A 61 1.81 -1.94 -7.29
C SER A 61 1.50 -3.31 -7.87
N HIS A 62 0.59 -3.34 -8.84
CA HIS A 62 0.20 -4.60 -9.49
C HIS A 62 0.55 -4.57 -10.97
N PRO A 63 1.60 -3.82 -11.32
CA PRO A 63 2.05 -3.69 -12.72
C PRO A 63 2.66 -4.99 -13.25
N ALA A 64 2.82 -5.97 -12.37
CA ALA A 64 3.39 -7.26 -12.76
C ALA A 64 2.29 -8.26 -13.09
N LEU A 65 1.07 -7.95 -12.69
CA LEU A 65 -0.08 -8.82 -12.95
C LEU A 65 -0.82 -8.38 -14.20
N LEU A 66 -1.25 -7.12 -14.21
CA LEU A 66 -1.98 -6.58 -15.35
C LEU A 66 -1.41 -7.10 -16.67
N LEU A 67 -0.09 -7.11 -16.77
CA LEU A 67 0.58 -7.59 -17.98
C LEU A 67 0.13 -9.00 -18.33
N ALA A 68 0.34 -9.40 -19.57
CA ALA A 68 -0.03 -10.73 -20.03
C ALA A 68 0.96 -11.78 -19.54
N PRO A 69 0.43 -12.86 -18.95
CA PRO A 69 1.25 -13.95 -18.42
C PRO A 69 1.91 -14.76 -19.54
N GLN A 70 2.98 -15.47 -19.19
CA GLN A 70 3.70 -16.29 -20.16
C GLN A 70 3.35 -17.77 -20.01
N GLU A 71 3.52 -18.53 -21.07
CA GLU A 71 3.23 -19.96 -21.06
C GLU A 71 4.49 -20.78 -21.26
N SER A 72 4.36 -22.10 -21.16
CA SER A 72 5.49 -23.01 -21.32
C SER A 72 5.32 -23.85 -22.58
N SER A 73 6.34 -24.63 -22.90
CA SER A 73 6.31 -25.49 -24.08
C SER A 73 5.17 -26.51 -23.99
N GLY A 74 4.66 -26.92 -25.14
CA GLY A 74 3.57 -27.88 -25.17
C GLY A 74 2.21 -27.21 -25.17
N PRO A 75 1.18 -27.98 -25.54
CA PRO A 75 -0.20 -27.48 -25.59
C PRO A 75 -0.78 -27.22 -24.20
N SER A 76 0.01 -27.56 -23.17
CA SER A 76 -0.43 -27.36 -21.79
C SER A 76 -1.27 -26.10 -21.66
N SER A 77 -0.84 -25.03 -22.32
CA SER A 77 -1.55 -23.76 -22.27
C SER A 77 -2.21 -23.45 -23.61
N GLY A 78 -3.52 -23.25 -23.59
CA GLY A 78 -4.24 -22.95 -24.81
C GLY A 78 -3.49 -21.98 -25.71
ZN ZN B . 0.72 5.74 8.51
ZN ZN C . -3.67 -3.49 -4.86
N GLY A 1 28.31 7.63 1.33
CA GLY A 1 28.69 6.49 2.16
C GLY A 1 28.02 6.52 3.52
N SER A 2 27.13 5.57 3.76
CA SER A 2 26.41 5.49 5.03
C SER A 2 26.24 4.04 5.48
N SER A 3 26.92 3.67 6.56
CA SER A 3 26.84 2.31 7.08
C SER A 3 25.43 1.75 6.95
N GLY A 4 24.44 2.58 7.25
CA GLY A 4 23.06 2.17 7.16
C GLY A 4 22.11 3.09 7.90
N SER A 5 21.13 3.64 7.19
CA SER A 5 20.17 4.54 7.79
C SER A 5 19.08 3.77 8.53
N SER A 6 18.20 4.50 9.19
CA SER A 6 17.10 3.88 9.94
C SER A 6 15.85 4.76 9.90
N GLY A 7 14.75 4.22 10.41
CA GLY A 7 13.50 4.97 10.43
C GLY A 7 12.29 4.08 10.19
N LEU A 8 11.20 4.39 10.88
CA LEU A 8 9.97 3.62 10.75
C LEU A 8 9.23 4.01 9.47
N GLN A 9 8.64 3.01 8.81
CA GLN A 9 7.89 3.24 7.57
C GLN A 9 6.46 2.75 7.71
N CYS A 10 5.51 3.66 7.52
CA CYS A 10 4.09 3.32 7.61
C CYS A 10 3.66 2.43 6.45
N GLU A 11 2.70 1.55 6.70
CA GLU A 11 2.20 0.65 5.66
C GLU A 11 0.91 1.19 5.05
N ILE A 12 0.13 1.91 5.85
CA ILE A 12 -1.12 2.48 5.39
C ILE A 12 -0.91 3.37 4.17
N CYS A 13 -0.27 4.51 4.38
CA CYS A 13 0.00 5.45 3.29
C CYS A 13 1.43 5.29 2.79
N GLY A 14 2.37 5.15 3.72
CA GLY A 14 3.77 4.99 3.35
C GLY A 14 4.64 6.09 3.93
N PHE A 15 4.19 6.68 5.03
CA PHE A 15 4.94 7.75 5.68
C PHE A 15 6.19 7.20 6.36
N THR A 16 7.00 8.11 6.91
CA THR A 16 8.23 7.71 7.60
C THR A 16 8.45 8.54 8.86
N CYS A 17 8.79 7.85 9.95
CA CYS A 17 9.03 8.52 11.23
C CYS A 17 10.09 7.78 12.04
N ARG A 18 10.99 8.54 12.65
CA ARG A 18 12.06 7.97 13.45
C ARG A 18 11.52 7.36 14.73
N GLN A 19 10.80 8.17 15.51
CA GLN A 19 10.21 7.71 16.76
C GLN A 19 8.88 7.02 16.53
N LYS A 20 8.53 6.09 17.41
CA LYS A 20 7.27 5.37 17.30
C LYS A 20 6.10 6.24 17.71
N ALA A 21 6.20 6.86 18.88
CA ALA A 21 5.15 7.72 19.39
C ALA A 21 4.54 8.56 18.27
N SER A 22 5.40 9.23 17.51
CA SER A 22 4.96 10.07 16.40
C SER A 22 4.23 9.25 15.34
N LEU A 23 4.85 8.15 14.93
CA LEU A 23 4.26 7.27 13.92
C LEU A 23 2.87 6.82 14.35
N ASN A 24 2.73 6.46 15.62
CA ASN A 24 1.45 6.01 16.14
C ASN A 24 0.36 7.05 15.90
N TRP A 25 0.57 8.26 16.40
CA TRP A 25 -0.39 9.33 16.24
C TRP A 25 -0.69 9.57 14.77
N HIS A 26 0.24 9.17 13.90
CA HIS A 26 0.06 9.34 12.46
C HIS A 26 -0.78 8.20 11.89
N GLN A 27 -0.88 7.11 12.64
CA GLN A 27 -1.65 5.95 12.19
C GLN A 27 -3.11 6.06 12.63
N ARG A 28 -3.32 6.43 13.89
CA ARG A 28 -4.66 6.58 14.44
C ARG A 28 -5.57 7.29 13.45
N LYS A 29 -5.03 8.31 12.78
CA LYS A 29 -5.79 9.08 11.80
C LYS A 29 -6.29 8.18 10.68
N HIS A 30 -5.46 7.24 10.26
CA HIS A 30 -5.81 6.32 9.19
C HIS A 30 -7.12 5.60 9.50
N ALA A 31 -7.37 5.38 10.79
CA ALA A 31 -8.59 4.70 11.22
C ALA A 31 -9.82 5.56 10.94
N GLU A 32 -9.66 6.86 10.99
CA GLU A 32 -10.75 7.80 10.75
C GLU A 32 -10.84 8.13 9.26
N THR A 33 -9.71 8.10 8.58
CA THR A 33 -9.66 8.41 7.15
C THR A 33 -10.35 7.32 6.33
N VAL A 34 -10.40 6.11 6.88
CA VAL A 34 -11.03 4.99 6.21
C VAL A 34 -12.38 5.39 5.61
N ALA A 35 -13.05 6.33 6.27
CA ALA A 35 -14.35 6.80 5.81
C ALA A 35 -14.29 7.25 4.35
N ALA A 36 -13.39 8.19 4.07
CA ALA A 36 -13.22 8.70 2.72
C ALA A 36 -13.18 7.57 1.70
N LEU A 37 -12.17 6.71 1.82
CA LEU A 37 -12.00 5.59 0.92
C LEU A 37 -13.24 4.70 0.91
N ARG A 38 -13.88 4.59 -0.26
CA ARG A 38 -15.08 3.77 -0.40
C ARG A 38 -14.85 2.63 -1.38
N PHE A 39 -13.90 2.83 -2.29
CA PHE A 39 -13.59 1.81 -3.30
C PHE A 39 -12.37 0.99 -2.87
N PRO A 40 -12.63 -0.23 -2.36
CA PRO A 40 -11.57 -1.14 -1.91
C PRO A 40 -10.74 -1.68 -3.07
N CYS A 41 -9.61 -2.31 -2.75
CA CYS A 41 -8.74 -2.87 -3.75
C CYS A 41 -8.87 -4.40 -3.81
N GLU A 42 -9.50 -4.90 -4.87
CA GLU A 42 -9.70 -6.33 -5.04
C GLU A 42 -8.37 -7.04 -5.24
N PHE A 43 -7.28 -6.26 -5.26
CA PHE A 43 -5.95 -6.82 -5.45
C PHE A 43 -5.29 -7.12 -4.11
N CYS A 44 -5.19 -6.10 -3.26
CA CYS A 44 -4.58 -6.25 -1.95
C CYS A 44 -5.62 -6.04 -0.84
N GLY A 45 -6.60 -5.20 -1.11
CA GLY A 45 -7.64 -4.93 -0.13
C GLY A 45 -7.67 -3.47 0.29
N LYS A 46 -6.70 -2.69 -0.18
CA LYS A 46 -6.62 -1.29 0.15
C LYS A 46 -7.94 -0.58 -0.14
N ARG A 47 -7.98 0.73 0.12
CA ARG A 47 -9.18 1.51 -0.11
C ARG A 47 -8.84 2.93 -0.57
N PHE A 48 -9.57 3.42 -1.56
CA PHE A 48 -9.34 4.76 -2.08
C PHE A 48 -10.62 5.58 -2.07
N GLU A 49 -10.47 6.91 -2.09
CA GLU A 49 -11.62 7.81 -2.07
C GLU A 49 -12.36 7.77 -3.42
N LYS A 50 -11.75 7.10 -4.40
CA LYS A 50 -12.35 6.98 -5.71
C LYS A 50 -11.69 5.86 -6.51
N PRO A 51 -12.37 5.41 -7.58
CA PRO A 51 -11.87 4.34 -8.45
C PRO A 51 -10.66 4.78 -9.27
N ASP A 52 -10.74 5.98 -9.85
CA ASP A 52 -9.66 6.50 -10.66
C ASP A 52 -8.31 6.24 -10.01
N SER A 53 -8.28 6.28 -8.68
CA SER A 53 -7.06 6.06 -7.93
C SER A 53 -6.80 4.56 -7.73
N VAL A 54 -7.89 3.79 -7.63
CA VAL A 54 -7.79 2.36 -7.44
C VAL A 54 -7.27 1.67 -8.70
N ALA A 55 -7.55 2.26 -9.85
CA ALA A 55 -7.12 1.72 -11.13
C ALA A 55 -5.63 1.97 -11.36
N ALA A 56 -5.18 3.16 -10.98
CA ALA A 56 -3.78 3.54 -11.14
C ALA A 56 -2.90 2.84 -10.11
N HIS A 57 -3.43 2.70 -8.90
CA HIS A 57 -2.69 2.05 -7.82
C HIS A 57 -2.22 0.67 -8.25
N ARG A 58 -3.03 -0.02 -9.05
CA ARG A 58 -2.70 -1.35 -9.52
C ARG A 58 -1.51 -1.30 -10.48
N SER A 59 -1.28 -0.13 -11.07
CA SER A 59 -0.18 0.04 -12.01
C SER A 59 1.08 0.53 -11.29
N LYS A 60 0.94 0.83 -10.00
CA LYS A 60 2.06 1.31 -9.21
C LYS A 60 2.39 0.33 -8.07
N SER A 61 1.38 -0.42 -7.65
CA SER A 61 1.55 -1.39 -6.58
C SER A 61 1.32 -2.81 -7.08
N HIS A 62 0.47 -2.94 -8.10
CA HIS A 62 0.16 -4.25 -8.67
C HIS A 62 0.59 -4.31 -10.14
N PRO A 63 1.64 -3.54 -10.49
CA PRO A 63 2.15 -3.49 -11.85
C PRO A 63 2.85 -4.78 -12.25
N ALA A 64 2.97 -5.71 -11.30
CA ALA A 64 3.62 -7.00 -11.56
C ALA A 64 2.58 -8.08 -11.80
N LEU A 65 1.35 -7.83 -11.36
CA LEU A 65 0.27 -8.80 -11.53
C LEU A 65 -0.45 -8.58 -12.86
N LEU A 66 -0.92 -7.35 -13.07
CA LEU A 66 -1.63 -7.02 -14.31
C LEU A 66 -1.00 -7.70 -15.51
N LEU A 67 0.32 -7.54 -15.64
CA LEU A 67 1.06 -8.15 -16.75
C LEU A 67 0.87 -9.66 -16.76
N ALA A 68 1.45 -10.31 -17.77
CA ALA A 68 1.36 -11.76 -17.89
C ALA A 68 2.54 -12.45 -17.23
N PRO A 69 2.27 -13.16 -16.13
CA PRO A 69 3.30 -13.88 -15.37
C PRO A 69 3.84 -15.08 -16.13
N GLN A 70 5.15 -15.27 -16.07
CA GLN A 70 5.80 -16.39 -16.76
C GLN A 70 5.35 -17.72 -16.16
N GLU A 71 5.51 -18.79 -16.94
CA GLU A 71 5.12 -20.12 -16.50
C GLU A 71 5.80 -20.47 -15.18
N SER A 72 5.05 -20.42 -14.09
CA SER A 72 5.58 -20.73 -12.77
C SER A 72 4.84 -21.91 -12.14
N SER A 73 5.58 -22.75 -11.42
CA SER A 73 4.99 -23.91 -10.78
C SER A 73 4.58 -23.59 -9.35
N GLY A 74 3.29 -23.64 -9.07
CA GLY A 74 2.79 -23.36 -7.74
C GLY A 74 1.79 -22.22 -7.72
N PRO A 75 1.17 -21.99 -6.55
CA PRO A 75 0.18 -20.92 -6.38
C PRO A 75 0.79 -19.53 -6.43
N SER A 76 0.91 -18.99 -7.64
CA SER A 76 1.50 -17.67 -7.84
C SER A 76 0.43 -16.58 -7.70
N SER A 77 -0.61 -16.68 -8.51
CA SER A 77 -1.70 -15.70 -8.47
C SER A 77 -3.06 -16.40 -8.44
N GLY A 78 -3.81 -16.16 -7.38
CA GLY A 78 -5.12 -16.78 -7.24
C GLY A 78 -6.22 -15.75 -7.10
ZN ZN B . 0.53 6.44 7.17
ZN ZN C . -3.90 -2.94 -4.25
N GLY A 1 28.99 7.92 -0.42
CA GLY A 1 27.78 7.36 -0.99
C GLY A 1 26.65 8.36 -1.04
N SER A 2 25.99 8.45 -2.19
CA SER A 2 24.88 9.38 -2.37
C SER A 2 23.61 8.85 -1.73
N SER A 3 23.34 7.57 -1.95
CA SER A 3 22.15 6.93 -1.39
C SER A 3 22.40 6.48 0.03
N GLY A 4 21.43 6.75 0.91
CA GLY A 4 21.56 6.36 2.30
C GLY A 4 20.40 6.84 3.15
N SER A 5 19.32 6.06 3.15
CA SER A 5 18.12 6.42 3.92
C SER A 5 17.43 5.17 4.44
N SER A 6 17.00 5.22 5.70
CA SER A 6 16.32 4.09 6.33
C SER A 6 15.26 4.57 7.32
N GLY A 7 14.00 4.23 7.04
CA GLY A 7 12.92 4.63 7.91
C GLY A 7 11.57 4.07 7.46
N LEU A 8 10.64 3.98 8.40
CA LEU A 8 9.31 3.45 8.10
C LEU A 8 8.52 4.43 7.25
N GLN A 9 7.68 3.89 6.37
CA GLN A 9 6.87 4.72 5.50
C GLN A 9 5.42 4.24 5.48
N CYS A 10 4.49 5.17 5.68
CA CYS A 10 3.07 4.84 5.69
C CYS A 10 2.54 4.66 4.27
N GLU A 11 1.50 3.85 4.13
CA GLU A 11 0.89 3.59 2.84
C GLU A 11 -0.38 4.41 2.64
N ILE A 12 -1.12 4.60 3.74
CA ILE A 12 -2.35 5.37 3.69
C ILE A 12 -2.15 6.69 2.95
N CYS A 13 -1.27 7.53 3.47
CA CYS A 13 -0.99 8.82 2.86
C CYS A 13 0.38 8.82 2.19
N GLY A 14 1.35 8.18 2.85
CA GLY A 14 2.69 8.11 2.30
C GLY A 14 3.69 8.89 3.13
N PHE A 15 3.53 8.83 4.45
CA PHE A 15 4.43 9.55 5.36
C PHE A 15 5.63 8.67 5.74
N THR A 16 6.53 9.23 6.53
CA THR A 16 7.72 8.51 6.96
C THR A 16 8.13 8.92 8.38
N CYS A 17 8.40 7.93 9.21
CA CYS A 17 8.80 8.18 10.60
C CYS A 17 9.92 7.24 11.02
N ARG A 18 10.82 7.73 11.86
CA ARG A 18 11.94 6.94 12.35
C ARG A 18 11.48 5.93 13.39
N GLN A 19 10.89 6.44 14.47
CA GLN A 19 10.41 5.58 15.56
C GLN A 19 9.13 4.85 15.14
N LYS A 20 9.08 3.55 15.42
CA LYS A 20 7.93 2.74 15.08
C LYS A 20 6.68 3.23 15.80
N ALA A 21 6.76 3.34 17.12
CA ALA A 21 5.64 3.82 17.92
C ALA A 21 4.99 5.04 17.29
N SER A 22 5.81 6.05 16.99
CA SER A 22 5.31 7.28 16.39
C SER A 22 4.44 6.98 15.17
N LEU A 23 4.89 6.06 14.34
CA LEU A 23 4.15 5.68 13.14
C LEU A 23 2.76 5.17 13.50
N ASN A 24 2.69 4.30 14.50
CA ASN A 24 1.42 3.73 14.95
C ASN A 24 0.43 4.84 15.29
N TRP A 25 0.84 5.75 16.16
CA TRP A 25 -0.02 6.86 16.57
C TRP A 25 -0.54 7.62 15.35
N HIS A 26 0.23 7.59 14.26
CA HIS A 26 -0.16 8.27 13.04
C HIS A 26 -1.06 7.39 12.19
N GLN A 27 -1.09 6.10 12.50
CA GLN A 27 -1.91 5.15 11.76
C GLN A 27 -3.28 4.99 12.42
N ARG A 28 -3.30 4.98 13.74
CA ARG A 28 -4.56 4.83 14.48
C ARG A 28 -5.59 5.84 14.00
N LYS A 29 -5.13 7.04 13.64
CA LYS A 29 -6.00 8.09 13.16
C LYS A 29 -6.52 7.78 11.75
N HIS A 30 -5.64 7.19 10.93
CA HIS A 30 -6.01 6.84 9.56
C HIS A 30 -7.25 5.94 9.54
N ALA A 31 -7.29 4.97 10.46
CA ALA A 31 -8.42 4.06 10.55
C ALA A 31 -9.74 4.81 10.49
N GLU A 32 -9.74 6.04 10.96
CA GLU A 32 -10.94 6.86 10.97
C GLU A 32 -11.14 7.55 9.62
N THR A 33 -10.05 8.03 9.05
CA THR A 33 -10.10 8.71 7.75
C THR A 33 -10.76 7.83 6.70
N VAL A 34 -10.60 6.52 6.85
CA VAL A 34 -11.18 5.56 5.90
C VAL A 34 -12.52 6.06 5.37
N ALA A 35 -13.24 6.80 6.21
CA ALA A 35 -14.54 7.34 5.82
C ALA A 35 -14.51 7.87 4.40
N ALA A 36 -13.55 8.75 4.11
CA ALA A 36 -13.41 9.33 2.78
C ALA A 36 -13.40 8.24 1.71
N LEU A 37 -12.33 7.47 1.67
CA LEU A 37 -12.20 6.39 0.69
C LEU A 37 -13.40 5.46 0.74
N ARG A 38 -13.96 5.16 -0.43
CA ARG A 38 -15.12 4.28 -0.52
C ARG A 38 -14.77 3.02 -1.31
N PHE A 39 -13.87 3.16 -2.28
CA PHE A 39 -13.46 2.03 -3.10
C PHE A 39 -12.15 1.43 -2.60
N PRO A 40 -12.26 0.30 -1.89
CA PRO A 40 -11.09 -0.40 -1.34
C PRO A 40 -10.23 -1.04 -2.42
N CYS A 41 -9.07 -1.57 -2.02
CA CYS A 41 -8.15 -2.20 -2.96
C CYS A 41 -8.19 -3.72 -2.81
N GLU A 42 -8.80 -4.39 -3.78
CA GLU A 42 -8.90 -5.85 -3.75
C GLU A 42 -7.53 -6.49 -3.93
N PHE A 43 -6.50 -5.66 -4.07
CA PHE A 43 -5.14 -6.14 -4.25
C PHE A 43 -4.42 -6.25 -2.91
N CYS A 44 -4.43 -5.16 -2.17
CA CYS A 44 -3.77 -5.11 -0.86
C CYS A 44 -4.78 -4.85 0.25
N GLY A 45 -5.76 -3.99 -0.04
CA GLY A 45 -6.78 -3.66 0.94
C GLY A 45 -6.95 -2.16 1.11
N LYS A 46 -6.05 -1.39 0.52
CA LYS A 46 -6.11 0.06 0.61
C LYS A 46 -7.49 0.58 0.22
N ARG A 47 -7.64 1.89 0.21
CA ARG A 47 -8.92 2.52 -0.15
C ARG A 47 -8.70 3.87 -0.82
N PHE A 48 -9.61 4.24 -1.71
CA PHE A 48 -9.51 5.50 -2.43
C PHE A 48 -10.88 6.18 -2.53
N GLU A 49 -10.88 7.50 -2.62
CA GLU A 49 -12.12 8.27 -2.73
C GLU A 49 -12.91 7.85 -3.97
N LYS A 50 -12.20 7.36 -4.97
CA LYS A 50 -12.82 6.93 -6.22
C LYS A 50 -12.09 5.74 -6.82
N PRO A 51 -12.75 5.05 -7.77
CA PRO A 51 -12.17 3.88 -8.44
C PRO A 51 -11.03 4.26 -9.38
N ASP A 52 -11.22 5.33 -10.14
CA ASP A 52 -10.21 5.79 -11.08
C ASP A 52 -8.83 5.76 -10.43
N SER A 53 -8.76 6.09 -9.15
CA SER A 53 -7.50 6.10 -8.42
C SER A 53 -7.13 4.70 -7.96
N VAL A 54 -8.13 3.86 -7.72
CA VAL A 54 -7.90 2.49 -7.28
C VAL A 54 -7.33 1.64 -8.41
N ALA A 55 -7.76 1.91 -9.64
CA ALA A 55 -7.29 1.18 -10.80
C ALA A 55 -5.84 1.55 -11.12
N ALA A 56 -5.51 2.82 -10.97
CA ALA A 56 -4.16 3.31 -11.25
C ALA A 56 -3.18 2.83 -10.18
N HIS A 57 -3.63 2.81 -8.93
CA HIS A 57 -2.80 2.37 -7.83
C HIS A 57 -2.29 0.95 -8.05
N ARG A 58 -3.12 0.12 -8.68
CA ARG A 58 -2.77 -1.26 -8.95
C ARG A 58 -1.79 -1.36 -10.12
N SER A 59 -1.73 -0.30 -10.92
CA SER A 59 -0.83 -0.25 -12.07
C SER A 59 0.50 0.39 -11.69
N LYS A 60 0.55 1.00 -10.51
CA LYS A 60 1.77 1.65 -10.04
C LYS A 60 2.27 1.00 -8.75
N SER A 61 1.36 0.35 -8.04
CA SER A 61 1.71 -0.32 -6.79
C SER A 61 1.58 -1.84 -6.92
N HIS A 62 0.68 -2.28 -7.79
CA HIS A 62 0.46 -3.69 -8.02
C HIS A 62 0.77 -4.07 -9.46
N PRO A 63 1.68 -3.31 -10.09
CA PRO A 63 2.09 -3.54 -11.48
C PRO A 63 2.89 -4.83 -11.64
N ALA A 64 3.25 -5.45 -10.53
CA ALA A 64 4.01 -6.69 -10.55
C ALA A 64 3.09 -7.90 -10.48
N LEU A 65 1.84 -7.67 -10.11
CA LEU A 65 0.86 -8.75 -10.00
C LEU A 65 0.08 -8.90 -11.30
N LEU A 66 -0.39 -7.79 -11.85
CA LEU A 66 -1.16 -7.81 -13.09
C LEU A 66 -0.46 -8.66 -14.14
N LEU A 67 0.85 -8.49 -14.28
CA LEU A 67 1.63 -9.25 -15.25
C LEU A 67 1.64 -10.74 -14.89
N ALA A 68 1.81 -11.58 -15.90
CA ALA A 68 1.84 -13.03 -15.69
C ALA A 68 3.17 -13.45 -15.06
N PRO A 69 3.17 -14.65 -14.45
CA PRO A 69 4.36 -15.20 -13.80
C PRO A 69 5.43 -15.60 -14.81
N GLN A 70 6.60 -15.98 -14.29
CA GLN A 70 7.72 -16.39 -15.15
C GLN A 70 7.79 -17.91 -15.27
N GLU A 71 8.51 -18.39 -16.28
CA GLU A 71 8.65 -19.82 -16.50
C GLU A 71 9.64 -20.43 -15.51
N SER A 72 9.11 -21.16 -14.54
CA SER A 72 9.95 -21.80 -13.53
C SER A 72 9.27 -23.04 -12.96
N SER A 73 9.97 -23.76 -12.09
CA SER A 73 9.44 -24.96 -11.48
C SER A 73 8.26 -24.63 -10.57
N GLY A 74 7.32 -25.57 -10.46
CA GLY A 74 6.15 -25.36 -9.62
C GLY A 74 4.88 -25.24 -10.43
N PRO A 75 3.74 -25.25 -9.74
CA PRO A 75 2.42 -25.15 -10.38
C PRO A 75 2.17 -23.77 -10.97
N SER A 76 0.91 -23.49 -11.30
CA SER A 76 0.53 -22.20 -11.87
C SER A 76 0.42 -21.14 -10.78
N SER A 77 -0.21 -21.50 -9.67
CA SER A 77 -0.40 -20.59 -8.56
C SER A 77 0.83 -20.59 -7.65
N GLY A 78 1.18 -21.76 -7.13
CA GLY A 78 2.33 -21.88 -6.25
C GLY A 78 2.04 -21.33 -4.87
ZN ZN B . -0.21 8.07 6.78
ZN ZN C . -3.30 -2.03 -3.46
N GLY A 1 31.32 0.39 9.67
CA GLY A 1 30.25 0.96 8.88
C GLY A 1 29.53 2.10 9.60
N SER A 2 28.23 2.21 9.37
CA SER A 2 27.43 3.26 10.00
C SER A 2 26.73 2.74 11.25
N SER A 3 26.06 3.63 11.96
CA SER A 3 25.34 3.27 13.18
C SER A 3 23.84 3.29 12.96
N GLY A 4 23.13 2.34 13.57
CA GLY A 4 21.69 2.29 13.43
C GLY A 4 20.99 2.19 14.76
N SER A 5 19.67 2.42 14.76
CA SER A 5 18.88 2.37 15.98
C SER A 5 17.45 1.94 15.69
N SER A 6 16.79 1.38 16.69
CA SER A 6 15.42 0.91 16.53
C SER A 6 14.50 2.06 16.12
N GLY A 7 13.48 1.74 15.33
CA GLY A 7 12.54 2.76 14.88
C GLY A 7 11.15 2.19 14.63
N LEU A 8 10.13 2.97 14.98
CA LEU A 8 8.75 2.55 14.79
C LEU A 8 8.38 2.54 13.31
N GLN A 9 7.52 1.60 12.94
CA GLN A 9 7.08 1.48 11.55
C GLN A 9 5.58 1.24 11.47
N CYS A 10 4.86 2.18 10.85
CA CYS A 10 3.42 2.07 10.71
C CYS A 10 3.05 0.94 9.75
N GLU A 11 1.89 0.31 10.01
CA GLU A 11 1.43 -0.79 9.17
C GLU A 11 0.38 -0.30 8.18
N ILE A 12 -0.41 0.69 8.59
CA ILE A 12 -1.46 1.24 7.74
C ILE A 12 -0.92 1.56 6.35
N CYS A 13 0.07 2.44 6.30
CA CYS A 13 0.68 2.83 5.03
C CYS A 13 2.08 2.23 4.88
N GLY A 14 2.81 2.18 5.99
CA GLY A 14 4.15 1.62 5.96
C GLY A 14 5.22 2.68 6.19
N PHE A 15 4.93 3.64 7.07
CA PHE A 15 5.86 4.71 7.37
C PHE A 15 6.75 4.33 8.55
N THR A 16 7.73 5.19 8.85
CA THR A 16 8.65 4.94 9.95
C THR A 16 8.97 6.24 10.70
N CYS A 17 8.89 6.19 12.02
CA CYS A 17 9.17 7.36 12.85
C CYS A 17 9.99 6.97 14.07
N ARG A 18 10.70 7.94 14.63
CA ARG A 18 11.52 7.70 15.82
C ARG A 18 10.73 7.97 17.09
N GLN A 19 10.19 9.18 17.19
CA GLN A 19 9.42 9.57 18.37
C GLN A 19 8.01 8.97 18.31
N LYS A 20 7.62 8.28 19.37
CA LYS A 20 6.30 7.66 19.44
C LYS A 20 5.22 8.65 19.01
N ALA A 21 5.27 9.86 19.57
CA ALA A 21 4.29 10.89 19.25
C ALA A 21 4.06 10.97 17.75
N SER A 22 5.13 11.13 16.98
CA SER A 22 5.04 11.21 15.54
C SER A 22 4.07 10.18 14.99
N LEU A 23 4.18 8.95 15.49
CA LEU A 23 3.33 7.86 15.06
C LEU A 23 1.86 8.16 15.38
N ASN A 24 1.62 8.68 16.57
CA ASN A 24 0.27 9.00 17.00
C ASN A 24 -0.32 10.11 16.12
N TRP A 25 0.46 11.13 15.84
CA TRP A 25 0.02 12.24 15.01
C TRP A 25 -0.06 11.83 13.55
N HIS A 26 0.72 10.81 13.18
CA HIS A 26 0.73 10.32 11.81
C HIS A 26 -0.35 9.27 11.60
N GLN A 27 -0.77 8.63 12.68
CA GLN A 27 -1.79 7.59 12.61
C GLN A 27 -3.18 8.19 12.78
N ARG A 28 -3.31 9.13 13.72
CA ARG A 28 -4.59 9.78 13.97
C ARG A 28 -5.33 10.08 12.66
N LYS A 29 -4.58 10.43 11.63
CA LYS A 29 -5.15 10.74 10.33
C LYS A 29 -5.66 9.47 9.65
N HIS A 30 -4.91 8.38 9.80
CA HIS A 30 -5.28 7.11 9.20
C HIS A 30 -6.70 6.71 9.61
N ALA A 31 -7.07 7.04 10.84
CA ALA A 31 -8.39 6.71 11.34
C ALA A 31 -9.48 7.32 10.46
N GLU A 32 -9.26 8.56 10.04
CA GLU A 32 -10.23 9.25 9.19
C GLU A 32 -10.06 8.85 7.72
N THR A 33 -8.82 8.56 7.33
CA THR A 33 -8.52 8.16 5.97
C THR A 33 -9.17 6.82 5.63
N VAL A 34 -8.89 5.81 6.44
CA VAL A 34 -9.44 4.48 6.24
C VAL A 34 -10.92 4.56 5.85
N ALA A 35 -11.65 5.44 6.52
CA ALA A 35 -13.07 5.62 6.24
C ALA A 35 -13.30 6.11 4.81
N ALA A 36 -12.64 7.21 4.47
CA ALA A 36 -12.77 7.79 3.13
C ALA A 36 -12.66 6.71 2.05
N LEU A 37 -11.80 5.72 2.30
CA LEU A 37 -11.61 4.63 1.35
C LEU A 37 -12.79 3.67 1.38
N ARG A 38 -13.51 3.60 0.26
CA ARG A 38 -14.67 2.72 0.15
C ARG A 38 -14.45 1.67 -0.93
N PHE A 39 -13.54 1.95 -1.85
CA PHE A 39 -13.24 1.04 -2.95
C PHE A 39 -11.96 0.27 -2.67
N PRO A 40 -12.11 -0.98 -2.22
CA PRO A 40 -10.97 -1.85 -1.91
C PRO A 40 -10.22 -2.29 -3.16
N CYS A 41 -9.03 -2.86 -2.97
CA CYS A 41 -8.22 -3.32 -4.09
C CYS A 41 -8.31 -4.85 -4.23
N GLU A 42 -8.96 -5.29 -5.29
CA GLU A 42 -9.13 -6.72 -5.54
C GLU A 42 -7.80 -7.36 -5.90
N PHE A 43 -6.74 -6.55 -5.92
CA PHE A 43 -5.41 -7.05 -6.24
C PHE A 43 -4.63 -7.39 -4.97
N CYS A 44 -4.54 -6.43 -4.06
CA CYS A 44 -3.83 -6.63 -2.80
C CYS A 44 -4.78 -6.53 -1.61
N GLY A 45 -5.77 -5.65 -1.73
CA GLY A 45 -6.73 -5.47 -0.66
C GLY A 45 -6.80 -4.03 -0.17
N LYS A 46 -5.90 -3.20 -0.68
CA LYS A 46 -5.86 -1.79 -0.30
C LYS A 46 -7.23 -1.14 -0.45
N ARG A 47 -7.32 0.14 -0.12
CA ARG A 47 -8.58 0.88 -0.23
C ARG A 47 -8.33 2.33 -0.65
N PHE A 48 -9.17 2.82 -1.55
CA PHE A 48 -9.04 4.20 -2.03
C PHE A 48 -10.35 4.95 -1.90
N GLU A 49 -10.25 6.25 -1.65
CA GLU A 49 -11.45 7.09 -1.49
C GLU A 49 -12.29 7.08 -2.76
N LYS A 50 -11.72 6.53 -3.84
CA LYS A 50 -12.43 6.45 -5.11
C LYS A 50 -11.79 5.41 -6.03
N PRO A 51 -12.55 4.98 -7.05
CA PRO A 51 -12.07 3.98 -8.01
C PRO A 51 -10.98 4.52 -8.92
N ASP A 52 -11.16 5.74 -9.38
CA ASP A 52 -10.18 6.38 -10.27
C ASP A 52 -8.76 6.13 -9.77
N SER A 53 -8.60 6.12 -8.45
CA SER A 53 -7.29 5.90 -7.85
C SER A 53 -6.97 4.41 -7.77
N VAL A 54 -8.01 3.59 -7.66
CA VAL A 54 -7.84 2.14 -7.58
C VAL A 54 -7.44 1.57 -8.93
N ALA A 55 -7.81 2.26 -10.01
CA ALA A 55 -7.49 1.81 -11.36
C ALA A 55 -6.02 2.09 -11.68
N ALA A 56 -5.55 3.26 -11.26
CA ALA A 56 -4.16 3.66 -11.51
C ALA A 56 -3.20 2.92 -10.58
N HIS A 57 -3.65 2.67 -9.35
CA HIS A 57 -2.84 1.97 -8.37
C HIS A 57 -2.39 0.61 -8.90
N ARG A 58 -3.29 -0.06 -9.61
CA ARG A 58 -2.98 -1.37 -10.16
C ARG A 58 -2.00 -1.26 -11.33
N SER A 59 -1.92 -0.07 -11.90
CA SER A 59 -1.02 0.18 -13.03
C SER A 59 0.33 0.69 -12.54
N LYS A 60 0.42 0.97 -11.25
CA LYS A 60 1.66 1.47 -10.66
C LYS A 60 2.18 0.50 -9.60
N SER A 61 1.28 -0.26 -9.00
CA SER A 61 1.66 -1.22 -7.98
C SER A 61 1.41 -2.65 -8.46
N HIS A 62 0.41 -2.82 -9.33
CA HIS A 62 0.08 -4.13 -9.87
C HIS A 62 0.27 -4.15 -11.38
N PRO A 63 1.21 -3.35 -11.88
CA PRO A 63 1.51 -3.26 -13.31
C PRO A 63 2.16 -4.53 -13.86
N ALA A 64 2.55 -5.42 -12.95
CA ALA A 64 3.18 -6.68 -13.33
C ALA A 64 2.16 -7.80 -13.45
N LEU A 65 0.94 -7.53 -12.98
CA LEU A 65 -0.13 -8.52 -13.02
C LEU A 65 -1.00 -8.33 -14.25
N LEU A 66 -1.53 -7.12 -14.41
CA LEU A 66 -2.39 -6.80 -15.55
C LEU A 66 -1.86 -7.46 -16.83
N LEU A 67 -0.56 -7.36 -17.04
CA LEU A 67 0.08 -7.95 -18.22
C LEU A 67 -0.04 -9.47 -18.20
N ALA A 68 -0.06 -10.08 -19.38
CA ALA A 68 -0.16 -11.52 -19.50
C ALA A 68 1.04 -12.22 -18.88
N PRO A 69 0.82 -13.44 -18.38
CA PRO A 69 1.88 -14.24 -17.75
C PRO A 69 2.91 -14.72 -18.76
N GLN A 70 4.14 -14.95 -18.28
CA GLN A 70 5.21 -15.41 -19.13
C GLN A 70 5.83 -16.70 -18.60
N GLU A 71 5.64 -17.80 -19.33
CA GLU A 71 6.17 -19.09 -18.93
C GLU A 71 7.53 -19.35 -19.57
N SER A 72 8.46 -19.90 -18.80
CA SER A 72 9.79 -20.19 -19.29
C SER A 72 10.42 -21.35 -18.50
N SER A 73 11.10 -22.24 -19.22
CA SER A 73 11.74 -23.40 -18.59
C SER A 73 12.93 -22.95 -17.75
N GLY A 74 12.95 -23.40 -16.49
CA GLY A 74 14.03 -23.03 -15.60
C GLY A 74 14.18 -24.01 -14.44
N PRO A 75 14.28 -23.47 -13.22
CA PRO A 75 14.43 -24.28 -12.00
C PRO A 75 13.16 -25.05 -11.67
N SER A 76 13.03 -26.25 -12.22
CA SER A 76 11.87 -27.09 -11.97
C SER A 76 12.10 -28.04 -10.81
N SER A 77 13.23 -28.75 -10.86
CA SER A 77 13.58 -29.70 -9.81
C SER A 77 14.25 -28.99 -8.64
N GLY A 78 13.63 -29.09 -7.46
CA GLY A 78 14.18 -28.45 -6.28
C GLY A 78 14.34 -29.42 -5.13
ZN ZN B . 1.01 5.28 8.31
ZN ZN C . -3.39 -3.15 -4.90
N GLY A 1 28.29 -0.09 3.74
CA GLY A 1 27.84 -0.58 5.03
C GLY A 1 26.60 -1.46 4.92
N SER A 2 25.45 -0.82 4.79
CA SER A 2 24.19 -1.55 4.68
C SER A 2 23.37 -1.05 3.50
N SER A 3 22.58 -1.94 2.91
CA SER A 3 21.75 -1.59 1.76
C SER A 3 20.35 -1.17 2.21
N GLY A 4 19.85 -0.09 1.60
CA GLY A 4 18.53 0.40 1.96
C GLY A 4 18.59 1.73 2.69
N SER A 5 17.59 2.57 2.46
CA SER A 5 17.53 3.88 3.11
C SER A 5 16.83 3.79 4.46
N SER A 6 16.97 4.84 5.26
CA SER A 6 16.35 4.89 6.58
C SER A 6 15.03 5.66 6.54
N GLY A 7 14.19 5.43 7.54
CA GLY A 7 12.90 6.11 7.60
C GLY A 7 11.74 5.18 7.33
N LEU A 8 10.72 5.25 8.17
CA LEU A 8 9.54 4.40 8.03
C LEU A 8 8.71 4.83 6.82
N GLN A 9 7.79 3.97 6.39
CA GLN A 9 6.94 4.27 5.26
C GLN A 9 5.55 3.67 5.46
N CYS A 10 4.57 4.53 5.66
CA CYS A 10 3.19 4.09 5.87
C CYS A 10 2.64 3.41 4.61
N GLU A 11 1.74 2.47 4.80
CA GLU A 11 1.13 1.74 3.68
C GLU A 11 -0.24 2.32 3.34
N ILE A 12 -0.92 2.84 4.36
CA ILE A 12 -2.26 3.42 4.16
C ILE A 12 -2.23 4.50 3.09
N CYS A 13 -1.52 5.59 3.37
CA CYS A 13 -1.41 6.71 2.44
C CYS A 13 -0.07 6.69 1.71
N GLY A 14 0.99 6.32 2.45
CA GLY A 14 2.31 6.27 1.86
C GLY A 14 3.24 7.31 2.45
N PHE A 15 2.99 7.69 3.70
CA PHE A 15 3.82 8.69 4.37
C PHE A 15 5.14 8.08 4.83
N THR A 16 6.01 8.92 5.37
CA THR A 16 7.32 8.47 5.85
C THR A 16 7.72 9.20 7.12
N CYS A 17 8.20 8.45 8.10
CA CYS A 17 8.62 9.03 9.38
C CYS A 17 9.73 8.18 10.01
N ARG A 18 10.68 8.86 10.66
CA ARG A 18 11.79 8.18 11.31
C ARG A 18 11.36 7.61 12.66
N GLN A 19 10.75 8.45 13.49
CA GLN A 19 10.30 8.02 14.80
C GLN A 19 9.09 7.10 14.69
N LYS A 20 9.17 5.94 15.33
CA LYS A 20 8.09 4.97 15.30
C LYS A 20 6.83 5.54 15.97
N ALA A 21 6.96 5.91 17.23
CA ALA A 21 5.84 6.47 17.98
C ALA A 21 4.99 7.38 17.10
N SER A 22 5.65 8.27 16.36
CA SER A 22 4.95 9.19 15.48
C SER A 22 4.11 8.44 14.46
N LEU A 23 4.71 7.43 13.83
CA LEU A 23 4.01 6.63 12.83
C LEU A 23 2.70 6.09 13.39
N ASN A 24 2.77 5.44 14.55
CA ASN A 24 1.58 4.87 15.19
C ASN A 24 0.51 5.95 15.38
N TRP A 25 0.95 7.15 15.72
CA TRP A 25 0.02 8.26 15.94
C TRP A 25 -0.58 8.74 14.61
N HIS A 26 0.15 8.52 13.53
CA HIS A 26 -0.31 8.93 12.21
C HIS A 26 -1.13 7.81 11.55
N GLN A 27 -1.02 6.60 12.10
CA GLN A 27 -1.75 5.46 11.57
C GLN A 27 -3.10 5.30 12.26
N ARG A 28 -3.08 5.41 13.58
CA ARG A 28 -4.31 5.29 14.37
C ARG A 28 -5.43 6.13 13.78
N LYS A 29 -5.05 7.26 13.18
CA LYS A 29 -6.03 8.16 12.57
C LYS A 29 -6.66 7.52 11.34
N HIS A 30 -5.85 6.82 10.56
CA HIS A 30 -6.33 6.16 9.35
C HIS A 30 -7.54 5.28 9.66
N ALA A 31 -7.48 4.54 10.74
CA ALA A 31 -8.58 3.67 11.15
C ALA A 31 -9.92 4.38 11.01
N GLU A 32 -9.95 5.64 11.42
CA GLU A 32 -11.18 6.43 11.35
C GLU A 32 -11.43 6.92 9.92
N THR A 33 -10.36 7.33 9.25
CA THR A 33 -10.46 7.82 7.88
C THR A 33 -11.03 6.75 6.95
N VAL A 34 -10.92 5.49 7.37
CA VAL A 34 -11.43 4.37 6.57
C VAL A 34 -12.74 4.75 5.89
N ALA A 35 -13.49 5.65 6.50
CA ALA A 35 -14.76 6.09 5.95
C ALA A 35 -14.57 6.72 4.57
N ALA A 36 -13.78 7.79 4.51
CA ALA A 36 -13.52 8.48 3.26
C ALA A 36 -13.41 7.50 2.10
N LEU A 37 -12.43 6.60 2.19
CA LEU A 37 -12.23 5.60 1.14
C LEU A 37 -13.52 4.85 0.85
N ARG A 38 -13.96 4.89 -0.41
CA ARG A 38 -15.18 4.22 -0.82
C ARG A 38 -14.88 3.16 -1.88
N PHE A 39 -13.78 3.34 -2.60
CA PHE A 39 -13.39 2.39 -3.64
C PHE A 39 -12.31 1.45 -3.13
N PRO A 40 -12.72 0.21 -2.80
CA PRO A 40 -11.81 -0.82 -2.30
C PRO A 40 -10.86 -1.33 -3.37
N CYS A 41 -9.87 -2.11 -2.95
CA CYS A 41 -8.89 -2.66 -3.88
C CYS A 41 -9.15 -4.13 -4.13
N GLU A 42 -9.59 -4.44 -5.35
CA GLU A 42 -9.87 -5.83 -5.74
C GLU A 42 -8.59 -6.65 -5.84
N PHE A 43 -7.46 -6.01 -5.54
CA PHE A 43 -6.17 -6.68 -5.60
C PHE A 43 -5.74 -7.16 -4.21
N CYS A 44 -5.75 -6.25 -3.25
CA CYS A 44 -5.36 -6.58 -1.88
C CYS A 44 -6.53 -6.37 -0.92
N GLY A 45 -7.40 -5.43 -1.26
CA GLY A 45 -8.55 -5.14 -0.42
C GLY A 45 -8.52 -3.74 0.15
N LYS A 46 -7.44 -3.01 -0.14
CA LYS A 46 -7.28 -1.64 0.34
C LYS A 46 -8.51 -0.80 -0.01
N ARG A 47 -8.48 0.48 0.36
CA ARG A 47 -9.58 1.38 0.07
C ARG A 47 -9.07 2.80 -0.18
N PHE A 48 -9.65 3.46 -1.17
CA PHE A 48 -9.25 4.83 -1.52
C PHE A 48 -10.46 5.74 -1.60
N GLU A 49 -10.23 7.05 -1.51
CA GLU A 49 -11.30 8.03 -1.58
C GLU A 49 -11.82 8.17 -3.01
N LYS A 50 -11.07 7.60 -3.96
CA LYS A 50 -11.45 7.67 -5.37
C LYS A 50 -10.79 6.55 -6.16
N PRO A 51 -11.33 6.27 -7.36
CA PRO A 51 -10.81 5.22 -8.24
C PRO A 51 -9.44 5.58 -8.81
N ASP A 52 -9.27 6.84 -9.19
CA ASP A 52 -8.01 7.30 -9.77
C ASP A 52 -6.83 6.85 -8.91
N SER A 53 -7.02 6.85 -7.59
CA SER A 53 -5.98 6.46 -6.67
C SER A 53 -5.88 4.94 -6.57
N VAL A 54 -7.00 4.27 -6.79
CA VAL A 54 -7.05 2.82 -6.73
C VAL A 54 -6.37 2.19 -7.95
N ALA A 55 -6.52 2.84 -9.11
CA ALA A 55 -5.92 2.36 -10.34
C ALA A 55 -4.40 2.56 -10.33
N ALA A 56 -3.96 3.67 -9.74
CA ALA A 56 -2.54 3.97 -9.67
C ALA A 56 -1.86 3.10 -8.62
N HIS A 57 -2.54 2.87 -7.51
CA HIS A 57 -2.00 2.06 -6.42
C HIS A 57 -1.59 0.68 -6.93
N ARG A 58 -2.35 0.15 -7.88
CA ARG A 58 -2.08 -1.15 -8.46
C ARG A 58 -0.78 -1.13 -9.27
N SER A 59 -0.40 0.06 -9.72
CA SER A 59 0.81 0.22 -10.51
C SER A 59 2.00 0.56 -9.62
N LYS A 60 1.74 0.75 -8.34
CA LYS A 60 2.78 1.08 -7.38
C LYS A 60 2.91 -0.01 -6.31
N SER A 61 1.81 -0.73 -6.09
CA SER A 61 1.80 -1.81 -5.10
C SER A 61 1.53 -3.15 -5.75
N HIS A 62 0.80 -3.14 -6.86
CA HIS A 62 0.47 -4.37 -7.58
C HIS A 62 1.05 -4.33 -8.99
N PRO A 63 2.18 -3.61 -9.16
CA PRO A 63 2.85 -3.48 -10.44
C PRO A 63 3.50 -4.79 -10.89
N ALA A 64 3.49 -5.78 -10.01
CA ALA A 64 4.08 -7.08 -10.31
C ALA A 64 3.01 -8.07 -10.77
N LEU A 65 1.76 -7.78 -10.44
CA LEU A 65 0.65 -8.65 -10.82
C LEU A 65 0.11 -8.27 -12.20
N LEU A 66 -0.05 -6.98 -12.44
CA LEU A 66 -0.54 -6.50 -13.73
C LEU A 66 0.09 -7.27 -14.88
N LEU A 67 1.41 -7.45 -14.81
CA LEU A 67 2.14 -8.17 -15.85
C LEU A 67 1.59 -9.58 -16.02
N ALA A 68 2.15 -10.31 -16.97
CA ALA A 68 1.71 -11.68 -17.24
C ALA A 68 2.47 -12.68 -16.37
N PRO A 69 1.76 -13.27 -15.40
CA PRO A 69 2.35 -14.25 -14.48
C PRO A 69 2.68 -15.58 -15.17
N GLN A 70 3.97 -15.84 -15.36
CA GLN A 70 4.42 -17.06 -16.01
C GLN A 70 4.64 -18.17 -15.00
N GLU A 71 3.93 -19.28 -15.18
CA GLU A 71 4.03 -20.41 -14.27
C GLU A 71 3.41 -21.67 -14.88
N SER A 72 3.68 -22.81 -14.28
CA SER A 72 3.15 -24.08 -14.76
C SER A 72 1.98 -24.54 -13.89
N SER A 73 0.86 -24.85 -14.53
CA SER A 73 -0.33 -25.30 -13.82
C SER A 73 -1.11 -26.32 -14.65
N GLY A 74 -1.97 -27.09 -13.98
CA GLY A 74 -2.75 -28.09 -14.67
C GLY A 74 -4.22 -28.05 -14.29
N PRO A 75 -5.04 -27.44 -15.14
CA PRO A 75 -6.48 -27.31 -14.91
C PRO A 75 -7.21 -28.66 -15.02
N SER A 76 -8.51 -28.63 -14.76
CA SER A 76 -9.32 -29.85 -14.83
C SER A 76 -9.79 -30.11 -16.26
N SER A 77 -10.54 -29.17 -16.81
CA SER A 77 -11.06 -29.30 -18.16
C SER A 77 -11.22 -27.93 -18.83
N GLY A 78 -11.30 -27.92 -20.15
CA GLY A 78 -11.44 -26.67 -20.88
C GLY A 78 -10.11 -26.09 -21.31
ZN ZN B . -0.45 7.09 6.36
ZN ZN C . -4.03 -3.19 -3.57
N GLY A 1 30.39 9.14 11.55
CA GLY A 1 30.22 8.08 10.58
C GLY A 1 29.45 6.90 11.15
N SER A 2 28.18 7.12 11.43
CA SER A 2 27.33 6.07 11.98
C SER A 2 25.91 6.19 11.46
N SER A 3 25.38 5.09 10.92
CA SER A 3 24.02 5.07 10.38
C SER A 3 23.32 3.76 10.70
N GLY A 4 22.02 3.85 10.97
CA GLY A 4 21.25 2.66 11.30
C GLY A 4 19.80 2.97 11.56
N SER A 5 19.11 3.48 10.54
CA SER A 5 17.70 3.83 10.67
C SER A 5 16.82 2.77 10.01
N SER A 6 16.11 2.00 10.81
CA SER A 6 15.23 0.95 10.32
C SER A 6 13.87 1.51 9.95
N GLY A 7 13.43 1.24 8.72
CA GLY A 7 12.14 1.73 8.27
C GLY A 7 11.00 1.21 9.10
N LEU A 8 9.98 2.04 9.30
CA LEU A 8 8.81 1.66 10.09
C LEU A 8 7.84 0.82 9.27
N GLN A 9 7.03 0.03 9.95
CA GLN A 9 6.06 -0.83 9.29
C GLN A 9 4.70 -0.74 9.97
N CYS A 10 3.72 -0.19 9.27
CA CYS A 10 2.38 -0.04 9.81
C CYS A 10 1.71 -1.40 9.99
N GLU A 11 0.83 -1.50 10.98
CA GLU A 11 0.12 -2.75 11.25
C GLU A 11 -1.28 -2.73 10.66
N ILE A 12 -1.90 -1.56 10.67
CA ILE A 12 -3.24 -1.40 10.14
C ILE A 12 -3.38 -2.07 8.77
N CYS A 13 -2.61 -1.58 7.80
CA CYS A 13 -2.64 -2.14 6.46
C CYS A 13 -1.34 -2.86 6.13
N GLY A 14 -0.22 -2.31 6.62
CA GLY A 14 1.07 -2.92 6.38
C GLY A 14 1.98 -2.04 5.56
N PHE A 15 1.85 -0.73 5.72
CA PHE A 15 2.67 0.23 4.99
C PHE A 15 4.05 0.36 5.63
N THR A 16 4.91 1.15 4.99
CA THR A 16 6.26 1.36 5.49
C THR A 16 6.75 2.77 5.19
N CYS A 17 7.34 3.42 6.18
CA CYS A 17 7.84 4.77 6.02
C CYS A 17 9.28 4.88 6.53
N ARG A 18 9.92 6.01 6.24
CA ARG A 18 11.30 6.24 6.66
C ARG A 18 11.34 7.09 7.93
N GLN A 19 10.69 8.24 7.87
CA GLN A 19 10.65 9.15 9.02
C GLN A 19 9.46 8.83 9.92
N LYS A 20 9.69 8.91 11.23
CA LYS A 20 8.64 8.64 12.21
C LYS A 20 7.37 9.43 11.87
N ALA A 21 7.52 10.75 11.75
CA ALA A 21 6.39 11.61 11.43
C ALA A 21 5.59 11.07 10.26
N SER A 22 6.29 10.69 9.19
CA SER A 22 5.64 10.15 8.00
C SER A 22 4.56 9.14 8.39
N LEU A 23 4.97 8.06 9.03
CA LEU A 23 4.04 7.02 9.45
C LEU A 23 2.78 7.63 10.05
N ASN A 24 2.93 8.35 11.15
CA ASN A 24 1.81 8.99 11.82
C ASN A 24 0.89 9.66 10.81
N TRP A 25 1.48 10.35 9.83
CA TRP A 25 0.72 11.03 8.80
C TRP A 25 -0.10 10.04 7.97
N HIS A 26 0.41 8.84 7.83
CA HIS A 26 -0.27 7.79 7.07
C HIS A 26 -1.30 7.07 7.95
N GLN A 27 -0.86 6.65 9.13
CA GLN A 27 -1.74 5.94 10.06
C GLN A 27 -2.99 6.76 10.36
N ARG A 28 -2.79 8.04 10.70
CA ARG A 28 -3.90 8.92 11.02
C ARG A 28 -5.04 8.76 10.02
N LYS A 29 -4.68 8.46 8.77
CA LYS A 29 -5.68 8.27 7.72
C LYS A 29 -6.61 7.10 8.06
N HIS A 30 -6.03 6.04 8.58
CA HIS A 30 -6.80 4.85 8.96
C HIS A 30 -7.95 5.22 9.89
N ALA A 31 -7.63 6.00 10.92
CA ALA A 31 -8.63 6.43 11.89
C ALA A 31 -9.52 7.54 11.32
N GLU A 32 -8.88 8.60 10.84
CA GLU A 32 -9.60 9.73 10.26
C GLU A 32 -10.56 9.26 9.18
N THR A 33 -10.15 8.24 8.44
CA THR A 33 -10.97 7.70 7.37
C THR A 33 -11.11 6.19 7.48
N VAL A 34 -12.25 5.73 7.98
CA VAL A 34 -12.50 4.30 8.13
C VAL A 34 -13.69 3.86 7.29
N ALA A 35 -14.65 4.76 7.11
CA ALA A 35 -15.84 4.46 6.33
C ALA A 35 -15.83 5.21 5.00
N ALA A 36 -15.36 6.46 5.04
CA ALA A 36 -15.29 7.28 3.84
C ALA A 36 -14.89 6.46 2.62
N LEU A 37 -14.16 5.38 2.86
CA LEU A 37 -13.71 4.51 1.78
C LEU A 37 -14.90 3.96 1.00
N ARG A 38 -15.05 4.41 -0.24
CA ARG A 38 -16.14 3.96 -1.09
C ARG A 38 -15.62 3.24 -2.33
N PHE A 39 -14.36 3.51 -2.68
CA PHE A 39 -13.74 2.88 -3.83
C PHE A 39 -12.82 1.74 -3.41
N PRO A 40 -13.32 0.50 -3.57
CA PRO A 40 -12.56 -0.70 -3.21
C PRO A 40 -11.38 -0.94 -4.15
N CYS A 41 -10.49 -1.85 -3.75
CA CYS A 41 -9.32 -2.17 -4.55
C CYS A 41 -9.51 -3.49 -5.29
N GLU A 42 -9.70 -3.41 -6.61
CA GLU A 42 -9.90 -4.60 -7.42
C GLU A 42 -8.63 -5.45 -7.46
N PHE A 43 -7.59 -4.97 -6.80
CA PHE A 43 -6.31 -5.69 -6.76
C PHE A 43 -6.24 -6.61 -5.55
N CYS A 44 -6.50 -6.05 -4.37
CA CYS A 44 -6.46 -6.81 -3.13
C CYS A 44 -7.82 -6.82 -2.46
N GLY A 45 -8.54 -5.70 -2.55
CA GLY A 45 -9.86 -5.61 -1.94
C GLY A 45 -9.97 -4.42 -1.00
N LYS A 46 -8.86 -3.74 -0.78
CA LYS A 46 -8.84 -2.58 0.11
C LYS A 46 -9.92 -1.58 -0.28
N ARG A 47 -9.99 -0.48 0.45
CA ARG A 47 -10.97 0.56 0.19
C ARG A 47 -10.41 1.94 0.49
N PHE A 48 -10.57 2.86 -0.45
CA PHE A 48 -10.07 4.23 -0.29
C PHE A 48 -11.21 5.23 -0.38
N GLU A 49 -11.01 6.40 0.24
CA GLU A 49 -12.03 7.44 0.23
C GLU A 49 -12.21 8.01 -1.18
N LYS A 50 -11.22 7.81 -2.03
CA LYS A 50 -11.27 8.30 -3.41
C LYS A 50 -10.48 7.38 -4.33
N PRO A 51 -10.77 7.48 -5.64
CA PRO A 51 -10.09 6.66 -6.66
C PRO A 51 -8.63 7.06 -6.85
N ASP A 52 -8.38 8.36 -6.87
CA ASP A 52 -7.02 8.88 -7.05
C ASP A 52 -6.04 8.13 -6.15
N SER A 53 -6.49 7.80 -4.95
CA SER A 53 -5.66 7.08 -3.99
C SER A 53 -5.61 5.59 -4.30
N VAL A 54 -6.69 5.09 -4.90
CA VAL A 54 -6.77 3.68 -5.26
C VAL A 54 -5.83 3.34 -6.41
N ALA A 55 -5.65 4.31 -7.31
CA ALA A 55 -4.78 4.13 -8.46
C ALA A 55 -3.31 4.17 -8.05
N ALA A 56 -2.98 5.08 -7.14
CA ALA A 56 -1.60 5.21 -6.66
C ALA A 56 -1.20 4.02 -5.79
N HIS A 57 -2.15 3.56 -4.98
CA HIS A 57 -1.89 2.43 -4.09
C HIS A 57 -1.47 1.20 -4.88
N ARG A 58 -2.00 1.07 -6.09
CA ARG A 58 -1.67 -0.06 -6.96
C ARG A 58 -0.27 0.07 -7.53
N SER A 59 0.24 1.30 -7.53
CA SER A 59 1.58 1.57 -8.05
C SER A 59 2.63 1.51 -6.94
N LYS A 60 2.16 1.34 -5.71
CA LYS A 60 3.05 1.27 -4.55
C LYS A 60 2.92 -0.09 -3.86
N SER A 61 1.71 -0.63 -3.85
CA SER A 61 1.46 -1.92 -3.22
C SER A 61 1.27 -3.01 -4.27
N HIS A 62 0.80 -2.62 -5.44
CA HIS A 62 0.57 -3.56 -6.53
C HIS A 62 1.44 -3.23 -7.73
N PRO A 63 2.61 -2.63 -7.47
CA PRO A 63 3.56 -2.24 -8.52
C PRO A 63 4.21 -3.45 -9.18
N ALA A 64 4.05 -4.62 -8.57
CA ALA A 64 4.63 -5.85 -9.10
C ALA A 64 3.62 -6.58 -9.97
N LEU A 65 2.36 -6.19 -9.88
CA LEU A 65 1.29 -6.82 -10.66
C LEU A 65 1.09 -6.08 -11.98
N LEU A 66 0.95 -4.77 -11.91
CA LEU A 66 0.74 -3.95 -13.10
C LEU A 66 1.72 -4.34 -14.20
N LEU A 67 2.96 -4.58 -13.82
CA LEU A 67 4.00 -4.97 -14.78
C LEU A 67 3.90 -6.46 -15.11
N ALA A 68 4.70 -6.90 -16.07
CA ALA A 68 4.71 -8.29 -16.48
C ALA A 68 5.08 -9.20 -15.32
N PRO A 69 4.22 -10.20 -15.05
CA PRO A 69 4.44 -11.15 -13.96
C PRO A 69 5.60 -12.11 -14.26
N GLN A 70 6.58 -12.15 -13.35
CA GLN A 70 7.74 -13.01 -13.51
C GLN A 70 7.74 -14.11 -12.45
N GLU A 71 7.58 -15.35 -12.89
CA GLU A 71 7.57 -16.50 -11.99
C GLU A 71 8.16 -17.74 -12.66
N SER A 72 9.36 -18.11 -12.25
CA SER A 72 10.03 -19.27 -12.81
C SER A 72 9.84 -20.50 -11.93
N SER A 73 10.22 -20.38 -10.66
CA SER A 73 10.09 -21.47 -9.71
C SER A 73 8.64 -21.92 -9.60
N GLY A 74 7.78 -21.04 -9.09
CA GLY A 74 6.38 -21.37 -8.95
C GLY A 74 5.46 -20.31 -9.55
N PRO A 75 4.37 -20.75 -10.17
CA PRO A 75 3.39 -19.85 -10.80
C PRO A 75 2.60 -19.06 -9.77
N SER A 76 2.64 -19.51 -8.53
CA SER A 76 1.91 -18.83 -7.46
C SER A 76 2.73 -18.86 -6.16
N SER A 77 3.33 -17.71 -5.83
CA SER A 77 4.14 -17.61 -4.63
C SER A 77 3.26 -17.40 -3.39
N GLY A 78 2.26 -16.52 -3.53
CA GLY A 78 1.37 -16.24 -2.42
C GLY A 78 0.86 -14.81 -2.43
ZN ZN B . -1.32 1.59 7.20
ZN ZN C . -4.68 -3.13 -3.33
#